data_6EMH
#
_entry.id   6EMH
#
_cell.length_a   88.560
_cell.length_b   114.260
_cell.length_c   157.800
_cell.angle_alpha   90.00
_cell.angle_beta   90.00
_cell.angle_gamma   90.00
#
_symmetry.space_group_name_H-M   'P 21 21 21'
#
loop_
_entity.id
_entity.type
_entity.pdbx_description
1 polymer 'Mitogen-activated protein kinase 10'
2 non-polymer BETA-MERCAPTOETHANOL
3 non-polymer 'CHLORIDE ION'
4 non-polymer 4-(4-methyl-1~{H}-imidazol-5-yl)-~{N}-(4-morpholin-4-ylphenyl)pyridin-2-amine
5 non-polymer 1,2-ETHANEDIOL
6 non-polymer N-DODECYL-N,N-DIMETHYL-3-AMMONIO-1-PROPANESULFONATE
7 non-polymer DI(HYDROXYETHYL)ETHER
8 non-polymer GLYCEROL
9 water water
#
_entity_poly.entity_id   1
_entity_poly.type   'polypeptide(L)'
_entity_poly.pdbx_seq_one_letter_code
;GGSMSKSKVDNQFYSVEVGDSTFTVLKRYQNLKPIGSGAQGIVCAAYDAVLDRNVAIKKLSRPFQNQTHAKRAYRELVLM
KCVNHKNIISLLNVFTPQKTLEEFQDVYLVMELMDANLCQVIQMELDHERMSYLLYQMLCGIKHLHSAGIIHRDLKPSNI
VVKSDCTLKILDFGLARTAGTSFMMTPYVVTRYYRAPEVILGMGYKENVDIWSVGCIMGEMVRHKILFPGRDYIDQWNKV
IEQLGTPCPEFMKKLQPTVRNYVENRPKYAGLTFPKLFPDSLFPADSEHNKLKASQARDLLSKMLVIDPAKRISVDDALQ
HPYINVWYDPAEVEAPPPQIYDKQLDEREHTIEEWKELIYKEVMNSE
;
_entity_poly.pdbx_strand_id   A,B,C,D
#
# COMPACT_ATOMS: atom_id res chain seq x y z
N ASN A 11 28.86 -27.25 -1.60
CA ASN A 11 27.58 -26.64 -2.06
C ASN A 11 26.44 -27.67 -2.11
N GLN A 12 25.30 -27.31 -1.53
CA GLN A 12 24.16 -28.20 -1.44
C GLN A 12 23.32 -28.19 -2.73
N PHE A 13 23.59 -27.21 -3.60
CA PHE A 13 22.80 -26.94 -4.80
C PHE A 13 23.59 -27.05 -6.10
N TYR A 14 22.86 -27.14 -7.21
CA TYR A 14 23.44 -26.99 -8.55
C TYR A 14 22.41 -26.34 -9.46
N SER A 15 22.86 -25.73 -10.55
CA SER A 15 21.95 -25.05 -11.45
C SER A 15 21.86 -25.73 -12.79
N VAL A 16 20.68 -25.69 -13.38
CA VAL A 16 20.47 -26.25 -14.69
C VAL A 16 19.42 -25.44 -15.44
N GLU A 17 19.62 -25.25 -16.72
CA GLU A 17 18.62 -24.63 -17.55
C GLU A 17 17.67 -25.71 -17.99
N VAL A 18 16.38 -25.45 -17.78
CA VAL A 18 15.31 -26.35 -18.15
C VAL A 18 14.20 -25.53 -18.80
N GLY A 19 13.86 -25.86 -20.03
CA GLY A 19 12.75 -25.21 -20.71
C GLY A 19 12.92 -23.69 -20.75
N ASP A 20 14.15 -23.24 -21.00
CA ASP A 20 14.53 -21.83 -21.01
C ASP A 20 14.35 -21.07 -19.64
N SER A 21 14.36 -21.80 -18.49
CA SER A 21 14.49 -21.18 -17.13
C SER A 21 15.63 -21.81 -16.31
N THR A 22 16.23 -21.04 -15.40
CA THR A 22 17.26 -21.54 -14.49
C THR A 22 16.63 -22.19 -13.25
N PHE A 23 16.91 -23.47 -13.03
CA PHE A 23 16.55 -24.12 -11.78
C PHE A 23 17.78 -24.33 -10.94
N THR A 24 17.82 -23.74 -9.75
CA THR A 24 18.91 -24.00 -8.79
C THR A 24 18.34 -24.82 -7.66
N VAL A 25 18.75 -26.07 -7.57
CA VAL A 25 18.02 -27.02 -6.75
C VAL A 25 18.98 -27.85 -5.93
N LEU A 26 18.43 -28.44 -4.88
CA LEU A 26 19.21 -29.35 -4.03
C LEU A 26 19.68 -30.55 -4.87
N LYS A 27 20.89 -31.05 -4.60
CA LYS A 27 21.52 -32.12 -5.42
C LYS A 27 20.77 -33.43 -5.47
N ARG A 28 19.99 -33.68 -4.44
CA ARG A 28 19.09 -34.81 -4.44
C ARG A 28 18.16 -34.89 -5.68
N TYR A 29 17.83 -33.71 -6.26
CA TYR A 29 16.90 -33.65 -7.38
C TYR A 29 17.67 -33.71 -8.68
N GLN A 30 17.43 -34.76 -9.47
CA GLN A 30 18.31 -35.10 -10.58
C GLN A 30 17.51 -35.21 -11.86
N ASN A 31 18.17 -35.02 -13.00
CA ASN A 31 17.57 -35.33 -14.29
C ASN A 31 16.33 -34.46 -14.55
N LEU A 32 16.44 -33.15 -14.29
CA LEU A 32 15.28 -32.28 -14.42
C LEU A 32 14.79 -32.21 -15.86
N LYS A 33 13.48 -32.25 -16.04
CA LYS A 33 12.87 -32.31 -17.35
C LYS A 33 11.70 -31.35 -17.37
N PRO A 34 11.46 -30.65 -18.48
CA PRO A 34 10.29 -29.74 -18.53
C PRO A 34 8.96 -30.49 -18.46
N ILE A 35 7.98 -29.91 -17.78
CA ILE A 35 6.58 -30.39 -17.78
C ILE A 35 5.82 -29.38 -18.66
N ILE A 42 6.19 -22.36 -14.01
CA ILE A 42 7.56 -22.87 -14.30
C ILE A 42 7.84 -24.16 -13.50
N VAL A 43 7.64 -25.29 -14.13
CA VAL A 43 7.56 -26.60 -13.44
C VAL A 43 8.37 -27.64 -14.19
N CYS A 44 9.10 -28.43 -13.46
CA CYS A 44 9.92 -29.52 -13.98
CA CYS A 44 9.79 -29.54 -14.08
C CYS A 44 9.58 -30.84 -13.30
N ALA A 45 9.85 -31.94 -13.98
CA ALA A 45 9.88 -33.24 -13.37
C ALA A 45 11.34 -33.54 -12.99
N ALA A 46 11.51 -34.23 -11.86
CA ALA A 46 12.83 -34.64 -11.40
C ALA A 46 12.77 -35.98 -10.71
N TYR A 47 13.91 -36.61 -10.60
CA TYR A 47 14.06 -37.81 -9.77
C TYR A 47 14.67 -37.36 -8.47
N ASP A 48 14.04 -37.74 -7.38
CA ASP A 48 14.52 -37.45 -6.05
C ASP A 48 15.29 -38.70 -5.59
N ALA A 49 16.61 -38.57 -5.47
CA ALA A 49 17.47 -39.67 -5.04
C ALA A 49 17.31 -40.06 -3.58
N VAL A 50 16.93 -39.11 -2.71
CA VAL A 50 16.74 -39.39 -1.28
C VAL A 50 15.50 -40.26 -1.03
N LEU A 51 14.34 -39.87 -1.60
CA LEU A 51 13.11 -40.65 -1.49
C LEU A 51 13.00 -41.76 -2.53
N ASP A 52 13.88 -41.76 -3.54
CA ASP A 52 13.82 -42.73 -4.65
C ASP A 52 12.45 -42.71 -5.29
N ARG A 53 12.07 -41.53 -5.78
CA ARG A 53 10.83 -41.39 -6.52
C ARG A 53 10.86 -40.10 -7.31
N ASN A 54 10.01 -40.03 -8.32
CA ASN A 54 9.88 -38.82 -9.14
C ASN A 54 9.00 -37.76 -8.49
N VAL A 55 9.35 -36.51 -8.75
CA VAL A 55 8.70 -35.35 -8.16
C VAL A 55 8.50 -34.28 -9.23
N ALA A 56 7.61 -33.32 -8.93
CA ALA A 56 7.46 -32.10 -9.72
C ALA A 56 8.01 -30.97 -8.89
N ILE A 57 8.77 -30.06 -9.51
CA ILE A 57 9.36 -28.94 -8.80
C ILE A 57 8.86 -27.69 -9.49
N LYS A 58 8.22 -26.80 -8.72
CA LYS A 58 7.70 -25.54 -9.22
C LYS A 58 8.56 -24.41 -8.66
N LYS A 59 9.08 -23.57 -9.54
CA LYS A 59 9.84 -22.40 -9.12
C LYS A 59 8.91 -21.21 -9.08
N LEU A 60 8.79 -20.61 -7.90
CA LEU A 60 8.27 -19.26 -7.71
C LEU A 60 9.47 -18.25 -7.84
N SER A 61 9.53 -17.59 -8.99
CA SER A 61 10.65 -16.65 -9.26
C SER A 61 10.31 -15.24 -8.79
N ARG A 62 9.17 -14.73 -9.28
CA ARG A 62 8.72 -13.37 -9.08
C ARG A 62 7.58 -13.28 -8.04
N PRO A 63 7.68 -14.04 -6.91
CA PRO A 63 6.64 -13.94 -5.93
C PRO A 63 6.64 -12.56 -5.22
N PHE A 64 7.65 -11.70 -5.44
CA PHE A 64 7.69 -10.33 -4.85
C PHE A 64 7.71 -9.20 -5.86
N GLN A 65 7.33 -9.48 -7.10
CA GLN A 65 7.03 -8.41 -8.08
C GLN A 65 6.07 -7.38 -7.47
N ASN A 66 5.13 -7.85 -6.64
CA ASN A 66 4.15 -7.00 -6.01
C ASN A 66 3.42 -7.73 -4.85
N GLN A 67 2.54 -7.01 -4.16
CA GLN A 67 1.71 -7.58 -3.08
C GLN A 67 0.76 -8.71 -3.50
N THR A 68 0.22 -8.64 -4.72
CA THR A 68 -0.65 -9.70 -5.23
C THR A 68 0.14 -11.01 -5.39
N HIS A 69 1.30 -10.94 -6.05
CA HIS A 69 2.17 -12.09 -6.18
C HIS A 69 2.56 -12.67 -4.79
N ALA A 70 2.89 -11.79 -3.86
CA ALA A 70 3.36 -12.18 -2.53
C ALA A 70 2.29 -12.84 -1.71
N LYS A 71 1.10 -12.22 -1.68
CA LYS A 71 -0.06 -12.82 -1.03
C LYS A 71 -0.41 -14.21 -1.58
N ARG A 72 -0.48 -14.33 -2.91
CA ARG A 72 -0.73 -15.61 -3.58
C ARG A 72 0.30 -16.69 -3.17
N ALA A 73 1.58 -16.31 -3.17
CA ALA A 73 2.68 -17.23 -2.82
C ALA A 73 2.53 -17.72 -1.38
N TYR A 74 2.33 -16.78 -0.46
CA TYR A 74 2.20 -17.05 0.96
C TYR A 74 1.02 -17.93 1.22
N ARG A 75 -0.11 -17.56 0.61
CA ARG A 75 -1.32 -18.36 0.72
C ARG A 75 -1.14 -19.77 0.15
N GLU A 76 -0.51 -19.88 -1.03
CA GLU A 76 -0.25 -21.16 -1.69
C GLU A 76 0.60 -22.03 -0.75
N LEU A 77 1.64 -21.45 -0.19
CA LEU A 77 2.55 -22.17 0.70
C LEU A 77 1.87 -22.66 1.99
N VAL A 78 1.22 -21.74 2.70
CA VAL A 78 0.53 -22.06 3.95
C VAL A 78 -0.57 -23.13 3.78
N LEU A 79 -1.41 -22.98 2.75
CA LEU A 79 -2.47 -23.94 2.48
C LEU A 79 -1.96 -25.31 1.99
N MET A 80 -0.98 -25.34 1.09
CA MET A 80 -0.48 -26.62 0.63
CA MET A 80 -0.40 -26.61 0.60
C MET A 80 0.12 -27.43 1.78
N LYS A 81 0.68 -26.73 2.76
CA LYS A 81 1.22 -27.35 3.96
C LYS A 81 0.12 -27.89 4.84
N CYS A 82 -0.90 -27.08 5.12
CA CYS A 82 -1.93 -27.41 6.11
CA CYS A 82 -1.86 -27.48 6.15
C CYS A 82 -2.99 -28.40 5.66
N VAL A 83 -3.29 -28.41 4.37
CA VAL A 83 -4.29 -29.31 3.84
C VAL A 83 -3.64 -30.66 3.60
N ASN A 84 -4.35 -31.73 3.90
CA ASN A 84 -3.87 -33.09 3.74
C ASN A 84 -5.06 -33.90 3.25
N HIS A 85 -5.21 -33.98 1.94
CA HIS A 85 -6.35 -34.68 1.37
C HIS A 85 -5.87 -35.29 0.11
N LYS A 86 -6.31 -36.51 -0.18
CA LYS A 86 -5.77 -37.20 -1.36
C LYS A 86 -6.11 -36.63 -2.74
N ASN A 87 -7.13 -35.79 -2.79
CA ASN A 87 -7.49 -35.09 -3.97
C ASN A 87 -6.98 -33.64 -4.07
N ILE A 88 -6.05 -33.28 -3.21
CA ILE A 88 -5.44 -31.94 -3.26
C ILE A 88 -3.93 -32.14 -3.26
N ILE A 89 -3.23 -31.46 -4.18
CA ILE A 89 -1.78 -31.65 -4.29
C ILE A 89 -1.11 -31.33 -2.93
N SER A 90 -0.18 -32.15 -2.52
CA SER A 90 0.48 -31.97 -1.24
C SER A 90 1.95 -31.68 -1.46
N LEU A 91 2.53 -31.00 -0.52
CA LEU A 91 3.90 -30.56 -0.57
C LEU A 91 4.82 -31.62 0.06
N LEU A 92 5.86 -31.99 -0.66
CA LEU A 92 6.90 -32.86 -0.16
C LEU A 92 8.06 -32.09 0.42
N ASN A 93 8.37 -30.94 -0.17
CA ASN A 93 9.49 -30.13 0.30
C ASN A 93 9.34 -28.71 -0.23
N VAL A 94 9.95 -27.79 0.49
CA VAL A 94 10.08 -26.39 0.09
C VAL A 94 11.47 -25.93 0.40
N PHE A 95 12.12 -25.26 -0.55
CA PHE A 95 13.45 -24.74 -0.28
C PHE A 95 13.75 -23.48 -1.03
N THR A 96 14.82 -22.82 -0.58
CA THR A 96 15.42 -21.70 -1.30
C THR A 96 16.92 -21.89 -1.39
N PRO A 97 17.51 -21.58 -2.56
CA PRO A 97 18.97 -21.65 -2.63
C PRO A 97 19.66 -20.51 -1.88
N GLN A 98 18.94 -19.44 -1.58
CA GLN A 98 19.57 -18.29 -0.94
C GLN A 98 19.71 -18.51 0.57
N LYS A 99 20.75 -17.93 1.16
CA LYS A 99 21.18 -18.30 2.51
C LYS A 99 20.66 -17.35 3.60
N THR A 100 20.32 -16.12 3.24
CA THR A 100 19.83 -15.11 4.17
C THR A 100 18.50 -14.55 3.67
N LEU A 101 17.75 -13.92 4.58
CA LEU A 101 16.58 -13.10 4.22
C LEU A 101 16.96 -12.00 3.22
N GLU A 102 18.12 -11.40 3.42
CA GLU A 102 18.54 -10.26 2.60
C GLU A 102 18.75 -10.66 1.12
N GLU A 103 19.38 -11.82 0.89
CA GLU A 103 19.61 -12.34 -0.46
C GLU A 103 18.40 -13.12 -1.06
N PHE A 104 17.44 -13.49 -0.22
CA PHE A 104 16.28 -14.33 -0.58
C PHE A 104 15.55 -13.83 -1.80
N GLN A 105 15.34 -14.73 -2.75
CA GLN A 105 14.71 -14.41 -4.03
C GLN A 105 13.72 -15.46 -4.52
N ASP A 106 14.18 -16.71 -4.58
CA ASP A 106 13.40 -17.78 -5.21
C ASP A 106 12.89 -18.81 -4.22
N VAL A 107 11.73 -19.34 -4.52
CA VAL A 107 11.10 -20.36 -3.74
C VAL A 107 10.78 -21.53 -4.66
N TYR A 108 11.16 -22.72 -4.22
CA TYR A 108 10.93 -23.92 -4.96
C TYR A 108 9.99 -24.80 -4.17
N LEU A 109 8.93 -25.25 -4.83
CA LEU A 109 7.96 -26.19 -4.21
C LEU A 109 8.10 -27.54 -4.83
N VAL A 110 8.20 -28.56 -4.00
CA VAL A 110 8.39 -29.92 -4.47
C VAL A 110 7.15 -30.71 -4.08
N MET A 111 6.61 -31.40 -5.06
CA MET A 111 5.40 -32.18 -4.84
C MET A 111 5.43 -33.49 -5.58
N GLU A 112 4.44 -34.33 -5.29
CA GLU A 112 4.33 -35.60 -5.96
C GLU A 112 4.13 -35.41 -7.48
N LEU A 113 4.78 -36.25 -8.26
CA LEU A 113 4.72 -36.16 -9.73
C LEU A 113 3.53 -36.94 -10.28
N MET A 114 2.62 -36.27 -10.95
CA MET A 114 1.46 -36.90 -11.56
C MET A 114 1.80 -37.12 -13.04
N ASP A 115 0.90 -37.75 -13.79
CA ASP A 115 1.19 -38.21 -15.15
C ASP A 115 0.67 -37.34 -16.29
N ALA A 116 -0.35 -36.55 -16.01
CA ALA A 116 -1.00 -35.76 -17.03
C ALA A 116 -1.84 -34.66 -16.38
N ASN A 117 -2.14 -33.68 -17.21
CA ASN A 117 -2.97 -32.61 -16.86
C ASN A 117 -4.37 -32.98 -17.33
N LEU A 118 -5.38 -32.47 -16.66
CA LEU A 118 -6.75 -32.83 -17.01
C LEU A 118 -7.13 -32.41 -18.44
N CYS A 119 -6.50 -31.35 -18.95
CA CYS A 119 -6.67 -30.95 -20.35
C CYS A 119 -6.43 -32.06 -21.34
N GLN A 120 -5.39 -32.85 -21.12
CA GLN A 120 -5.11 -33.95 -22.02
C GLN A 120 -6.11 -35.13 -21.77
N VAL A 121 -6.53 -35.31 -20.54
CA VAL A 121 -7.49 -36.36 -20.17
C VAL A 121 -8.91 -36.09 -20.75
N ILE A 122 -9.30 -34.82 -20.80
CA ILE A 122 -10.57 -34.38 -21.43
C ILE A 122 -10.70 -34.79 -22.89
N GLN A 123 -9.58 -34.86 -23.59
CA GLN A 123 -9.52 -35.22 -25.00
C GLN A 123 -9.77 -36.71 -25.31
N MET A 124 -9.69 -37.58 -24.30
CA MET A 124 -9.92 -39.03 -24.47
C MET A 124 -11.39 -39.31 -24.70
N GLU A 125 -11.69 -40.39 -25.40
CA GLU A 125 -13.07 -40.83 -25.59
C GLU A 125 -13.73 -41.10 -24.26
N LEU A 126 -15.00 -40.68 -24.18
CA LEU A 126 -15.74 -40.71 -22.94
C LEU A 126 -15.90 -42.17 -22.47
N ASP A 127 -15.57 -42.36 -21.19
CA ASP A 127 -15.75 -43.65 -20.53
CA ASP A 127 -15.70 -43.67 -20.49
C ASP A 127 -16.41 -43.37 -19.18
N HIS A 128 -17.57 -44.01 -18.94
CA HIS A 128 -18.34 -43.63 -17.78
C HIS A 128 -17.65 -43.92 -16.45
N GLU A 129 -16.93 -45.04 -16.37
CA GLU A 129 -16.19 -45.38 -15.12
C GLU A 129 -15.15 -44.31 -14.82
N ARG A 130 -14.41 -43.90 -15.84
CA ARG A 130 -13.38 -42.88 -15.66
C ARG A 130 -13.97 -41.53 -15.42
N MET A 131 -14.98 -41.13 -16.18
CA MET A 131 -15.56 -39.77 -16.00
C MET A 131 -16.20 -39.64 -14.62
N SER A 132 -17.02 -40.63 -14.22
CA SER A 132 -17.64 -40.59 -12.90
C SER A 132 -16.59 -40.56 -11.79
N TYR A 133 -15.52 -41.29 -11.98
CA TYR A 133 -14.47 -41.38 -10.94
C TYR A 133 -13.68 -40.07 -10.81
N LEU A 134 -13.35 -39.49 -11.94
CA LEU A 134 -12.69 -38.16 -11.97
C LEU A 134 -13.57 -37.09 -11.32
N LEU A 135 -14.85 -37.06 -11.68
CA LEU A 135 -15.79 -36.13 -11.08
C LEU A 135 -15.98 -36.34 -9.61
N TYR A 136 -16.14 -37.61 -9.19
CA TYR A 136 -16.18 -37.93 -7.78
C TYR A 136 -15.01 -37.35 -6.98
N GLN A 137 -13.80 -37.55 -7.48
CA GLN A 137 -12.62 -37.07 -6.82
C GLN A 137 -12.56 -35.55 -6.79
N MET A 138 -12.99 -34.91 -7.87
CA MET A 138 -13.07 -33.43 -7.92
CA MET A 138 -13.05 -33.44 -7.88
C MET A 138 -13.99 -32.95 -6.81
N LEU A 139 -15.14 -33.60 -6.72
CA LEU A 139 -16.15 -33.25 -5.72
C LEU A 139 -15.66 -33.46 -4.28
N CYS A 140 -14.97 -34.57 -4.03
CA CYS A 140 -14.35 -34.83 -2.76
C CYS A 140 -13.37 -33.70 -2.36
N GLY A 141 -12.49 -33.33 -3.29
CA GLY A 141 -11.51 -32.25 -3.04
C GLY A 141 -12.18 -30.91 -2.74
N ILE A 142 -13.17 -30.57 -3.54
CA ILE A 142 -13.94 -29.34 -3.33
C ILE A 142 -14.69 -29.31 -2.02
N LYS A 143 -15.30 -30.44 -1.67
CA LYS A 143 -15.97 -30.57 -0.39
C LYS A 143 -15.01 -30.25 0.74
N HIS A 144 -13.83 -30.84 0.68
CA HIS A 144 -12.85 -30.64 1.71
C HIS A 144 -12.43 -29.14 1.84
N LEU A 145 -12.14 -28.53 0.70
CA LEU A 145 -11.78 -27.11 0.68
C LEU A 145 -12.86 -26.23 1.26
N HIS A 146 -14.10 -26.47 0.82
CA HIS A 146 -15.24 -25.72 1.29
C HIS A 146 -15.41 -25.79 2.79
N SER A 147 -15.17 -26.97 3.37
CA SER A 147 -15.35 -27.15 4.79
CA SER A 147 -15.34 -27.15 4.79
C SER A 147 -14.45 -26.21 5.59
N ALA A 148 -13.28 -25.87 5.04
CA ALA A 148 -12.34 -24.95 5.66
C ALA A 148 -12.52 -23.49 5.19
N GLY A 149 -13.62 -23.20 4.51
CA GLY A 149 -13.90 -21.83 4.03
C GLY A 149 -13.07 -21.46 2.81
N ILE A 150 -12.52 -22.44 2.10
CA ILE A 150 -11.76 -22.20 0.89
C ILE A 150 -12.73 -22.43 -0.29
N ILE A 151 -13.15 -21.32 -0.93
CA ILE A 151 -14.03 -21.39 -2.11
C ILE A 151 -13.21 -20.88 -3.29
N HIS A 152 -13.05 -21.73 -4.28
CA HIS A 152 -11.97 -21.60 -5.23
C HIS A 152 -12.25 -20.44 -6.20
N ARG A 153 -13.37 -20.55 -6.90
CA ARG A 153 -13.86 -19.59 -7.89
C ARG A 153 -13.11 -19.56 -9.22
N ASP A 154 -12.01 -20.23 -9.33
CA ASP A 154 -11.33 -20.30 -10.66
C ASP A 154 -10.84 -21.68 -10.95
N LEU A 155 -11.65 -22.68 -10.62
CA LEU A 155 -11.31 -24.04 -10.94
C LEU A 155 -11.30 -24.24 -12.46
N LYS A 156 -10.28 -24.91 -12.97
CA LYS A 156 -10.21 -25.19 -14.42
C LYS A 156 -9.36 -26.43 -14.68
N PRO A 157 -9.52 -27.03 -15.87
CA PRO A 157 -8.82 -28.31 -16.13
C PRO A 157 -7.30 -28.21 -16.07
N SER A 158 -6.73 -27.05 -16.45
CA SER A 158 -5.28 -26.91 -16.46
C SER A 158 -4.65 -26.96 -15.07
N ASN A 159 -5.45 -26.69 -14.02
CA ASN A 159 -4.98 -26.78 -12.64
CA ASN A 159 -4.99 -26.78 -12.62
C ASN A 159 -5.45 -28.04 -11.88
N ILE A 160 -5.73 -29.09 -12.64
CA ILE A 160 -6.07 -30.39 -12.10
C ILE A 160 -5.17 -31.42 -12.83
N VAL A 161 -4.52 -32.28 -12.06
CA VAL A 161 -3.61 -33.28 -12.59
C VAL A 161 -4.07 -34.69 -12.20
N VAL A 162 -3.65 -35.65 -13.01
CA VAL A 162 -4.06 -37.03 -12.80
CA VAL A 162 -4.13 -37.02 -12.92
C VAL A 162 -2.91 -37.97 -12.99
N LYS A 163 -3.04 -39.10 -12.34
CA LYS A 163 -2.14 -40.23 -12.53
C LYS A 163 -2.74 -41.21 -13.54
N SER A 164 -1.89 -42.14 -14.04
CA SER A 164 -2.31 -43.12 -15.04
CA SER A 164 -2.32 -43.11 -15.04
C SER A 164 -3.44 -44.01 -14.54
N ASP A 165 -3.58 -44.15 -13.22
CA ASP A 165 -4.66 -44.93 -12.62
C ASP A 165 -5.92 -44.11 -12.36
N CYS A 166 -5.97 -42.90 -12.93
CA CYS A 166 -7.06 -41.93 -12.77
C CYS A 166 -7.21 -41.28 -11.41
N THR A 167 -6.27 -41.43 -10.51
CA THR A 167 -6.35 -40.66 -9.27
CA THR A 167 -6.24 -40.63 -9.26
C THR A 167 -6.06 -39.17 -9.65
N LEU A 168 -6.75 -38.27 -8.98
CA LEU A 168 -6.82 -36.89 -9.33
C LEU A 168 -6.45 -35.99 -8.16
N LYS A 169 -5.72 -34.93 -8.45
CA LYS A 169 -5.41 -33.87 -7.52
C LYS A 169 -5.61 -32.47 -8.09
N ILE A 170 -6.23 -31.61 -7.29
CA ILE A 170 -6.42 -30.21 -7.58
C ILE A 170 -5.13 -29.51 -7.18
N LEU A 171 -4.66 -28.63 -8.07
CA LEU A 171 -3.36 -28.03 -7.91
C LEU A 171 -3.33 -26.73 -7.10
N ASP A 172 -4.44 -26.05 -7.00
CA ASP A 172 -4.43 -24.69 -6.44
C ASP A 172 -5.70 -24.43 -5.64
N PHE A 173 -5.72 -23.27 -4.98
CA PHE A 173 -6.78 -22.94 -4.03
C PHE A 173 -7.62 -21.69 -4.39
N GLY A 174 -7.39 -21.06 -5.55
CA GLY A 174 -8.12 -19.82 -5.93
C GLY A 174 -7.68 -18.67 -5.08
N LEU A 175 -8.37 -17.52 -5.14
CA LEU A 175 -7.81 -16.32 -4.46
C LEU A 175 -8.38 -16.18 -3.07
N ALA A 176 -7.84 -15.23 -2.30
CA ALA A 176 -8.43 -14.92 -1.00
C ALA A 176 -9.86 -14.40 -1.19
N ARG A 177 -10.70 -14.59 -0.16
CA ARG A 177 -12.08 -14.08 -0.15
C ARG A 177 -12.08 -12.57 -0.47
N THR A 178 -11.05 -11.86 -0.01
CA THR A 178 -10.95 -10.42 -0.24
C THR A 178 -10.84 -10.03 -1.73
N ALA A 179 -10.47 -10.97 -2.60
CA ALA A 179 -10.52 -10.75 -4.07
C ALA A 179 -11.94 -10.88 -4.65
N GLY A 180 -12.86 -11.49 -3.90
CA GLY A 180 -14.25 -11.70 -4.33
C GLY A 180 -14.33 -12.47 -5.64
N THR A 181 -14.85 -11.81 -6.67
CA THR A 181 -14.98 -12.40 -8.02
C THR A 181 -14.05 -11.73 -9.04
N SER A 182 -13.12 -10.89 -8.56
CA SER A 182 -12.15 -10.24 -9.44
C SER A 182 -10.85 -11.05 -9.49
N PHE A 183 -10.23 -11.09 -10.66
CA PHE A 183 -8.94 -11.76 -10.87
C PHE A 183 -7.92 -10.86 -11.54
N MET A 184 -7.52 -9.77 -10.92
CA MET A 184 -6.45 -8.97 -11.52
C MET A 184 -5.21 -8.95 -10.64
N VAL A 190 -7.01 -14.85 -17.87
CA VAL A 190 -6.38 -15.58 -18.97
C VAL A 190 -7.30 -16.73 -19.50
N THR A 191 -7.49 -17.85 -18.79
CA THR A 191 -8.56 -18.81 -19.18
C THR A 191 -9.77 -18.53 -18.26
N ARG A 192 -10.86 -18.01 -18.86
CA ARG A 192 -12.07 -17.50 -18.18
CA ARG A 192 -12.03 -17.53 -18.12
C ARG A 192 -13.26 -18.42 -18.31
N TYR A 193 -13.14 -19.43 -19.16
CA TYR A 193 -14.26 -20.22 -19.65
C TYR A 193 -15.02 -21.06 -18.64
N TYR A 194 -14.43 -21.27 -17.46
CA TYR A 194 -15.01 -22.10 -16.43
C TYR A 194 -15.57 -21.29 -15.26
N ARG A 195 -15.57 -19.97 -15.37
CA ARG A 195 -16.06 -19.10 -14.30
C ARG A 195 -17.59 -19.01 -14.32
N ALA A 196 -18.18 -19.05 -13.14
CA ALA A 196 -19.59 -19.07 -12.97
C ALA A 196 -20.21 -17.70 -13.32
N PRO A 197 -21.49 -17.70 -13.72
CA PRO A 197 -22.19 -16.45 -14.00
C PRO A 197 -22.15 -15.41 -12.88
N GLU A 198 -22.25 -15.84 -11.63
CA GLU A 198 -22.26 -14.88 -10.54
C GLU A 198 -20.88 -14.23 -10.36
N VAL A 199 -19.81 -14.92 -10.80
CA VAL A 199 -18.48 -14.35 -10.87
C VAL A 199 -18.34 -13.36 -12.05
N ILE A 200 -18.72 -13.82 -13.23
CA ILE A 200 -18.63 -13.02 -14.45
C ILE A 200 -19.40 -11.70 -14.26
N LEU A 201 -20.59 -11.79 -13.64
CA LEU A 201 -21.48 -10.63 -13.50
C LEU A 201 -21.36 -9.88 -12.15
N GLY A 202 -20.44 -10.30 -11.29
CA GLY A 202 -20.15 -9.54 -10.05
C GLY A 202 -21.27 -9.57 -9.03
N MET A 203 -21.92 -10.71 -8.92
CA MET A 203 -23.07 -10.88 -8.05
C MET A 203 -22.75 -11.36 -6.63
N GLY A 204 -21.51 -11.71 -6.33
CA GLY A 204 -21.23 -12.43 -5.09
C GLY A 204 -21.45 -13.92 -5.29
N TYR A 205 -20.95 -14.71 -4.36
CA TYR A 205 -20.90 -16.16 -4.55
C TYR A 205 -21.10 -16.86 -3.24
N LYS A 206 -21.46 -18.14 -3.35
CA LYS A 206 -21.52 -19.08 -2.23
C LYS A 206 -20.73 -20.34 -2.65
N GLU A 207 -20.71 -21.36 -1.78
CA GLU A 207 -19.96 -22.61 -2.07
C GLU A 207 -20.18 -23.21 -3.45
N ASN A 208 -21.43 -23.19 -3.92
CA ASN A 208 -21.73 -23.80 -5.21
C ASN A 208 -21.32 -23.05 -6.46
N VAL A 209 -20.61 -21.94 -6.27
CA VAL A 209 -19.87 -21.32 -7.39
C VAL A 209 -18.96 -22.34 -8.10
N ASP A 210 -18.33 -23.22 -7.32
CA ASP A 210 -17.38 -24.19 -7.86
C ASP A 210 -18.05 -25.33 -8.66
N ILE A 211 -19.33 -25.60 -8.35
CA ILE A 211 -20.12 -26.58 -9.07
C ILE A 211 -20.32 -26.20 -10.54
N TRP A 212 -20.48 -24.92 -10.84
CA TRP A 212 -20.53 -24.53 -12.24
C TRP A 212 -19.26 -24.95 -13.01
N SER A 213 -18.10 -24.69 -12.43
CA SER A 213 -16.81 -25.03 -13.05
C SER A 213 -16.72 -26.54 -13.30
N VAL A 214 -17.16 -27.32 -12.31
CA VAL A 214 -17.23 -28.77 -12.47
C VAL A 214 -18.11 -29.15 -13.64
N GLY A 215 -19.28 -28.52 -13.72
CA GLY A 215 -20.19 -28.72 -14.84
C GLY A 215 -19.56 -28.42 -16.20
N CYS A 216 -18.83 -27.31 -16.28
CA CYS A 216 -18.15 -26.92 -17.51
C CYS A 216 -17.15 -27.99 -17.95
N ILE A 217 -16.41 -28.50 -16.96
CA ILE A 217 -15.38 -29.53 -17.21
C ILE A 217 -16.06 -30.82 -17.68
N MET A 218 -17.13 -31.22 -17.01
CA MET A 218 -17.91 -32.42 -17.36
C MET A 218 -18.46 -32.32 -18.77
N GLY A 219 -19.01 -31.16 -19.07
CA GLY A 219 -19.54 -30.93 -20.39
C GLY A 219 -18.51 -31.02 -21.46
N GLU A 220 -17.31 -30.48 -21.21
CA GLU A 220 -16.23 -30.57 -22.13
C GLU A 220 -15.73 -32.01 -22.28
N MET A 221 -15.75 -32.81 -21.20
CA MET A 221 -15.42 -34.24 -21.34
C MET A 221 -16.32 -34.97 -22.31
N VAL A 222 -17.59 -34.56 -22.40
CA VAL A 222 -18.58 -35.14 -23.29
C VAL A 222 -18.49 -34.63 -24.72
N ARG A 223 -18.36 -33.30 -24.87
CA ARG A 223 -18.34 -32.65 -26.17
CA ARG A 223 -18.38 -32.70 -26.19
C ARG A 223 -16.97 -32.63 -26.83
N HIS A 224 -15.93 -32.65 -26.02
CA HIS A 224 -14.56 -32.35 -26.51
C HIS A 224 -14.41 -30.99 -27.19
N LYS A 225 -15.20 -30.02 -26.70
CA LYS A 225 -15.11 -28.62 -27.10
C LYS A 225 -15.40 -27.80 -25.83
N ILE A 226 -14.71 -26.68 -25.69
CA ILE A 226 -14.97 -25.79 -24.56
C ILE A 226 -16.46 -25.36 -24.68
N LEU A 227 -17.20 -25.44 -23.59
CA LEU A 227 -18.62 -25.11 -23.59
C LEU A 227 -18.90 -23.62 -23.85
N PHE A 228 -18.19 -22.75 -23.14
CA PHE A 228 -18.49 -21.33 -23.18
C PHE A 228 -17.22 -20.56 -23.54
N PRO A 229 -16.76 -20.71 -24.78
CA PRO A 229 -15.55 -19.99 -25.14
C PRO A 229 -15.88 -18.53 -25.50
N GLY A 230 -14.84 -17.78 -25.77
CA GLY A 230 -15.03 -16.41 -26.20
C GLY A 230 -13.85 -15.58 -25.78
N ARG A 231 -13.60 -14.53 -26.55
CA ARG A 231 -12.43 -13.70 -26.40
C ARG A 231 -12.49 -12.90 -25.09
N ASP A 232 -13.68 -12.72 -24.50
CA ASP A 232 -13.88 -11.90 -23.28
C ASP A 232 -15.21 -12.27 -22.63
N TYR A 233 -15.56 -11.58 -21.54
CA TYR A 233 -16.78 -11.97 -20.78
C TYR A 233 -18.05 -11.72 -21.57
N ILE A 234 -18.05 -10.66 -22.36
CA ILE A 234 -19.18 -10.35 -23.21
C ILE A 234 -19.48 -11.52 -24.14
N ASP A 235 -18.46 -11.99 -24.84
CA ASP A 235 -18.55 -13.13 -25.75
C ASP A 235 -19.01 -14.41 -24.99
N GLN A 236 -18.45 -14.58 -23.79
CA GLN A 236 -18.71 -15.77 -22.98
C GLN A 236 -20.15 -15.74 -22.50
N TRP A 237 -20.63 -14.58 -22.07
CA TRP A 237 -22.02 -14.49 -21.60
C TRP A 237 -22.99 -14.83 -22.73
N ASN A 238 -22.71 -14.36 -23.95
CA ASN A 238 -23.52 -14.72 -25.12
CA ASN A 238 -23.50 -14.74 -25.12
C ASN A 238 -23.58 -16.24 -25.33
N LYS A 239 -22.43 -16.92 -25.17
CA LYS A 239 -22.41 -18.37 -25.34
C LYS A 239 -23.19 -19.08 -24.25
N VAL A 240 -23.17 -18.54 -23.04
CA VAL A 240 -23.98 -19.07 -21.96
C VAL A 240 -25.49 -18.97 -22.30
N ILE A 241 -25.95 -17.78 -22.64
CA ILE A 241 -27.40 -17.59 -22.85
C ILE A 241 -27.93 -18.30 -24.13
N GLU A 242 -27.11 -18.32 -25.18
CA GLU A 242 -27.44 -19.02 -26.42
C GLU A 242 -27.70 -20.50 -26.17
N GLN A 243 -26.93 -21.08 -25.24
CA GLN A 243 -27.04 -22.50 -24.98
C GLN A 243 -28.00 -22.84 -23.83
N LEU A 244 -27.94 -22.13 -22.71
CA LEU A 244 -28.80 -22.43 -21.54
C LEU A 244 -30.08 -21.62 -21.44
N GLY A 245 -30.18 -20.53 -22.20
CA GLY A 245 -31.37 -19.68 -22.23
C GLY A 245 -31.13 -18.40 -21.46
N THR A 246 -31.97 -17.42 -21.70
CA THR A 246 -32.00 -16.18 -20.93
C THR A 246 -32.39 -16.49 -19.48
N PRO A 247 -31.64 -15.99 -18.51
CA PRO A 247 -32.08 -16.27 -17.15
C PRO A 247 -33.38 -15.57 -16.73
N CYS A 248 -33.96 -16.11 -15.66
CA CYS A 248 -35.30 -15.69 -15.20
C CYS A 248 -35.27 -14.29 -14.58
N PRO A 249 -36.44 -13.67 -14.39
CA PRO A 249 -36.49 -12.42 -13.61
C PRO A 249 -36.07 -12.62 -12.13
N GLU A 250 -36.22 -13.86 -11.63
CA GLU A 250 -35.73 -14.30 -10.31
C GLU A 250 -34.21 -14.11 -10.22
N PHE A 251 -33.51 -14.44 -11.30
CA PHE A 251 -32.07 -14.11 -11.42
C PHE A 251 -31.84 -12.63 -11.72
N MET A 252 -32.52 -12.09 -12.73
CA MET A 252 -32.28 -10.71 -13.14
C MET A 252 -32.43 -9.74 -11.95
N LYS A 253 -33.33 -10.06 -11.00
CA LYS A 253 -33.62 -9.19 -9.83
C LYS A 253 -32.50 -9.19 -8.79
N LYS A 254 -31.71 -10.27 -8.74
CA LYS A 254 -30.50 -10.31 -7.91
C LYS A 254 -29.31 -9.53 -8.51
N LEU A 255 -29.42 -9.06 -9.77
CA LEU A 255 -28.35 -8.23 -10.40
C LEU A 255 -28.51 -6.82 -9.99
N GLN A 256 -27.40 -6.10 -9.92
CA GLN A 256 -27.43 -4.64 -9.83
C GLN A 256 -28.23 -4.11 -11.00
N PRO A 257 -28.85 -2.89 -10.86
CA PRO A 257 -29.61 -2.34 -11.99
C PRO A 257 -28.79 -2.15 -13.29
N THR A 258 -27.61 -1.55 -13.17
CA THR A 258 -26.75 -1.23 -14.31
C THR A 258 -26.40 -2.48 -15.15
N VAL A 259 -25.88 -3.51 -14.49
CA VAL A 259 -25.44 -4.71 -15.22
C VAL A 259 -26.64 -5.35 -15.90
N ARG A 260 -27.76 -5.32 -15.16
CA ARG A 260 -29.02 -5.87 -15.61
C ARG A 260 -29.46 -5.31 -16.95
N ASN A 261 -29.21 -4.02 -17.21
CA ASN A 261 -29.67 -3.42 -18.45
CA ASN A 261 -29.62 -3.39 -18.44
C ASN A 261 -29.07 -4.15 -19.67
N TYR A 262 -27.69 -4.24 -19.65
CA TYR A 262 -27.05 -5.01 -20.74
C TYR A 262 -27.61 -6.47 -20.83
N VAL A 263 -27.73 -7.12 -19.67
CA VAL A 263 -28.22 -8.52 -19.67
C VAL A 263 -29.69 -8.61 -20.17
N GLU A 264 -30.53 -7.65 -19.74
CA GLU A 264 -31.95 -7.59 -20.13
C GLU A 264 -32.15 -7.25 -21.62
N ASN A 265 -31.21 -6.47 -22.18
CA ASN A 265 -31.27 -6.04 -23.59
C ASN A 265 -30.64 -7.02 -24.59
N ARG A 266 -29.97 -8.07 -24.09
CA ARG A 266 -29.59 -9.23 -24.92
C ARG A 266 -30.83 -9.88 -25.58
N PRO A 267 -30.59 -10.47 -26.78
CA PRO A 267 -31.62 -11.26 -27.48
C PRO A 267 -32.11 -12.34 -26.57
N LYS A 268 -33.44 -12.56 -26.58
CA LYS A 268 -34.01 -13.58 -25.72
C LYS A 268 -33.70 -14.95 -26.33
N TYR A 269 -33.27 -15.87 -25.49
CA TYR A 269 -33.04 -17.28 -25.87
C TYR A 269 -33.83 -18.22 -24.99
N ALA A 270 -34.48 -19.20 -25.60
CA ALA A 270 -35.13 -20.28 -24.87
C ALA A 270 -34.06 -21.20 -24.27
N GLY A 271 -32.91 -21.27 -24.92
CA GLY A 271 -31.91 -22.25 -24.56
C GLY A 271 -32.25 -23.59 -25.19
N LEU A 272 -31.23 -24.41 -25.36
CA LEU A 272 -31.43 -25.73 -25.93
C LEU A 272 -31.73 -26.63 -24.75
N THR A 273 -32.46 -27.69 -25.00
CA THR A 273 -32.65 -28.67 -23.96
C THR A 273 -31.32 -29.41 -23.73
N PHE A 274 -31.21 -30.07 -22.60
CA PHE A 274 -30.01 -30.87 -22.30
C PHE A 274 -29.83 -32.07 -23.26
N PRO A 275 -30.94 -32.67 -23.74
CA PRO A 275 -30.75 -33.67 -24.79
C PRO A 275 -30.19 -33.11 -26.11
N LYS A 276 -30.44 -31.83 -26.42
CA LYS A 276 -29.81 -31.25 -27.60
C LYS A 276 -28.37 -30.76 -27.33
N LEU A 277 -28.13 -30.22 -26.16
CA LEU A 277 -26.76 -29.82 -25.77
C LEU A 277 -25.79 -31.02 -25.72
N PHE A 278 -26.30 -32.14 -25.20
CA PHE A 278 -25.49 -33.35 -24.94
C PHE A 278 -26.25 -34.55 -25.51
N PRO A 279 -26.27 -34.66 -26.83
CA PRO A 279 -27.09 -35.71 -27.46
C PRO A 279 -26.55 -37.09 -27.22
N ASP A 280 -27.44 -38.08 -27.32
CA ASP A 280 -27.05 -39.48 -27.17
C ASP A 280 -25.84 -39.86 -28.03
N SER A 281 -25.69 -39.20 -29.15
CA SER A 281 -24.59 -39.43 -30.11
C SER A 281 -23.18 -39.25 -29.50
N LEU A 282 -23.09 -38.46 -28.41
CA LEU A 282 -21.82 -38.21 -27.76
C LEU A 282 -21.45 -39.28 -26.76
N PHE A 283 -22.38 -40.19 -26.46
CA PHE A 283 -22.18 -41.15 -25.36
C PHE A 283 -22.01 -42.58 -25.90
N PRO A 284 -21.28 -43.43 -25.17
CA PRO A 284 -21.17 -44.83 -25.50
C PRO A 284 -22.57 -45.45 -25.76
N ALA A 285 -22.68 -46.27 -26.79
CA ALA A 285 -24.01 -46.72 -27.23
C ALA A 285 -24.23 -48.22 -27.05
N ASP A 286 -25.47 -48.61 -27.31
CA ASP A 286 -25.86 -49.99 -27.56
C ASP A 286 -25.76 -50.95 -26.36
N SER A 287 -25.95 -50.45 -25.16
CA SER A 287 -26.25 -51.34 -24.01
C SER A 287 -27.18 -50.60 -23.10
N GLU A 288 -27.93 -51.34 -22.29
CA GLU A 288 -28.88 -50.67 -21.38
C GLU A 288 -28.09 -49.94 -20.31
N HIS A 289 -26.92 -50.46 -19.92
CA HIS A 289 -26.06 -49.77 -18.99
C HIS A 289 -25.60 -48.42 -19.55
N ASN A 290 -25.16 -48.43 -20.79
CA ASN A 290 -24.80 -47.18 -21.50
C ASN A 290 -25.95 -46.21 -21.65
N LYS A 291 -27.12 -46.72 -21.93
CA LYS A 291 -28.30 -45.85 -22.03
C LYS A 291 -28.64 -45.18 -20.72
N LEU A 292 -28.52 -45.98 -19.64
CA LEU A 292 -28.71 -45.47 -18.30
C LEU A 292 -27.71 -44.38 -17.94
N LYS A 293 -26.45 -44.67 -18.19
CA LYS A 293 -25.39 -43.74 -17.81
C LYS A 293 -25.45 -42.44 -18.63
N ALA A 294 -25.84 -42.53 -19.89
CA ALA A 294 -26.00 -41.30 -20.73
C ALA A 294 -27.03 -40.38 -20.07
N SER A 295 -28.15 -40.97 -19.70
CA SER A 295 -29.24 -40.26 -19.06
C SER A 295 -28.82 -39.68 -17.73
N GLN A 296 -28.14 -40.45 -16.89
CA GLN A 296 -27.66 -39.94 -15.62
C GLN A 296 -26.61 -38.80 -15.78
N ALA A 297 -25.70 -38.94 -16.72
CA ALA A 297 -24.70 -37.96 -16.97
C ALA A 297 -25.36 -36.60 -17.39
N ARG A 298 -26.30 -36.68 -18.32
CA ARG A 298 -27.08 -35.53 -18.76
C ARG A 298 -27.88 -34.92 -17.61
N ASP A 299 -28.46 -35.77 -16.75
CA ASP A 299 -29.21 -35.26 -15.64
C ASP A 299 -28.29 -34.45 -14.73
N LEU A 300 -27.13 -35.03 -14.35
CA LEU A 300 -26.18 -34.30 -13.50
C LEU A 300 -25.75 -32.98 -14.15
N LEU A 301 -25.43 -33.00 -15.43
CA LEU A 301 -25.14 -31.76 -16.18
C LEU A 301 -26.23 -30.72 -16.07
N SER A 302 -27.48 -31.15 -16.22
CA SER A 302 -28.66 -30.24 -16.13
C SER A 302 -28.79 -29.60 -14.75
N LYS A 303 -28.20 -30.21 -13.73
CA LYS A 303 -28.27 -29.68 -12.38
CA LYS A 303 -28.24 -29.70 -12.37
C LYS A 303 -27.04 -28.84 -11.98
N MET A 304 -25.91 -29.04 -12.69
CA MET A 304 -24.67 -28.27 -12.44
CA MET A 304 -24.68 -28.27 -12.43
C MET A 304 -24.61 -26.98 -13.30
N LEU A 305 -24.99 -27.12 -14.57
CA LEU A 305 -24.97 -25.99 -15.55
C LEU A 305 -26.28 -25.24 -15.44
N VAL A 306 -26.44 -24.58 -14.29
CA VAL A 306 -27.57 -23.81 -13.98
C VAL A 306 -27.09 -22.40 -13.69
N ILE A 307 -27.63 -21.42 -14.40
CA ILE A 307 -27.14 -20.04 -14.30
C ILE A 307 -27.33 -19.47 -12.91
N ASP A 308 -28.55 -19.60 -12.39
CA ASP A 308 -28.88 -19.05 -11.08
C ASP A 308 -28.34 -19.98 -9.98
N PRO A 309 -27.33 -19.51 -9.20
CA PRO A 309 -26.76 -20.36 -8.14
C PRO A 309 -27.79 -20.80 -7.05
N ALA A 310 -28.85 -20.01 -6.85
CA ALA A 310 -29.97 -20.45 -5.98
C ALA A 310 -30.66 -21.74 -6.47
N LYS A 311 -30.54 -22.08 -7.76
CA LYS A 311 -31.19 -23.27 -8.35
C LYS A 311 -30.22 -24.38 -8.72
N ARG A 312 -28.93 -24.16 -8.47
CA ARG A 312 -27.86 -25.04 -8.89
C ARG A 312 -27.55 -26.03 -7.75
N ILE A 313 -27.28 -27.25 -8.14
CA ILE A 313 -26.95 -28.34 -7.15
C ILE A 313 -25.74 -28.06 -6.28
N SER A 314 -25.81 -28.48 -5.00
CA SER A 314 -24.67 -28.39 -4.10
C SER A 314 -23.64 -29.50 -4.37
N VAL A 315 -22.47 -29.31 -3.80
CA VAL A 315 -21.44 -30.35 -3.80
C VAL A 315 -21.96 -31.62 -3.10
N ASP A 316 -22.55 -31.44 -1.91
CA ASP A 316 -23.02 -32.60 -1.15
C ASP A 316 -24.12 -33.34 -1.93
N ASP A 317 -25.02 -32.61 -2.58
CA ASP A 317 -26.06 -33.27 -3.38
C ASP A 317 -25.52 -33.92 -4.65
N ALA A 318 -24.51 -33.32 -5.26
CA ALA A 318 -23.85 -33.92 -6.41
C ALA A 318 -23.19 -35.27 -6.04
N LEU A 319 -22.64 -35.36 -4.83
CA LEU A 319 -22.05 -36.64 -4.32
C LEU A 319 -23.10 -37.73 -4.06
N GLN A 320 -24.37 -37.32 -3.88
CA GLN A 320 -25.50 -38.26 -3.82
C GLN A 320 -26.16 -38.58 -5.17
N HIS A 321 -25.78 -37.89 -6.23
CA HIS A 321 -26.37 -38.11 -7.53
C HIS A 321 -25.96 -39.51 -8.02
N PRO A 322 -26.91 -40.24 -8.64
CA PRO A 322 -26.60 -41.63 -9.05
C PRO A 322 -25.41 -41.79 -9.96
N TYR A 323 -25.08 -40.76 -10.77
CA TYR A 323 -23.90 -40.82 -11.63
C TYR A 323 -22.58 -40.91 -10.82
N ILE A 324 -22.55 -40.20 -9.70
CA ILE A 324 -21.38 -40.06 -8.86
C ILE A 324 -21.35 -41.05 -7.69
N ASN A 325 -22.53 -41.31 -7.11
CA ASN A 325 -22.61 -41.94 -5.82
C ASN A 325 -22.15 -43.40 -5.78
N VAL A 326 -22.06 -44.01 -6.95
CA VAL A 326 -21.45 -45.32 -7.07
C VAL A 326 -20.08 -45.46 -6.41
N TRP A 327 -19.30 -44.35 -6.42
CA TRP A 327 -17.98 -44.34 -5.82
C TRP A 327 -17.96 -44.03 -4.31
N TYR A 328 -19.07 -43.57 -3.78
CA TYR A 328 -19.05 -42.88 -2.49
C TYR A 328 -18.53 -43.82 -1.42
N ASP A 329 -17.49 -43.37 -0.73
CA ASP A 329 -16.95 -44.03 0.46
C ASP A 329 -16.82 -42.98 1.56
N PRO A 330 -17.54 -43.13 2.70
CA PRO A 330 -17.48 -42.08 3.71
C PRO A 330 -16.06 -41.78 4.21
N ALA A 331 -15.21 -42.82 4.22
CA ALA A 331 -13.81 -42.66 4.65
C ALA A 331 -12.99 -41.73 3.75
N GLU A 332 -13.39 -41.57 2.49
CA GLU A 332 -12.79 -40.60 1.58
C GLU A 332 -13.53 -39.25 1.62
N VAL A 333 -14.86 -39.29 1.71
CA VAL A 333 -15.70 -38.08 1.53
C VAL A 333 -15.76 -37.23 2.79
N GLU A 334 -15.87 -37.90 3.94
CA GLU A 334 -16.27 -37.29 5.20
C GLU A 334 -15.11 -37.15 6.17
N ALA A 335 -13.94 -36.72 5.67
CA ALA A 335 -12.79 -36.36 6.52
C ALA A 335 -13.01 -35.06 7.27
N PRO A 336 -12.34 -34.92 8.46
CA PRO A 336 -12.43 -33.69 9.23
C PRO A 336 -11.87 -32.50 8.46
N PRO A 337 -12.42 -31.31 8.68
CA PRO A 337 -11.98 -30.17 7.92
C PRO A 337 -10.57 -29.73 8.33
N PRO A 338 -9.82 -29.13 7.38
CA PRO A 338 -8.58 -28.44 7.74
C PRO A 338 -8.83 -27.25 8.66
N GLN A 339 -8.18 -27.24 9.82
CA GLN A 339 -8.19 -26.08 10.69
C GLN A 339 -7.01 -25.20 10.24
N ILE A 340 -7.26 -23.90 10.05
CA ILE A 340 -6.23 -23.00 9.49
C ILE A 340 -5.64 -22.13 10.61
N TYR A 341 -4.30 -22.05 10.67
CA TYR A 341 -3.59 -21.45 11.83
C TYR A 341 -3.65 -19.92 11.89
N ASP A 342 -3.62 -19.30 10.71
CA ASP A 342 -3.75 -17.84 10.55
C ASP A 342 -5.22 -17.55 10.19
N LYS A 343 -5.97 -17.06 11.17
CA LYS A 343 -7.40 -16.72 11.01
C LYS A 343 -7.65 -15.49 10.11
N GLN A 344 -6.61 -14.65 9.90
CA GLN A 344 -6.70 -13.50 9.01
C GLN A 344 -5.89 -13.70 7.70
N LEU A 345 -5.71 -14.96 7.29
CA LEU A 345 -4.93 -15.29 6.09
C LEU A 345 -5.43 -14.55 4.85
N ASP A 346 -6.74 -14.58 4.66
CA ASP A 346 -7.37 -13.90 3.52
C ASP A 346 -7.34 -12.39 3.58
N GLU A 347 -7.43 -11.78 4.77
CA GLU A 347 -7.70 -10.33 4.90
C GLU A 347 -6.49 -9.41 5.05
N ARG A 348 -5.49 -9.84 5.81
CA ARG A 348 -4.41 -8.93 6.20
C ARG A 348 -3.55 -8.54 5.00
N GLU A 349 -3.11 -7.28 4.99
CA GLU A 349 -2.25 -6.77 3.95
C GLU A 349 -0.92 -6.32 4.57
N HIS A 350 0.13 -6.40 3.77
CA HIS A 350 1.49 -6.20 4.24
C HIS A 350 2.29 -5.52 3.15
N THR A 351 3.39 -4.89 3.55
CA THR A 351 4.37 -4.39 2.59
C THR A 351 5.05 -5.57 1.92
N ILE A 352 5.77 -5.29 0.84
CA ILE A 352 6.54 -6.31 0.17
C ILE A 352 7.61 -6.86 1.11
N GLU A 353 8.29 -5.97 1.83
CA GLU A 353 9.33 -6.35 2.79
C GLU A 353 8.78 -7.29 3.87
N GLU A 354 7.57 -7.00 4.36
CA GLU A 354 6.91 -7.84 5.35
C GLU A 354 6.46 -9.20 4.77
N TRP A 355 5.88 -9.20 3.58
CA TRP A 355 5.50 -10.46 2.93
C TRP A 355 6.73 -11.34 2.70
N LYS A 356 7.81 -10.71 2.26
CA LYS A 356 9.03 -11.43 1.96
C LYS A 356 9.56 -12.17 3.22
N GLU A 357 9.57 -11.48 4.35
CA GLU A 357 9.96 -12.11 5.60
C GLU A 357 9.00 -13.23 6.03
N LEU A 358 7.69 -13.01 5.89
CA LEU A 358 6.71 -14.04 6.25
C LEU A 358 6.90 -15.31 5.44
N ILE A 359 7.09 -15.14 4.13
CA ILE A 359 7.34 -16.24 3.22
C ILE A 359 8.64 -16.94 3.57
N TYR A 360 9.69 -16.15 3.76
CA TYR A 360 11.00 -16.70 4.13
C TYR A 360 10.89 -17.62 5.38
N LYS A 361 10.17 -17.16 6.40
CA LYS A 361 9.94 -17.96 7.61
C LYS A 361 9.22 -19.27 7.34
N GLU A 362 8.20 -19.24 6.46
CA GLU A 362 7.50 -20.44 6.03
C GLU A 362 8.45 -21.39 5.32
N VAL A 363 9.34 -20.86 4.49
CA VAL A 363 10.29 -21.71 3.76
C VAL A 363 11.30 -22.37 4.71
N MET A 364 11.85 -21.59 5.65
CA MET A 364 12.82 -22.11 6.62
C MET A 364 12.16 -22.87 7.77
N ASN A 365 10.84 -22.70 7.93
CA ASN A 365 10.07 -23.23 9.06
C ASN A 365 10.46 -22.56 10.37
N ASN B 11 32.45 -40.10 5.10
CA ASN B 11 32.40 -40.81 6.43
C ASN B 11 32.08 -39.81 7.54
N GLN B 12 31.13 -40.17 8.40
CA GLN B 12 30.60 -39.30 9.42
C GLN B 12 31.47 -39.34 10.68
N PHE B 13 32.28 -40.39 10.80
CA PHE B 13 33.09 -40.65 11.99
C PHE B 13 34.59 -40.56 11.72
N TYR B 14 35.36 -40.42 12.78
CA TYR B 14 36.80 -40.64 12.73
C TYR B 14 37.23 -41.25 14.03
N SER B 15 38.42 -41.84 14.03
CA SER B 15 38.92 -42.59 15.17
C SER B 15 40.12 -41.89 15.73
N VAL B 16 40.22 -41.86 17.04
CA VAL B 16 41.38 -41.27 17.74
C VAL B 16 41.62 -42.06 19.02
N GLU B 17 42.89 -42.25 19.36
CA GLU B 17 43.28 -42.88 20.62
C GLU B 17 43.34 -41.84 21.69
N VAL B 18 42.61 -42.08 22.77
CA VAL B 18 42.59 -41.16 23.92
C VAL B 18 42.71 -41.96 25.17
N GLY B 19 43.70 -41.67 26.00
CA GLY B 19 43.90 -42.41 27.23
C GLY B 19 43.88 -43.91 27.04
N ASP B 20 44.58 -44.40 26.01
CA ASP B 20 44.75 -45.82 25.72
C ASP B 20 43.46 -46.53 25.28
N SER B 21 42.48 -45.75 24.82
CA SER B 21 41.22 -46.29 24.26
C SER B 21 40.95 -45.67 22.90
N THR B 22 40.34 -46.44 22.01
CA THR B 22 39.92 -45.96 20.70
C THR B 22 38.53 -45.32 20.80
N PHE B 23 38.43 -44.05 20.43
CA PHE B 23 37.17 -43.38 20.34
C PHE B 23 36.90 -43.16 18.90
N THR B 24 35.78 -43.72 18.44
CA THR B 24 35.34 -43.50 17.08
C THR B 24 34.06 -42.70 17.19
N VAL B 25 34.11 -41.45 16.75
CA VAL B 25 33.07 -40.49 17.08
C VAL B 25 32.71 -39.63 15.90
N LEU B 26 31.52 -39.02 15.99
CA LEU B 26 31.06 -38.08 14.97
C LEU B 26 32.06 -36.93 14.83
N LYS B 27 32.24 -36.45 13.60
CA LYS B 27 33.28 -35.45 13.31
C LYS B 27 33.04 -34.10 13.99
N ARG B 28 31.79 -33.82 14.36
CA ARG B 28 31.49 -32.65 15.18
C ARG B 28 32.28 -32.60 16.49
N TYR B 29 32.68 -33.76 17.01
CA TYR B 29 33.41 -33.85 18.27
C TYR B 29 34.93 -33.80 18.04
N GLN B 30 35.54 -32.71 18.51
CA GLN B 30 36.92 -32.37 18.19
C GLN B 30 37.75 -32.23 19.44
N ASN B 31 39.07 -32.35 19.24
CA ASN B 31 40.07 -32.16 20.27
CA ASN B 31 40.06 -32.13 20.31
C ASN B 31 39.75 -32.98 21.53
N LEU B 32 39.53 -34.28 21.34
CA LEU B 32 39.21 -35.16 22.46
C LEU B 32 40.41 -35.26 23.40
N LYS B 33 40.11 -35.26 24.69
CA LYS B 33 41.11 -35.16 25.75
C LYS B 33 40.66 -36.05 26.87
N PRO B 34 41.58 -36.76 27.52
CA PRO B 34 41.13 -37.62 28.61
C PRO B 34 40.61 -36.86 29.83
N ILE B 35 39.61 -37.45 30.48
CA ILE B 35 39.21 -37.13 31.85
C ILE B 35 39.45 -38.38 32.72
N ILE B 42 35.48 -44.86 30.95
CA ILE B 42 36.10 -44.49 29.69
C ILE B 42 35.49 -43.18 29.13
N VAL B 43 36.08 -42.04 29.50
CA VAL B 43 35.45 -40.73 29.32
C VAL B 43 36.46 -39.68 28.86
N CYS B 44 36.08 -38.91 27.85
CA CYS B 44 36.84 -37.79 27.31
CA CYS B 44 36.89 -37.80 27.44
C CYS B 44 36.06 -36.49 27.33
N ALA B 45 36.80 -35.39 27.31
CA ALA B 45 36.26 -34.08 27.03
C ALA B 45 36.46 -33.79 25.54
N ALA B 46 35.49 -33.12 24.95
CA ALA B 46 35.58 -32.76 23.54
C ALA B 46 34.90 -31.43 23.32
N TYR B 47 35.21 -30.84 22.17
CA TYR B 47 34.54 -29.63 21.71
C TYR B 47 33.52 -30.07 20.66
N ASP B 48 32.26 -29.70 20.86
CA ASP B 48 31.21 -29.98 19.89
C ASP B 48 31.08 -28.76 18.93
N ALA B 49 31.62 -28.92 17.72
CA ALA B 49 31.55 -27.85 16.68
C ALA B 49 30.13 -27.44 16.28
N VAL B 50 29.19 -28.38 16.34
CA VAL B 50 27.78 -28.09 16.03
C VAL B 50 27.09 -27.23 17.10
N LEU B 51 27.35 -27.51 18.38
CA LEU B 51 26.73 -26.76 19.48
C LEU B 51 27.61 -25.61 19.96
N ASP B 52 28.88 -25.57 19.53
CA ASP B 52 29.86 -24.59 20.04
C ASP B 52 29.90 -24.64 21.57
N ARG B 53 30.11 -25.83 22.10
CA ARG B 53 30.35 -25.97 23.54
C ARG B 53 31.13 -27.24 23.82
N ASN B 54 31.62 -27.34 25.04
CA ASN B 54 32.35 -28.51 25.46
C ASN B 54 31.42 -29.57 26.01
N VAL B 55 31.79 -30.81 25.75
CA VAL B 55 31.01 -31.98 26.12
C VAL B 55 31.90 -33.03 26.73
N ALA B 56 31.28 -33.97 27.46
CA ALA B 56 31.92 -35.17 27.92
C ALA B 56 31.37 -36.33 27.12
N ILE B 57 32.24 -37.23 26.69
CA ILE B 57 31.81 -38.41 25.93
C ILE B 57 32.27 -39.63 26.70
N LYS B 58 31.32 -40.50 27.00
CA LYS B 58 31.56 -41.76 27.65
C LYS B 58 31.35 -42.91 26.67
N LYS B 59 32.34 -43.75 26.53
CA LYS B 59 32.25 -44.93 25.67
C LYS B 59 31.85 -46.12 26.53
N LEU B 60 30.70 -46.69 26.20
CA LEU B 60 30.30 -48.05 26.61
C LEU B 60 30.86 -49.08 25.56
N SER B 61 31.90 -49.76 25.97
CA SER B 61 32.59 -50.70 25.08
C SER B 61 32.00 -52.10 25.23
N ARG B 62 32.07 -52.62 26.45
CA ARG B 62 31.63 -53.98 26.72
C ARG B 62 30.32 -54.00 27.48
N PRO B 63 29.29 -53.26 26.97
CA PRO B 63 28.01 -53.36 27.58
C PRO B 63 27.35 -54.72 27.30
N PHE B 64 27.97 -55.62 26.50
CA PHE B 64 27.43 -57.00 26.27
C PHE B 64 28.35 -58.13 26.65
N GLN B 65 29.49 -57.83 27.29
CA GLN B 65 30.23 -58.80 28.05
C GLN B 65 29.27 -59.82 28.73
N ASN B 66 28.16 -59.34 29.29
CA ASN B 66 27.21 -60.20 29.98
C ASN B 66 25.87 -59.47 30.31
N GLN B 67 24.93 -60.22 30.86
CA GLN B 67 23.64 -59.64 31.27
C GLN B 67 23.73 -58.50 32.29
N THR B 68 24.70 -58.52 33.19
CA THR B 68 24.83 -57.45 34.19
C THR B 68 25.30 -56.14 33.56
N HIS B 69 26.32 -56.24 32.73
CA HIS B 69 26.73 -55.11 31.92
C HIS B 69 25.56 -54.57 31.10
N ALA B 70 24.85 -55.48 30.45
CA ALA B 70 23.80 -55.09 29.49
C ALA B 70 22.64 -54.42 30.18
N LYS B 71 22.19 -55.04 31.27
CA LYS B 71 21.11 -54.44 32.07
C LYS B 71 21.51 -53.07 32.63
N ARG B 72 22.75 -52.93 33.12
CA ARG B 72 23.24 -51.64 33.60
C ARG B 72 23.25 -50.58 32.47
N ALA B 73 23.76 -50.94 31.28
CA ALA B 73 23.84 -49.99 30.16
C ALA B 73 22.42 -49.55 29.69
N TYR B 74 21.51 -50.50 29.58
CA TYR B 74 20.14 -50.20 29.15
C TYR B 74 19.48 -49.29 30.15
N ARG B 75 19.63 -49.61 31.44
CA ARG B 75 19.05 -48.78 32.49
C ARG B 75 19.68 -47.38 32.53
N GLU B 76 21.01 -47.28 32.42
CA GLU B 76 21.71 -45.96 32.33
C GLU B 76 21.14 -45.13 31.16
N LEU B 77 21.00 -45.75 30.01
CA LEU B 77 20.49 -45.06 28.83
C LEU B 77 19.04 -44.58 28.95
N VAL B 78 18.15 -45.48 29.37
CA VAL B 78 16.73 -45.15 29.51
C VAL B 78 16.48 -44.07 30.57
N LEU B 79 17.13 -44.21 31.73
CA LEU B 79 16.97 -43.22 32.79
C LEU B 79 17.63 -41.87 32.44
N MET B 80 18.79 -41.86 31.82
CA MET B 80 19.43 -40.59 31.43
CA MET B 80 19.42 -40.59 31.43
C MET B 80 18.54 -39.78 30.49
N LYS B 81 17.89 -40.48 29.57
CA LYS B 81 16.99 -39.84 28.61
C LYS B 81 15.73 -39.33 29.28
N CYS B 82 15.12 -40.17 30.12
CA CYS B 82 13.83 -39.84 30.71
CA CYS B 82 13.82 -39.88 30.76
C CYS B 82 13.89 -38.77 31.80
N VAL B 83 14.96 -38.76 32.61
CA VAL B 83 15.05 -37.80 33.72
C VAL B 83 15.53 -36.46 33.15
N ASN B 84 14.91 -35.37 33.60
CA ASN B 84 15.28 -34.02 33.19
C ASN B 84 15.23 -33.14 34.45
N HIS B 85 16.37 -33.04 35.10
CA HIS B 85 16.52 -32.30 36.36
C HIS B 85 17.88 -31.72 36.41
N LYS B 86 18.00 -30.50 36.89
CA LYS B 86 19.31 -29.83 36.87
C LYS B 86 20.42 -30.44 37.71
N ASN B 87 20.06 -31.23 38.70
CA ASN B 87 21.04 -31.90 39.53
C ASN B 87 21.31 -33.38 39.16
N ILE B 88 20.83 -33.81 37.99
CA ILE B 88 21.06 -35.16 37.43
C ILE B 88 21.67 -34.94 36.05
N ILE B 89 22.82 -35.59 35.77
CA ILE B 89 23.48 -35.43 34.46
C ILE B 89 22.49 -35.80 33.35
N SER B 90 22.45 -35.02 32.29
CA SER B 90 21.47 -35.23 31.20
CA SER B 90 21.50 -35.36 31.20
C SER B 90 22.23 -35.58 29.91
N LEU B 91 21.55 -36.24 29.00
CA LEU B 91 22.14 -36.71 27.78
C LEU B 91 21.91 -35.67 26.68
N LEU B 92 22.97 -35.24 26.02
CA LEU B 92 22.88 -34.41 24.81
C LEU B 92 22.74 -35.22 23.56
N ASN B 93 23.44 -36.35 23.49
CA ASN B 93 23.40 -37.18 22.30
C ASN B 93 23.83 -38.61 22.65
N VAL B 94 23.40 -39.54 21.84
CA VAL B 94 23.86 -40.92 21.90
C VAL B 94 24.03 -41.39 20.51
N PHE B 95 25.11 -42.12 20.25
CA PHE B 95 25.38 -42.66 18.94
C PHE B 95 26.20 -43.95 19.01
N THR B 96 26.15 -44.68 17.90
CA THR B 96 27.06 -45.81 17.65
C THR B 96 27.67 -45.63 16.28
N PRO B 97 28.97 -45.93 16.14
CA PRO B 97 29.56 -45.88 14.81
C PRO B 97 29.14 -47.03 13.91
N GLN B 98 28.68 -48.12 14.49
CA GLN B 98 28.35 -49.31 13.69
C GLN B 98 26.97 -49.13 13.03
N LYS B 99 26.81 -49.68 11.84
CA LYS B 99 25.66 -49.36 10.97
C LYS B 99 24.47 -50.34 11.05
N THR B 100 24.72 -51.57 11.50
CA THR B 100 23.67 -52.60 11.61
C THR B 100 23.58 -53.11 13.06
N LEU B 101 22.47 -53.76 13.41
CA LEU B 101 22.37 -54.53 14.66
C LEU B 101 23.47 -55.59 14.75
N GLU B 102 23.73 -56.25 13.64
CA GLU B 102 24.70 -57.34 13.62
C GLU B 102 26.13 -56.86 13.86
N GLU B 103 26.49 -55.68 13.35
CA GLU B 103 27.83 -55.13 13.53
C GLU B 103 27.97 -54.33 14.85
N PHE B 104 26.85 -54.04 15.51
CA PHE B 104 26.77 -53.16 16.68
C PHE B 104 27.66 -53.62 17.84
N GLN B 105 28.55 -52.73 18.28
CA GLN B 105 29.50 -53.03 19.38
C GLN B 105 29.50 -51.98 20.49
N ASP B 106 29.66 -50.72 20.09
CA ASP B 106 29.94 -49.62 21.03
C ASP B 106 28.85 -48.58 21.09
N VAL B 107 28.68 -48.02 22.27
CA VAL B 107 27.73 -46.99 22.51
C VAL B 107 28.49 -45.80 23.11
N TYR B 108 28.24 -44.60 22.58
CA TYR B 108 28.84 -43.37 23.09
C TYR B 108 27.75 -42.49 23.62
N LEU B 109 27.91 -42.06 24.86
CA LEU B 109 26.99 -41.10 25.48
C LEU B 109 27.66 -39.73 25.55
N VAL B 110 26.94 -38.69 25.15
CA VAL B 110 27.46 -37.36 25.12
C VAL B 110 26.65 -36.53 26.11
N MET B 111 27.35 -35.86 27.01
CA MET B 111 26.70 -35.04 28.02
C MET B 111 27.41 -33.73 28.25
N GLU B 112 26.76 -32.87 29.02
CA GLU B 112 27.38 -31.61 29.35
C GLU B 112 28.68 -31.84 30.11
N LEU B 113 29.68 -31.02 29.83
CA LEU B 113 30.99 -31.11 30.46
C LEU B 113 31.06 -30.29 31.75
N MET B 114 31.33 -30.93 32.85
CA MET B 114 31.50 -30.29 34.12
C MET B 114 32.98 -30.10 34.36
N ASP B 115 33.31 -29.47 35.48
CA ASP B 115 34.66 -28.99 35.72
C ASP B 115 35.49 -29.87 36.64
N ALA B 116 34.85 -30.63 37.53
CA ALA B 116 35.58 -31.37 38.53
C ALA B 116 34.70 -32.47 39.06
N ASN B 117 35.37 -33.46 39.66
CA ASN B 117 34.71 -34.49 40.41
C ASN B 117 34.57 -34.04 41.87
N LEU B 118 33.52 -34.51 42.53
CA LEU B 118 33.30 -34.13 43.92
C LEU B 118 34.45 -34.54 44.84
N CYS B 119 35.13 -35.66 44.53
CA CYS B 119 36.31 -36.10 45.29
C CYS B 119 37.34 -35.01 45.42
N GLN B 120 37.61 -34.32 44.32
CA GLN B 120 38.52 -33.19 44.34
C GLN B 120 37.89 -32.00 45.13
N VAL B 121 36.60 -31.74 44.95
CA VAL B 121 35.92 -30.66 45.71
C VAL B 121 35.93 -30.87 47.23
N ILE B 122 35.65 -32.11 47.67
CA ILE B 122 35.67 -32.47 49.12
C ILE B 122 36.95 -32.03 49.80
N GLN B 123 38.08 -32.10 49.09
CA GLN B 123 39.37 -31.72 49.67
C GLN B 123 39.57 -30.25 50.10
N MET B 124 38.75 -29.33 49.62
CA MET B 124 38.97 -27.89 49.89
C MET B 124 38.48 -27.55 51.27
N GLU B 125 38.93 -26.42 51.78
CA GLU B 125 38.59 -25.96 53.11
C GLU B 125 37.08 -25.74 53.23
N LEU B 126 36.59 -25.91 54.45
CA LEU B 126 35.16 -25.85 54.73
C LEU B 126 34.73 -24.40 54.66
N ASP B 127 33.82 -24.14 53.71
CA ASP B 127 33.09 -22.84 53.61
C ASP B 127 31.57 -23.18 53.67
N HIS B 128 30.83 -22.58 54.60
CA HIS B 128 29.45 -23.01 54.85
C HIS B 128 28.47 -22.76 53.68
N GLU B 129 28.64 -21.61 53.01
CA GLU B 129 27.81 -21.28 51.84
C GLU B 129 28.01 -22.37 50.77
N ARG B 130 29.27 -22.69 50.43
CA ARG B 130 29.54 -23.76 49.46
C ARG B 130 29.07 -25.14 49.88
N MET B 131 29.43 -25.53 51.09
CA MET B 131 29.02 -26.86 51.58
C MET B 131 27.50 -27.03 51.62
N SER B 132 26.79 -26.09 52.25
CA SER B 132 25.35 -26.16 52.28
C SER B 132 24.74 -26.20 50.88
N TYR B 133 25.34 -25.50 49.92
CA TYR B 133 24.78 -25.42 48.58
C TYR B 133 24.96 -26.77 47.82
N LEU B 134 26.16 -27.37 47.99
CA LEU B 134 26.42 -28.69 47.39
C LEU B 134 25.46 -29.72 47.94
N LEU B 135 25.29 -29.70 49.27
CA LEU B 135 24.40 -30.65 49.94
C LEU B 135 22.94 -30.46 49.56
N TYR B 136 22.50 -29.19 49.50
CA TYR B 136 21.16 -28.90 48.99
C TYR B 136 20.91 -29.49 47.63
N GLN B 137 21.85 -29.29 46.71
CA GLN B 137 21.71 -29.80 45.36
C GLN B 137 21.66 -31.33 45.31
N MET B 138 22.50 -31.97 46.12
CA MET B 138 22.48 -33.45 46.26
CA MET B 138 22.45 -33.45 46.23
C MET B 138 21.11 -33.89 46.70
N LEU B 139 20.59 -33.23 47.73
CA LEU B 139 19.27 -33.56 48.25
C LEU B 139 18.16 -33.31 47.23
N CYS B 140 18.25 -32.24 46.42
CA CYS B 140 17.29 -32.01 45.37
C CYS B 140 17.30 -33.18 44.39
N GLY B 141 18.50 -33.56 43.99
CA GLY B 141 18.69 -34.63 43.01
C GLY B 141 18.11 -35.95 43.51
N ILE B 142 18.46 -36.32 44.74
CA ILE B 142 17.94 -37.54 45.37
C ILE B 142 16.41 -37.53 45.52
N LYS B 143 15.85 -36.40 45.98
CA LYS B 143 14.43 -36.24 46.08
C LYS B 143 13.76 -36.57 44.75
N HIS B 144 14.31 -36.02 43.68
CA HIS B 144 13.73 -36.23 42.36
C HIS B 144 13.80 -37.73 41.96
N LEU B 145 14.96 -38.32 42.14
CA LEU B 145 15.09 -39.77 41.85
C LEU B 145 14.16 -40.62 42.68
N HIS B 146 14.07 -40.35 44.00
CA HIS B 146 13.20 -41.10 44.87
C HIS B 146 11.73 -41.00 44.42
N SER B 147 11.33 -39.81 43.96
CA SER B 147 9.95 -39.62 43.51
CA SER B 147 9.95 -39.62 43.47
C SER B 147 9.57 -40.55 42.34
N ALA B 148 10.56 -40.99 41.57
CA ALA B 148 10.39 -41.95 40.47
C ALA B 148 10.68 -43.41 40.85
N GLY B 149 10.81 -43.70 42.14
CA GLY B 149 11.11 -45.07 42.64
C GLY B 149 12.61 -45.44 42.46
N ILE B 150 13.45 -44.45 42.16
CA ILE B 150 14.89 -44.67 41.93
C ILE B 150 15.55 -44.45 43.27
N ILE B 151 15.96 -45.53 43.94
CA ILE B 151 16.70 -45.44 45.18
C ILE B 151 18.13 -45.92 44.92
N HIS B 152 19.09 -45.05 45.18
CA HIS B 152 20.43 -45.23 44.63
C HIS B 152 21.18 -46.40 45.29
N ARG B 153 21.33 -46.32 46.62
CA ARG B 153 22.12 -47.23 47.45
C ARG B 153 23.66 -47.23 47.26
N ASP B 154 24.18 -46.63 46.21
CA ASP B 154 25.65 -46.58 46.07
C ASP B 154 26.10 -45.20 45.74
N LEU B 155 25.47 -44.23 46.36
CA LEU B 155 25.84 -42.84 46.09
C LEU B 155 27.23 -42.59 46.68
N LYS B 156 28.14 -42.00 45.91
CA LYS B 156 29.48 -41.70 46.41
C LYS B 156 30.05 -40.49 45.70
N PRO B 157 31.11 -39.89 46.26
CA PRO B 157 31.60 -38.63 45.66
C PRO B 157 32.10 -38.77 44.23
N SER B 158 32.68 -39.94 43.92
CA SER B 158 33.26 -40.14 42.58
C SER B 158 32.22 -40.12 41.46
N ASN B 159 30.95 -40.30 41.77
CA ASN B 159 29.88 -40.27 40.76
CA ASN B 159 29.86 -40.26 40.77
C ASN B 159 29.03 -38.98 40.90
N ILE B 160 29.63 -37.95 41.45
CA ILE B 160 29.02 -36.61 41.49
C ILE B 160 30.02 -35.66 40.88
N VAL B 161 29.58 -34.77 39.97
CA VAL B 161 30.47 -33.82 39.31
C VAL B 161 29.94 -32.40 39.53
N VAL B 162 30.85 -31.44 39.42
CA VAL B 162 30.60 -30.07 39.81
C VAL B 162 31.17 -29.11 38.75
N LYS B 163 30.53 -27.97 38.64
CA LYS B 163 31.03 -26.84 37.86
C LYS B 163 31.75 -25.88 38.78
N SER B 164 32.55 -24.98 38.20
CA SER B 164 33.32 -24.01 39.01
CA SER B 164 33.32 -24.01 39.01
C SER B 164 32.41 -23.06 39.79
N ASP B 165 31.17 -22.91 39.34
CA ASP B 165 30.15 -22.12 40.08
C ASP B 165 29.41 -22.92 41.19
N CYS B 166 29.93 -24.11 41.50
CA CYS B 166 29.35 -25.07 42.48
C CYS B 166 28.04 -25.69 42.11
N THR B 167 27.59 -25.55 40.85
CA THR B 167 26.45 -26.36 40.40
C THR B 167 26.89 -27.85 40.32
N LEU B 168 25.96 -28.75 40.65
CA LEU B 168 26.26 -30.11 40.96
C LEU B 168 25.32 -31.03 40.18
N LYS B 169 25.85 -32.13 39.64
CA LYS B 169 25.03 -33.18 39.02
C LYS B 169 25.51 -34.57 39.48
N ILE B 170 24.54 -35.39 39.82
CA ILE B 170 24.75 -36.79 40.08
C ILE B 170 24.87 -37.55 38.75
N LEU B 171 25.86 -38.46 38.66
CA LEU B 171 26.18 -39.09 37.38
C LEU B 171 25.45 -40.39 37.07
N ASP B 172 24.98 -41.07 38.10
CA ASP B 172 24.43 -42.41 37.94
C ASP B 172 23.23 -42.65 38.88
N PHE B 173 22.61 -43.81 38.71
CA PHE B 173 21.31 -44.07 39.30
C PHE B 173 21.31 -45.24 40.27
N GLY B 174 22.46 -45.89 40.49
CA GLY B 174 22.52 -47.15 41.26
C GLY B 174 21.91 -48.31 40.50
N LEU B 175 21.76 -49.48 41.16
CA LEU B 175 21.31 -50.67 40.41
C LEU B 175 19.79 -50.75 40.41
N ALA B 176 19.27 -51.65 39.59
CA ALA B 176 17.86 -52.08 39.73
C ALA B 176 17.57 -52.56 41.16
N ARG B 177 16.29 -52.47 41.55
CA ARG B 177 15.87 -52.77 42.90
C ARG B 177 16.02 -54.26 43.17
N THR B 178 16.01 -55.07 42.11
CA THR B 178 16.21 -56.51 42.22
C THR B 178 17.63 -56.87 42.74
N ALA B 179 18.61 -56.00 42.49
CA ALA B 179 19.95 -56.14 43.09
C ALA B 179 19.96 -55.96 44.62
N GLY B 180 18.96 -55.27 45.19
CA GLY B 180 18.80 -55.16 46.64
C GLY B 180 19.96 -54.38 47.21
N THR B 181 20.69 -54.99 48.13
CA THR B 181 21.86 -54.36 48.74
C THR B 181 23.20 -55.02 48.30
N SER B 182 23.17 -55.87 47.27
CA SER B 182 24.39 -56.51 46.77
C SER B 182 24.93 -55.80 45.52
N PHE B 183 26.25 -55.84 45.35
CA PHE B 183 26.92 -55.19 44.22
C PHE B 183 27.92 -56.12 43.55
N MET B 184 27.46 -57.27 43.04
CA MET B 184 28.39 -58.22 42.42
C MET B 184 28.91 -57.62 41.11
N VAL B 190 36.58 -51.43 44.44
CA VAL B 190 35.41 -50.58 44.35
C VAL B 190 35.12 -49.96 45.73
N THR B 191 34.53 -48.78 45.72
CA THR B 191 34.46 -47.93 46.91
C THR B 191 33.17 -48.21 47.68
N ARG B 192 33.33 -48.73 48.90
CA ARG B 192 32.25 -49.23 49.76
CA ARG B 192 32.19 -49.17 49.72
C ARG B 192 31.90 -48.25 50.91
N TYR B 193 32.74 -47.23 51.08
CA TYR B 193 32.74 -46.43 52.32
C TYR B 193 31.50 -45.59 52.60
N TYR B 194 30.65 -45.37 51.59
CA TYR B 194 29.48 -44.53 51.68
C TYR B 194 28.18 -45.33 51.80
N ARG B 195 28.30 -46.67 51.87
CA ARG B 195 27.16 -47.53 51.91
C ARG B 195 26.57 -47.58 53.33
N ALA B 196 25.24 -47.56 53.38
CA ALA B 196 24.51 -47.49 54.63
C ALA B 196 24.58 -48.81 55.42
N PRO B 197 24.51 -48.76 56.76
CA PRO B 197 24.50 -49.96 57.56
C PRO B 197 23.50 -51.03 57.14
N GLU B 198 22.30 -50.62 56.77
CA GLU B 198 21.29 -51.57 56.32
C GLU B 198 21.65 -52.24 54.98
N VAL B 199 22.56 -51.61 54.22
CA VAL B 199 23.09 -52.21 53.00
C VAL B 199 24.21 -53.23 53.32
N ILE B 200 25.17 -52.75 54.11
CA ILE B 200 26.32 -53.57 54.53
C ILE B 200 25.85 -54.86 55.18
N LEU B 201 24.88 -54.72 56.09
CA LEU B 201 24.41 -55.85 56.89
C LEU B 201 23.24 -56.61 56.29
N GLY B 202 22.78 -56.21 55.11
CA GLY B 202 21.78 -56.96 54.36
C GLY B 202 20.42 -56.96 55.02
N MET B 203 19.97 -55.77 55.43
CA MET B 203 18.71 -55.63 56.18
C MET B 203 17.54 -55.22 55.30
N GLY B 204 17.82 -54.76 54.08
CA GLY B 204 16.81 -54.09 53.27
C GLY B 204 16.93 -52.60 53.50
N TYR B 205 16.07 -51.83 52.87
CA TYR B 205 16.26 -50.40 52.77
C TYR B 205 14.98 -49.69 52.37
N LYS B 206 14.96 -48.40 52.68
CA LYS B 206 13.91 -47.49 52.26
C LYS B 206 14.62 -46.27 51.67
N GLU B 207 13.85 -45.25 51.30
CA GLU B 207 14.42 -44.03 50.64
C GLU B 207 15.60 -43.39 51.39
N ASN B 208 15.54 -43.35 52.72
CA ASN B 208 16.58 -42.70 53.49
C ASN B 208 17.89 -43.47 53.58
N VAL B 209 18.00 -44.59 52.90
CA VAL B 209 19.28 -45.22 52.72
C VAL B 209 20.28 -44.26 52.10
N ASP B 210 19.80 -43.40 51.21
CA ASP B 210 20.70 -42.46 50.52
C ASP B 210 21.16 -41.30 51.43
N ILE B 211 20.38 -40.99 52.45
CA ILE B 211 20.77 -40.01 53.47
C ILE B 211 22.05 -40.38 54.20
N TRP B 212 22.26 -41.67 54.49
CA TRP B 212 23.51 -42.08 55.11
C TRP B 212 24.69 -41.64 54.24
N SER B 213 24.60 -41.92 52.95
CA SER B 213 25.66 -41.59 52.04
C SER B 213 25.95 -40.08 51.98
N VAL B 214 24.90 -39.28 51.97
CA VAL B 214 25.04 -37.83 52.07
C VAL B 214 25.74 -37.40 53.35
N GLY B 215 25.36 -38.02 54.46
CA GLY B 215 26.03 -37.83 55.74
C GLY B 215 27.52 -38.14 55.71
N CYS B 216 27.88 -39.26 55.10
CA CYS B 216 29.28 -39.61 54.88
C CYS B 216 30.07 -38.56 54.09
N ILE B 217 29.43 -38.02 53.07
CA ILE B 217 30.05 -37.08 52.18
C ILE B 217 30.20 -35.78 53.00
N MET B 218 29.13 -35.36 53.65
CA MET B 218 29.17 -34.17 54.50
C MET B 218 30.28 -34.26 55.53
N GLY B 219 30.34 -35.40 56.22
CA GLY B 219 31.31 -35.58 57.25
C GLY B 219 32.71 -35.55 56.69
N GLU B 220 32.88 -36.11 55.50
CA GLU B 220 34.15 -36.04 54.81
C GLU B 220 34.52 -34.61 54.36
N MET B 221 33.54 -33.79 53.97
CA MET B 221 33.85 -32.36 53.68
C MET B 221 34.38 -31.63 54.92
N VAL B 222 33.98 -32.04 56.12
CA VAL B 222 34.42 -31.39 57.39
C VAL B 222 35.76 -31.92 57.88
N ARG B 223 35.92 -33.23 57.85
CA ARG B 223 37.13 -33.85 58.38
C ARG B 223 38.31 -33.89 57.41
N HIS B 224 37.99 -33.95 56.12
CA HIS B 224 38.97 -34.28 55.04
C HIS B 224 39.61 -35.62 55.17
N LYS B 225 38.84 -36.56 55.70
CA LYS B 225 39.22 -37.97 55.80
C LYS B 225 37.93 -38.72 55.55
N ILE B 226 38.04 -39.85 54.86
CA ILE B 226 36.93 -40.79 54.73
C ILE B 226 36.48 -41.18 56.17
N LEU B 227 35.19 -41.15 56.43
CA LEU B 227 34.67 -41.40 57.78
C LEU B 227 34.82 -42.86 58.22
N PHE B 228 34.48 -43.79 57.32
CA PHE B 228 34.37 -45.21 57.63
C PHE B 228 35.18 -46.03 56.60
N PRO B 229 36.50 -45.87 56.63
CA PRO B 229 37.31 -46.62 55.68
C PRO B 229 37.46 -48.10 56.11
N GLY B 230 38.17 -48.85 55.28
CA GLY B 230 38.49 -50.23 55.60
C GLY B 230 38.59 -51.01 54.34
N ARG B 231 39.43 -52.04 54.36
CA ARG B 231 39.66 -52.91 53.20
C ARG B 231 38.44 -53.79 52.86
N ASP B 232 37.53 -53.99 53.82
CA ASP B 232 36.30 -54.78 53.60
C ASP B 232 35.18 -54.29 54.54
N TYR B 233 34.02 -54.93 54.43
CA TYR B 233 32.85 -54.63 55.27
C TYR B 233 33.08 -54.84 56.75
N ILE B 234 33.94 -55.80 57.09
CA ILE B 234 34.19 -56.11 58.49
C ILE B 234 34.92 -54.94 59.14
N ASP B 235 35.98 -54.49 58.47
CA ASP B 235 36.73 -53.31 58.88
CA ASP B 235 36.73 -53.32 58.86
C ASP B 235 35.85 -52.05 58.89
N GLN B 236 34.98 -51.91 57.89
CA GLN B 236 34.11 -50.72 57.80
C GLN B 236 33.14 -50.69 58.96
N TRP B 237 32.57 -51.85 59.29
CA TRP B 237 31.60 -51.91 60.39
C TRP B 237 32.28 -51.47 61.69
N ASN B 238 33.53 -51.91 61.93
CA ASN B 238 34.24 -51.52 63.16
CA ASN B 238 34.23 -51.52 63.15
C ASN B 238 34.39 -50.00 63.25
N LYS B 239 34.69 -49.36 62.12
CA LYS B 239 34.85 -47.90 62.11
C LYS B 239 33.53 -47.18 62.40
N VAL B 240 32.41 -47.77 61.95
CA VAL B 240 31.09 -47.27 62.29
C VAL B 240 30.82 -47.34 63.81
N ILE B 241 30.96 -48.51 64.39
CA ILE B 241 30.65 -48.69 65.81
C ILE B 241 31.62 -47.97 66.77
N GLU B 242 32.90 -47.94 66.38
CA GLU B 242 33.91 -47.18 67.11
C GLU B 242 33.58 -45.69 67.22
N GLN B 243 32.99 -45.14 66.16
CA GLN B 243 32.69 -43.71 66.14
C GLN B 243 31.28 -43.35 66.60
N LEU B 244 30.30 -44.11 66.13
CA LEU B 244 28.90 -43.82 66.42
C LEU B 244 28.30 -44.55 67.59
N GLY B 245 28.97 -45.59 68.08
CA GLY B 245 28.47 -46.43 69.16
C GLY B 245 27.88 -47.73 68.64
N THR B 246 27.82 -48.73 69.51
CA THR B 246 27.10 -49.96 69.23
C THR B 246 25.61 -49.66 69.05
N PRO B 247 24.95 -50.26 68.02
CA PRO B 247 23.52 -49.99 67.87
C PRO B 247 22.64 -50.49 69.04
N CYS B 248 21.45 -49.91 69.16
CA CYS B 248 20.46 -50.30 70.18
C CYS B 248 19.87 -51.68 69.89
N PRO B 249 19.18 -52.28 70.88
CA PRO B 249 18.49 -53.55 70.60
C PRO B 249 17.29 -53.44 69.63
N GLU B 250 16.67 -52.24 69.55
CA GLU B 250 15.62 -51.95 68.58
C GLU B 250 16.14 -52.17 67.15
N PHE B 251 17.39 -51.74 66.91
CA PHE B 251 18.11 -52.09 65.66
C PHE B 251 18.52 -53.55 65.62
N MET B 252 19.17 -54.05 66.68
CA MET B 252 19.71 -55.42 66.67
C MET B 252 18.59 -56.45 66.39
N LYS B 253 17.37 -56.16 66.88
CA LYS B 253 16.19 -57.04 66.70
C LYS B 253 15.64 -57.05 65.26
N LYS B 254 16.01 -56.05 64.48
CA LYS B 254 15.68 -56.00 63.04
C LYS B 254 16.68 -56.76 62.15
N LEU B 255 17.79 -57.24 62.72
CA LEU B 255 18.70 -58.15 62.00
C LEU B 255 18.19 -59.56 62.08
N GLN B 256 18.47 -60.33 61.04
CA GLN B 256 18.25 -61.75 61.13
C GLN B 256 19.26 -62.36 62.11
N PRO B 257 18.91 -63.55 62.69
CA PRO B 257 19.69 -64.10 63.82
C PRO B 257 21.19 -64.27 63.58
N THR B 258 21.56 -64.84 62.43
CA THR B 258 22.96 -65.11 62.15
C THR B 258 23.81 -63.84 62.25
N VAL B 259 23.44 -62.82 61.49
CA VAL B 259 24.27 -61.60 61.37
C VAL B 259 24.35 -60.89 62.73
N ARG B 260 23.22 -60.88 63.44
CA ARG B 260 23.17 -60.42 64.85
C ARG B 260 24.30 -61.00 65.69
N ASN B 261 24.49 -62.32 65.63
CA ASN B 261 25.51 -63.00 66.42
CA ASN B 261 25.50 -62.95 66.46
C ASN B 261 26.86 -62.28 66.29
N TYR B 262 27.34 -62.12 65.05
CA TYR B 262 28.58 -61.37 64.83
C TYR B 262 28.54 -59.88 65.35
N VAL B 263 27.49 -59.14 65.01
CA VAL B 263 27.38 -57.72 65.46
C VAL B 263 27.38 -57.59 66.99
N GLU B 264 26.63 -58.49 67.66
CA GLU B 264 26.48 -58.43 69.12
C GLU B 264 27.71 -58.88 69.86
N ASN B 265 28.51 -59.71 69.20
CA ASN B 265 29.78 -60.17 69.77
C ASN B 265 30.92 -59.12 69.64
N ARG B 266 30.71 -58.02 68.89
CA ARG B 266 31.73 -56.95 68.83
C ARG B 266 31.86 -56.24 70.20
N PRO B 267 33.06 -55.64 70.41
CA PRO B 267 33.28 -54.88 71.67
C PRO B 267 32.30 -53.74 71.75
N LYS B 268 31.80 -53.45 72.96
CA LYS B 268 30.81 -52.42 73.13
C LYS B 268 31.48 -51.07 73.06
N TYR B 269 30.84 -50.14 72.35
CA TYR B 269 31.26 -48.74 72.24
C TYR B 269 30.11 -47.79 72.55
N ALA B 270 30.37 -46.74 73.33
CA ALA B 270 29.36 -45.75 73.66
C ALA B 270 29.15 -44.81 72.47
N GLY B 271 30.19 -44.67 71.65
CA GLY B 271 30.17 -43.73 70.54
C GLY B 271 30.71 -42.40 71.05
N LEU B 272 31.26 -41.62 70.15
CA LEU B 272 31.72 -40.29 70.47
C LEU B 272 30.51 -39.38 70.23
N THR B 273 30.47 -38.28 70.95
CA THR B 273 29.46 -37.30 70.68
C THR B 273 29.81 -36.59 69.37
N PHE B 274 28.82 -35.98 68.74
CA PHE B 274 29.08 -35.26 67.51
C PHE B 274 30.04 -34.09 67.70
N PRO B 275 30.00 -33.43 68.88
CA PRO B 275 31.00 -32.40 69.15
C PRO B 275 32.41 -32.96 69.20
N LYS B 276 32.56 -34.22 69.63
CA LYS B 276 33.86 -34.88 69.61
C LYS B 276 34.26 -35.45 68.27
N LEU B 277 33.29 -35.99 67.53
CA LEU B 277 33.55 -36.47 66.17
C LEU B 277 33.88 -35.33 65.20
N PHE B 278 33.19 -34.20 65.38
CA PHE B 278 33.33 -32.99 64.53
C PHE B 278 33.59 -31.75 65.36
N PRO B 279 34.81 -31.63 65.88
CA PRO B 279 35.06 -30.54 66.81
C PRO B 279 35.10 -29.17 66.16
N ASP B 280 34.90 -28.16 66.99
CA ASP B 280 34.90 -26.76 66.56
C ASP B 280 36.20 -26.41 65.75
N SER B 281 37.32 -27.05 66.07
CA SER B 281 38.62 -26.91 65.36
C SER B 281 38.54 -27.16 63.82
N LEU B 282 37.56 -27.94 63.37
CA LEU B 282 37.34 -28.22 61.94
C LEU B 282 36.63 -27.09 61.18
N PHE B 283 36.03 -26.17 61.93
CA PHE B 283 35.12 -25.16 61.38
C PHE B 283 35.70 -23.74 61.45
N PRO B 284 35.33 -22.90 60.49
CA PRO B 284 35.73 -21.50 60.52
C PRO B 284 35.37 -20.91 61.88
N ALA B 285 36.23 -20.09 62.46
CA ALA B 285 36.03 -19.61 63.82
C ALA B 285 35.81 -18.11 63.92
N ASP B 286 35.54 -17.66 65.16
CA ASP B 286 35.53 -16.24 65.60
C ASP B 286 34.65 -15.21 64.84
N SER B 287 33.56 -15.67 64.25
CA SER B 287 32.42 -14.81 63.91
C SER B 287 31.18 -15.51 64.42
N GLU B 288 30.17 -14.74 64.80
CA GLU B 288 28.92 -15.31 65.33
C GLU B 288 28.25 -16.17 64.31
N HIS B 289 28.32 -15.75 63.05
CA HIS B 289 27.77 -16.52 61.95
C HIS B 289 28.45 -17.89 61.87
N ASN B 290 29.78 -17.88 61.91
CA ASN B 290 30.53 -19.15 61.95
C ASN B 290 30.15 -20.07 63.09
N LYS B 291 30.01 -19.50 64.27
CA LYS B 291 29.65 -20.27 65.47
C LYS B 291 28.31 -20.96 65.31
N LEU B 292 27.32 -20.20 64.86
CA LEU B 292 26.00 -20.73 64.55
C LEU B 292 26.03 -21.84 63.55
N LYS B 293 26.71 -21.60 62.44
CA LYS B 293 26.82 -22.61 61.39
C LYS B 293 27.50 -23.88 61.83
N ALA B 294 28.54 -23.76 62.64
CA ALA B 294 29.25 -24.95 63.14
C ALA B 294 28.25 -25.90 63.81
N SER B 295 27.42 -25.35 64.69
CA SER B 295 26.44 -26.15 65.45
CA SER B 295 26.47 -26.19 65.45
C SER B 295 25.32 -26.67 64.58
N GLN B 296 24.84 -25.84 63.64
CA GLN B 296 23.85 -26.30 62.63
CA GLN B 296 23.83 -26.32 62.68
C GLN B 296 24.37 -27.48 61.78
N ALA B 297 25.61 -27.38 61.30
CA ALA B 297 26.20 -28.46 60.50
C ALA B 297 26.28 -29.77 61.35
N ARG B 298 26.79 -29.64 62.57
CA ARG B 298 26.90 -30.79 63.47
C ARG B 298 25.54 -31.38 63.78
N ASP B 299 24.53 -30.51 63.97
CA ASP B 299 23.20 -30.98 64.17
C ASP B 299 22.69 -31.83 63.01
N LEU B 300 22.83 -31.32 61.77
CA LEU B 300 22.47 -32.09 60.58
C LEU B 300 23.23 -33.43 60.47
N LEU B 301 24.54 -33.39 60.69
CA LEU B 301 25.36 -34.62 60.73
C LEU B 301 24.82 -35.62 61.70
N SER B 302 24.48 -35.15 62.90
CA SER B 302 23.89 -35.98 63.95
C SER B 302 22.58 -36.65 63.55
N LYS B 303 21.87 -36.06 62.60
CA LYS B 303 20.61 -36.63 62.13
C LYS B 303 20.73 -37.54 60.87
N MET B 304 21.81 -37.37 60.10
CA MET B 304 22.06 -38.18 58.89
CA MET B 304 22.03 -38.18 58.88
C MET B 304 22.88 -39.43 59.21
N LEU B 305 23.90 -39.24 60.06
CA LEU B 305 24.82 -40.35 60.52
C LEU B 305 24.23 -41.09 61.71
N VAL B 306 23.15 -41.78 61.41
CA VAL B 306 22.35 -42.51 62.35
C VAL B 306 22.26 -43.92 61.80
N ILE B 307 22.74 -44.87 62.58
CA ILE B 307 22.86 -46.23 62.12
C ILE B 307 21.50 -46.84 61.75
N ASP B 308 20.54 -46.67 62.64
CA ASP B 308 19.23 -47.25 62.48
C ASP B 308 18.41 -46.35 61.58
N PRO B 309 18.04 -46.84 60.37
CA PRO B 309 17.31 -46.01 59.41
C PRO B 309 15.93 -45.56 59.92
N ALA B 310 15.36 -46.26 60.92
CA ALA B 310 14.09 -45.83 61.47
C ALA B 310 14.25 -44.50 62.25
N LYS B 311 15.48 -44.18 62.69
CA LYS B 311 15.78 -42.97 63.47
C LYS B 311 16.47 -41.90 62.66
N ARG B 312 16.75 -42.19 61.38
CA ARG B 312 17.55 -41.35 60.54
C ARG B 312 16.64 -40.36 59.76
N ILE B 313 17.12 -39.13 59.63
CA ILE B 313 16.31 -38.09 58.91
C ILE B 313 15.98 -38.42 57.47
N SER B 314 14.81 -37.99 57.01
CA SER B 314 14.42 -38.15 55.61
C SER B 314 15.01 -37.05 54.74
N VAL B 315 14.93 -37.28 53.43
CA VAL B 315 15.35 -36.31 52.45
C VAL B 315 14.52 -35.01 52.58
N ASP B 316 13.19 -35.12 52.67
CA ASP B 316 12.36 -33.95 52.80
C ASP B 316 12.68 -33.18 54.08
N ASP B 317 12.93 -33.88 55.18
CA ASP B 317 13.24 -33.18 56.43
C ASP B 317 14.64 -32.55 56.41
N ALA B 318 15.58 -33.21 55.77
CA ALA B 318 16.89 -32.61 55.54
C ALA B 318 16.77 -31.31 54.76
N LEU B 319 15.89 -31.27 53.76
CA LEU B 319 15.66 -30.01 53.01
C LEU B 319 15.05 -28.83 53.85
N GLN B 320 14.36 -29.17 54.94
CA GLN B 320 13.84 -28.23 55.93
C GLN B 320 14.83 -27.87 57.05
N HIS B 321 15.94 -28.59 57.17
CA HIS B 321 16.92 -28.30 58.21
C HIS B 321 17.53 -26.90 58.00
N PRO B 322 17.65 -26.11 59.08
CA PRO B 322 18.20 -24.77 58.92
C PRO B 322 19.53 -24.64 58.15
N TYR B 323 20.40 -25.64 58.25
CA TYR B 323 21.66 -25.64 57.52
C TYR B 323 21.47 -25.62 56.01
N ILE B 324 20.44 -26.34 55.54
CA ILE B 324 20.14 -26.52 54.09
C ILE B 324 19.11 -25.53 53.57
N ASN B 325 18.09 -25.23 54.39
CA ASN B 325 16.85 -24.71 53.91
C ASN B 325 17.02 -23.25 53.41
N VAL B 326 18.12 -22.62 53.79
CA VAL B 326 18.48 -21.30 53.28
C VAL B 326 18.41 -21.22 51.75
N TRP B 327 18.77 -22.34 51.10
CA TRP B 327 18.75 -22.43 49.66
C TRP B 327 17.39 -22.74 49.04
N TYR B 328 16.45 -23.18 49.85
CA TYR B 328 15.27 -23.86 49.33
C TYR B 328 14.51 -22.95 48.36
N ASP B 329 14.26 -23.46 47.16
CA ASP B 329 13.43 -22.78 46.18
C ASP B 329 12.44 -23.82 45.63
N PRO B 330 11.12 -23.62 45.85
CA PRO B 330 10.20 -24.65 45.41
C PRO B 330 10.32 -25.05 43.92
N ALA B 331 10.66 -24.08 43.06
CA ALA B 331 10.85 -24.35 41.64
C ALA B 331 11.97 -25.32 41.33
N GLU B 332 12.96 -25.39 42.22
CA GLU B 332 14.05 -26.36 42.10
C GLU B 332 13.73 -27.66 42.79
N VAL B 333 13.03 -27.59 43.92
CA VAL B 333 12.84 -28.76 44.78
C VAL B 333 11.65 -29.62 44.36
N GLU B 334 10.56 -28.97 43.95
CA GLU B 334 9.25 -29.61 43.86
C GLU B 334 8.78 -29.82 42.43
N ALA B 335 9.69 -30.16 41.50
CA ALA B 335 9.28 -30.51 40.11
C ALA B 335 8.61 -31.87 39.98
N PRO B 336 7.74 -32.03 38.95
CA PRO B 336 7.02 -33.29 38.83
C PRO B 336 7.93 -34.48 38.57
N PRO B 337 7.53 -35.67 39.05
CA PRO B 337 8.41 -36.81 38.89
C PRO B 337 8.49 -37.33 37.44
N PRO B 338 9.64 -37.93 37.05
CA PRO B 338 9.74 -38.69 35.81
C PRO B 338 8.72 -39.84 35.77
N GLN B 339 7.93 -39.89 34.72
CA GLN B 339 7.11 -41.06 34.45
C GLN B 339 8.00 -42.03 33.67
N ILE B 340 8.06 -43.28 34.12
CA ILE B 340 8.93 -44.28 33.48
C ILE B 340 8.01 -45.12 32.58
N TYR B 341 8.38 -45.20 31.30
CA TYR B 341 7.61 -45.91 30.28
C TYR B 341 7.55 -47.43 30.48
N ASP B 342 8.68 -48.03 30.89
CA ASP B 342 8.75 -49.47 31.22
C ASP B 342 8.68 -49.70 32.75
N LYS B 343 7.51 -50.15 33.22
CA LYS B 343 7.31 -50.52 34.62
C LYS B 343 8.00 -51.83 35.04
N GLN B 344 8.60 -52.57 34.08
CA GLN B 344 9.40 -53.77 34.38
C GLN B 344 10.90 -53.55 34.19
N LEU B 345 11.31 -52.29 34.01
CA LEU B 345 12.70 -51.94 33.72
C LEU B 345 13.68 -52.65 34.66
N ASP B 346 13.40 -52.56 35.96
CA ASP B 346 14.27 -53.18 36.98
C ASP B 346 14.27 -54.69 36.99
N GLU B 347 13.13 -55.31 36.70
CA GLU B 347 12.90 -56.75 36.92
C GLU B 347 13.20 -57.62 35.72
N ARG B 348 12.70 -57.21 34.56
CA ARG B 348 12.83 -58.02 33.34
C ARG B 348 14.28 -58.53 33.15
N GLU B 349 14.42 -59.78 32.74
CA GLU B 349 15.69 -60.36 32.38
C GLU B 349 15.60 -60.77 30.91
N HIS B 350 16.75 -60.82 30.25
CA HIS B 350 16.82 -61.08 28.81
C HIS B 350 18.11 -61.79 28.48
N THR B 351 18.15 -62.44 27.32
CA THR B 351 19.40 -62.97 26.80
C THR B 351 20.27 -61.82 26.33
N ILE B 352 21.55 -62.10 26.13
CA ILE B 352 22.48 -61.09 25.62
C ILE B 352 22.00 -60.57 24.26
N GLU B 353 21.57 -61.46 23.39
CA GLU B 353 21.13 -61.04 22.05
C GLU B 353 19.87 -60.17 22.16
N GLU B 354 18.98 -60.48 23.09
CA GLU B 354 17.80 -59.61 23.37
C GLU B 354 18.17 -58.22 23.92
N TRP B 355 19.06 -58.19 24.92
CA TRP B 355 19.59 -56.93 25.44
C TRP B 355 20.26 -56.10 24.35
N LYS B 356 21.04 -56.74 23.50
CA LYS B 356 21.75 -56.04 22.45
C LYS B 356 20.77 -55.26 21.54
N GLU B 357 19.70 -55.92 21.12
CA GLU B 357 18.68 -55.27 20.30
C GLU B 357 17.90 -54.19 21.07
N LEU B 358 17.57 -54.43 22.34
CA LEU B 358 16.88 -53.39 23.14
C LEU B 358 17.75 -52.13 23.19
N ILE B 359 19.03 -52.32 23.49
CA ILE B 359 19.97 -51.20 23.57
C ILE B 359 20.11 -50.54 22.21
N TYR B 360 20.35 -51.32 21.18
CA TYR B 360 20.44 -50.81 19.83
C TYR B 360 19.22 -49.93 19.46
N LYS B 361 17.99 -50.40 19.70
CA LYS B 361 16.80 -49.55 19.44
C LYS B 361 16.81 -48.25 20.28
N GLU B 362 17.26 -48.32 21.54
CA GLU B 362 17.36 -47.14 22.36
C GLU B 362 18.33 -46.14 21.75
N VAL B 363 19.47 -46.62 21.28
CA VAL B 363 20.44 -45.74 20.60
C VAL B 363 19.86 -45.13 19.32
N MET B 364 19.19 -45.95 18.49
CA MET B 364 18.65 -45.45 17.20
C MET B 364 17.34 -44.65 17.34
N ASN B 365 16.69 -44.73 18.50
CA ASN B 365 15.34 -44.21 18.73
C ASN B 365 14.30 -44.93 17.85
N ASN C 11 -5.62 -1.23 -50.19
CA ASN C 11 -6.55 -0.07 -50.34
C ASN C 11 -7.82 -0.44 -51.12
N GLN C 12 -8.90 -0.69 -50.38
CA GLN C 12 -10.25 -0.74 -50.97
C GLN C 12 -11.31 -0.42 -49.90
N PHE C 13 -12.29 0.40 -50.28
CA PHE C 13 -13.20 1.06 -49.33
C PHE C 13 -14.67 0.86 -49.68
N TYR C 14 -15.50 0.87 -48.64
CA TYR C 14 -16.96 0.90 -48.80
C TYR C 14 -17.55 1.94 -47.85
N SER C 15 -18.87 2.14 -47.95
CA SER C 15 -19.54 3.24 -47.28
C SER C 15 -20.80 2.78 -46.54
N VAL C 16 -21.00 3.30 -45.32
CA VAL C 16 -22.20 2.98 -44.53
C VAL C 16 -22.64 4.21 -43.76
N GLU C 17 -23.94 4.34 -43.49
CA GLU C 17 -24.43 5.41 -42.63
C GLU C 17 -24.56 4.94 -41.17
N VAL C 18 -24.26 5.86 -40.27
CA VAL C 18 -24.39 5.63 -38.83
C VAL C 18 -24.91 6.93 -38.24
N GLY C 19 -26.24 7.04 -38.18
CA GLY C 19 -26.91 8.29 -37.82
C GLY C 19 -26.95 9.24 -39.00
N ASP C 20 -26.32 10.41 -38.85
CA ASP C 20 -26.18 11.40 -39.94
C ASP C 20 -24.85 11.26 -40.70
N SER C 21 -23.80 10.82 -40.00
CA SER C 21 -22.47 10.66 -40.60
C SER C 21 -22.39 9.42 -41.50
N THR C 22 -21.63 9.56 -42.59
CA THR C 22 -21.26 8.44 -43.47
C THR C 22 -19.83 8.05 -43.13
N PHE C 23 -19.62 6.77 -42.82
CA PHE C 23 -18.27 6.23 -42.56
C PHE C 23 -17.76 5.51 -43.78
N THR C 24 -16.61 5.94 -44.30
CA THR C 24 -15.99 5.29 -45.46
C THR C 24 -14.68 4.63 -45.01
N VAL C 25 -14.70 3.30 -44.97
CA VAL C 25 -13.73 2.52 -44.21
C VAL C 25 -13.16 1.35 -45.02
N LEU C 26 -11.94 0.94 -44.68
CA LEU C 26 -11.34 -0.29 -45.23
C LEU C 26 -12.25 -1.50 -44.99
N LYS C 27 -12.24 -2.43 -45.93
CA LYS C 27 -13.19 -3.55 -45.94
C LYS C 27 -13.01 -4.51 -44.76
N ARG C 28 -11.79 -4.61 -44.23
CA ARG C 28 -11.56 -5.33 -42.98
C ARG C 28 -12.48 -4.93 -41.80
N TYR C 29 -12.92 -3.67 -41.76
CA TYR C 29 -13.82 -3.22 -40.70
C TYR C 29 -15.28 -3.44 -41.12
N GLN C 30 -15.98 -4.32 -40.40
CA GLN C 30 -17.35 -4.74 -40.77
C GLN C 30 -18.39 -4.50 -39.67
N ASN C 31 -19.66 -4.50 -40.08
CA ASN C 31 -20.79 -4.34 -39.17
C ASN C 31 -20.64 -3.11 -38.27
N LEU C 32 -20.51 -1.94 -38.90
CA LEU C 32 -20.35 -0.69 -38.17
C LEU C 32 -21.63 -0.35 -37.41
N LYS C 33 -21.48 0.05 -36.16
CA LYS C 33 -22.61 0.42 -35.32
C LYS C 33 -22.25 1.60 -34.39
N PRO C 34 -23.18 2.56 -34.24
CA PRO C 34 -22.92 3.69 -33.35
C PRO C 34 -22.71 3.30 -31.88
N ILE C 35 -22.03 4.19 -31.17
CA ILE C 35 -21.69 3.97 -29.78
C ILE C 35 -22.59 4.84 -28.90
N GLY C 41 -20.26 11.27 -29.97
CA GLY C 41 -19.45 11.74 -31.08
C GLY C 41 -19.57 10.90 -32.35
N ILE C 42 -18.70 11.20 -33.32
CA ILE C 42 -18.65 10.43 -34.57
C ILE C 42 -17.71 9.25 -34.36
N VAL C 43 -18.18 8.26 -33.60
CA VAL C 43 -17.43 7.05 -33.30
C VAL C 43 -18.34 5.81 -33.44
N CYS C 44 -17.85 4.80 -34.15
CA CYS C 44 -18.55 3.51 -34.34
CA CYS C 44 -18.59 3.54 -34.25
C CYS C 44 -17.78 2.38 -33.68
N ALA C 45 -18.49 1.32 -33.31
CA ALA C 45 -17.89 0.04 -32.96
C ALA C 45 -17.85 -0.77 -34.25
N ALA C 46 -16.82 -1.60 -34.43
CA ALA C 46 -16.77 -2.50 -35.59
C ALA C 46 -16.00 -3.78 -35.28
N TYR C 47 -16.22 -4.81 -36.10
CA TYR C 47 -15.40 -6.01 -36.06
C TYR C 47 -14.30 -5.83 -37.10
N ASP C 48 -13.05 -5.96 -36.64
CA ASP C 48 -11.92 -6.03 -37.55
C ASP C 48 -11.71 -7.51 -37.88
N ALA C 49 -12.06 -7.90 -39.11
CA ALA C 49 -11.94 -9.30 -39.56
C ALA C 49 -10.51 -9.79 -39.76
N VAL C 50 -9.57 -8.86 -39.94
CA VAL C 50 -8.15 -9.18 -40.14
C VAL C 50 -7.46 -9.48 -38.81
N LEU C 51 -7.74 -8.67 -37.79
CA LEU C 51 -7.20 -8.96 -36.46
C LEU C 51 -8.11 -9.83 -35.57
N ASP C 52 -9.34 -10.12 -36.02
CA ASP C 52 -10.29 -10.94 -35.24
C ASP C 52 -10.60 -10.34 -33.88
N ARG C 53 -10.84 -9.02 -33.86
CA ARG C 53 -11.15 -8.34 -32.62
C ARG C 53 -11.99 -7.11 -32.95
N ASN C 54 -12.65 -6.62 -31.91
CA ASN C 54 -13.51 -5.48 -32.06
C ASN C 54 -12.75 -4.20 -31.86
N VAL C 55 -13.14 -3.18 -32.63
CA VAL C 55 -12.46 -1.89 -32.61
C VAL C 55 -13.46 -0.75 -32.52
N ALA C 56 -12.99 0.38 -32.05
CA ALA C 56 -13.73 1.65 -32.18
C ALA C 56 -13.09 2.47 -33.30
N ILE C 57 -13.92 3.12 -34.12
CA ILE C 57 -13.44 3.97 -35.24
C ILE C 57 -13.97 5.40 -35.06
N LYS C 58 -13.04 6.34 -35.00
CA LYS C 58 -13.33 7.77 -34.86
C LYS C 58 -13.06 8.43 -36.18
N LYS C 59 -14.06 9.14 -36.70
CA LYS C 59 -13.95 9.87 -37.95
C LYS C 59 -13.71 11.35 -37.66
N LEU C 60 -12.58 11.87 -38.14
CA LEU C 60 -12.27 13.31 -38.13
C LEU C 60 -12.68 13.87 -39.49
N SER C 61 -13.70 14.74 -39.47
CA SER C 61 -14.22 15.35 -40.69
C SER C 61 -13.48 16.66 -41.01
N ARG C 62 -12.77 16.66 -42.15
CA ARG C 62 -12.01 17.83 -42.63
C ARG C 62 -11.32 18.58 -41.48
N PRO C 63 -10.40 17.88 -40.76
CA PRO C 63 -9.82 18.45 -39.54
C PRO C 63 -8.89 19.65 -39.76
N PHE C 64 -8.54 19.93 -41.01
CA PHE C 64 -7.69 21.05 -41.32
C PHE C 64 -8.57 22.27 -41.61
N GLN C 65 -9.89 22.17 -41.36
CA GLN C 65 -10.88 23.21 -41.75
C GLN C 65 -10.61 24.55 -41.11
N ASN C 66 -10.02 24.56 -39.91
CA ASN C 66 -9.55 25.81 -39.29
C ASN C 66 -8.43 25.50 -38.33
N GLN C 67 -7.78 26.55 -37.82
CA GLN C 67 -6.62 26.38 -36.98
C GLN C 67 -6.92 25.61 -35.69
N THR C 68 -8.13 25.80 -35.13
CA THR C 68 -8.50 25.13 -33.89
C THR C 68 -8.70 23.63 -34.11
N HIS C 69 -9.55 23.23 -35.05
CA HIS C 69 -9.70 21.79 -35.35
C HIS C 69 -8.33 21.21 -35.73
N ALA C 70 -7.55 21.96 -36.51
CA ALA C 70 -6.26 21.46 -37.05
C ALA C 70 -5.25 21.11 -35.94
N LYS C 71 -4.92 22.07 -35.08
CA LYS C 71 -4.01 21.81 -33.95
C LYS C 71 -4.49 20.65 -33.09
N ARG C 72 -5.77 20.59 -32.81
CA ARG C 72 -6.30 19.55 -31.96
C ARG C 72 -6.22 18.13 -32.64
N ALA C 73 -6.59 18.06 -33.90
CA ALA C 73 -6.51 16.80 -34.66
C ALA C 73 -5.04 16.36 -34.81
N TYR C 74 -4.17 17.33 -35.10
CA TYR C 74 -2.75 17.04 -35.28
C TYR C 74 -2.12 16.53 -33.99
N ARG C 75 -2.38 17.25 -32.90
CA ARG C 75 -1.87 16.83 -31.57
C ARG C 75 -2.36 15.42 -31.19
N GLU C 76 -3.66 15.17 -31.38
CA GLU C 76 -4.24 13.85 -31.12
C GLU C 76 -3.50 12.75 -31.91
N LEU C 77 -3.30 12.99 -33.21
CA LEU C 77 -2.67 12.02 -34.07
C LEU C 77 -1.24 11.72 -33.61
N VAL C 78 -0.46 12.78 -33.37
CA VAL C 78 0.94 12.60 -33.03
C VAL C 78 1.06 11.93 -31.65
N LEU C 79 0.23 12.36 -30.69
CA LEU C 79 0.34 11.78 -29.35
C LEU C 79 -0.18 10.35 -29.31
N MET C 80 -1.32 10.08 -29.97
CA MET C 80 -1.84 8.69 -30.10
CA MET C 80 -1.83 8.69 -30.04
C MET C 80 -0.80 7.74 -30.62
N LYS C 81 0.00 8.22 -31.57
CA LYS C 81 1.01 7.36 -32.18
C LYS C 81 2.27 7.23 -31.34
N CYS C 82 2.63 8.29 -30.66
CA CYS C 82 3.90 8.33 -29.95
CA CYS C 82 3.90 8.35 -29.94
C CYS C 82 3.80 7.75 -28.53
N VAL C 83 2.65 7.89 -27.89
CA VAL C 83 2.46 7.41 -26.50
C VAL C 83 1.98 5.97 -26.54
N ASN C 84 2.55 5.16 -25.66
CA ASN C 84 2.28 3.74 -25.60
C ASN C 84 2.29 3.41 -24.10
N HIS C 85 1.10 3.22 -23.53
CA HIS C 85 0.96 2.70 -22.18
C HIS C 85 -0.34 1.97 -22.09
N LYS C 86 -0.36 0.95 -21.25
CA LYS C 86 -1.57 0.13 -21.17
C LYS C 86 -2.80 0.90 -20.67
N ASN C 87 -2.63 2.02 -19.95
CA ASN C 87 -3.80 2.77 -19.43
C ASN C 87 -4.09 4.02 -20.22
N ILE C 88 -3.56 4.07 -21.45
CA ILE C 88 -3.86 5.12 -22.40
C ILE C 88 -4.30 4.40 -23.67
N ILE C 89 -5.33 4.93 -24.30
CA ILE C 89 -5.84 4.35 -25.52
C ILE C 89 -4.78 4.54 -26.62
N SER C 90 -4.63 3.50 -27.39
CA SER C 90 -3.67 3.47 -28.49
C SER C 90 -4.36 3.24 -29.84
N LEU C 91 -3.69 3.73 -30.88
CA LEU C 91 -4.15 3.62 -32.24
C LEU C 91 -3.71 2.24 -32.76
N LEU C 92 -4.71 1.47 -33.18
CA LEU C 92 -4.46 0.27 -33.92
C LEU C 92 -4.17 0.61 -35.39
N ASN C 93 -4.71 1.73 -35.88
CA ASN C 93 -4.60 2.04 -37.31
C ASN C 93 -5.04 3.48 -37.57
N VAL C 94 -4.58 4.05 -38.68
CA VAL C 94 -5.08 5.35 -39.14
C VAL C 94 -5.09 5.29 -40.63
N PHE C 95 -6.19 5.72 -41.23
CA PHE C 95 -6.26 5.82 -42.68
C PHE C 95 -7.16 6.97 -43.11
N THR C 96 -7.04 7.32 -44.38
CA THR C 96 -7.98 8.17 -45.10
C THR C 96 -8.40 7.44 -46.38
N PRO C 97 -9.71 7.43 -46.70
CA PRO C 97 -10.12 6.84 -47.98
C PRO C 97 -9.69 7.65 -49.21
N GLN C 98 -9.39 8.94 -49.06
CA GLN C 98 -9.02 9.78 -50.20
C GLN C 98 -7.58 9.53 -50.68
N LYS C 99 -7.37 9.56 -51.99
CA LYS C 99 -6.13 9.02 -52.62
C LYS C 99 -4.92 9.98 -52.73
N THR C 100 -5.18 11.29 -52.66
CA THR C 100 -4.12 12.31 -52.80
C THR C 100 -4.32 13.44 -51.78
N LEU C 101 -3.28 14.25 -51.62
CA LEU C 101 -3.33 15.51 -50.86
C LEU C 101 -4.49 16.42 -51.28
N GLU C 102 -4.73 16.52 -52.58
CA GLU C 102 -5.66 17.49 -53.13
C GLU C 102 -7.11 17.08 -52.79
N GLU C 103 -7.41 15.78 -52.85
CA GLU C 103 -8.75 15.28 -52.48
C GLU C 103 -8.93 15.02 -50.96
N PHE C 104 -7.84 15.06 -50.20
CA PHE C 104 -7.87 14.69 -48.77
C PHE C 104 -8.99 15.42 -48.01
N GLN C 105 -9.81 14.64 -47.29
CA GLN C 105 -10.94 15.15 -46.51
C GLN C 105 -10.87 14.64 -45.08
N ASP C 106 -10.98 13.31 -44.92
CA ASP C 106 -11.25 12.72 -43.62
C ASP C 106 -10.17 11.76 -43.12
N VAL C 107 -10.00 11.74 -41.80
CA VAL C 107 -9.05 10.88 -41.15
C VAL C 107 -9.85 9.96 -40.25
N TYR C 108 -9.52 8.67 -40.32
CA TYR C 108 -10.17 7.65 -39.50
C TYR C 108 -9.16 7.04 -38.55
N LEU C 109 -9.44 7.14 -37.25
CA LEU C 109 -8.59 6.60 -36.18
C LEU C 109 -9.22 5.30 -35.68
N VAL C 110 -8.44 4.21 -35.67
CA VAL C 110 -8.94 2.90 -35.22
C VAL C 110 -8.27 2.53 -33.91
N MET C 111 -9.11 2.24 -32.91
CA MET C 111 -8.65 1.92 -31.57
CA MET C 111 -8.66 1.93 -31.54
C MET C 111 -9.29 0.63 -31.04
N GLU C 112 -8.71 0.10 -30.00
CA GLU C 112 -9.34 -1.05 -29.30
C GLU C 112 -10.71 -0.62 -28.74
N LEU C 113 -11.69 -1.51 -28.86
CA LEU C 113 -13.04 -1.22 -28.34
C LEU C 113 -13.15 -1.58 -26.86
N MET C 114 -13.50 -0.61 -26.04
CA MET C 114 -13.77 -0.86 -24.64
C MET C 114 -15.27 -1.09 -24.46
N ASP C 115 -15.68 -1.40 -23.24
CA ASP C 115 -17.06 -1.84 -22.99
C ASP C 115 -17.98 -0.75 -22.44
N ALA C 116 -17.41 0.23 -21.77
CA ALA C 116 -18.17 1.32 -21.16
C ALA C 116 -17.25 2.50 -20.84
N ASN C 117 -17.84 3.65 -20.51
CA ASN C 117 -17.02 4.72 -19.90
C ASN C 117 -17.28 4.82 -18.41
N LEU C 118 -16.52 5.67 -17.72
CA LEU C 118 -16.64 5.72 -16.26
C LEU C 118 -18.00 6.25 -15.77
N CYS C 119 -18.73 6.99 -16.60
CA CYS C 119 -20.08 7.48 -16.25
C CYS C 119 -20.98 6.31 -15.87
N GLN C 120 -20.84 5.21 -16.61
CA GLN C 120 -21.58 3.98 -16.35
CA GLN C 120 -21.60 3.97 -16.33
C GLN C 120 -21.14 3.28 -15.05
N VAL C 121 -19.83 3.19 -14.88
CA VAL C 121 -19.25 2.56 -13.69
C VAL C 121 -19.64 3.33 -12.41
N ILE C 122 -19.75 4.65 -12.53
CA ILE C 122 -20.15 5.53 -11.40
C ILE C 122 -21.50 5.20 -10.80
N GLN C 123 -22.40 4.67 -11.62
CA GLN C 123 -23.71 4.30 -11.18
CA GLN C 123 -23.71 4.31 -11.15
C GLN C 123 -23.72 2.92 -10.49
N MET C 124 -22.62 2.19 -10.57
CA MET C 124 -22.51 0.86 -9.99
C MET C 124 -22.02 0.96 -8.55
N GLU C 125 -22.48 0.04 -7.70
CA GLU C 125 -21.87 -0.11 -6.40
C GLU C 125 -20.70 -1.06 -6.56
N LEU C 126 -19.49 -0.58 -6.25
CA LEU C 126 -18.26 -1.36 -6.43
C LEU C 126 -17.68 -1.85 -5.11
N ASP C 127 -17.04 -3.01 -5.17
CA ASP C 127 -16.26 -3.47 -4.06
C ASP C 127 -14.94 -2.69 -3.99
N HIS C 128 -14.25 -2.76 -2.85
CA HIS C 128 -12.99 -2.05 -2.72
C HIS C 128 -11.92 -2.56 -3.71
N GLU C 129 -11.95 -3.85 -4.07
CA GLU C 129 -10.94 -4.39 -4.96
CA GLU C 129 -10.94 -4.41 -4.98
C GLU C 129 -11.02 -3.74 -6.37
N ARG C 130 -12.21 -3.78 -6.97
CA ARG C 130 -12.39 -3.14 -8.25
C ARG C 130 -12.18 -1.61 -8.16
N MET C 131 -12.69 -0.97 -7.11
CA MET C 131 -12.56 0.48 -6.99
C MET C 131 -11.10 0.92 -6.87
N SER C 132 -10.35 0.27 -5.98
CA SER C 132 -8.95 0.61 -5.84
C SER C 132 -8.16 0.30 -7.09
N TYR C 133 -8.49 -0.78 -7.81
CA TYR C 133 -7.81 -1.15 -9.08
C TYR C 133 -8.09 -0.13 -10.20
N LEU C 134 -9.33 0.36 -10.29
CA LEU C 134 -9.67 1.42 -11.28
C LEU C 134 -8.89 2.70 -10.99
N LEU C 135 -8.90 3.13 -9.74
CA LEU C 135 -8.11 4.28 -9.33
C LEU C 135 -6.57 4.11 -9.58
N TYR C 136 -6.03 2.95 -9.23
CA TYR C 136 -4.65 2.63 -9.52
C TYR C 136 -4.28 2.82 -11.01
N GLN C 137 -5.14 2.32 -11.89
CA GLN C 137 -4.89 2.42 -13.30
C GLN C 137 -4.95 3.85 -13.80
N MET C 138 -5.92 4.63 -13.27
CA MET C 138 -6.02 6.01 -13.62
CA MET C 138 -6.03 6.03 -13.59
C MET C 138 -4.73 6.72 -13.23
N LEU C 139 -4.27 6.47 -12.01
CA LEU C 139 -3.04 7.06 -11.52
C LEU C 139 -1.84 6.67 -12.37
N CYS C 140 -1.78 5.40 -12.82
CA CYS C 140 -0.70 4.94 -13.68
C CYS C 140 -0.69 5.63 -15.03
N GLY C 141 -1.87 5.75 -15.64
CA GLY C 141 -1.99 6.48 -16.88
C GLY C 141 -1.57 7.93 -16.73
N ILE C 142 -2.02 8.57 -15.65
CA ILE C 142 -1.66 9.99 -15.43
C ILE C 142 -0.14 10.15 -15.21
N LYS C 143 0.45 9.27 -14.42
CA LYS C 143 1.89 9.28 -14.17
C LYS C 143 2.64 9.21 -15.49
N HIS C 144 2.18 8.33 -16.40
CA HIS C 144 2.84 8.14 -17.67
C HIS C 144 2.74 9.43 -18.51
N LEU C 145 1.52 10.02 -18.58
CA LEU C 145 1.35 11.30 -19.27
C LEU C 145 2.27 12.36 -18.69
N HIS C 146 2.31 12.48 -17.35
CA HIS C 146 3.16 13.52 -16.73
C HIS C 146 4.65 13.30 -17.09
N SER C 147 5.08 12.03 -17.11
CA SER C 147 6.43 11.71 -17.55
C SER C 147 6.72 12.09 -18.97
N ALA C 148 5.74 11.95 -19.86
CA ALA C 148 5.89 12.34 -21.23
C ALA C 148 5.79 13.87 -21.45
N GLY C 149 5.55 14.63 -20.38
CA GLY C 149 5.47 16.11 -20.49
C GLY C 149 4.04 16.62 -20.69
N ILE C 150 3.05 15.79 -20.43
CA ILE C 150 1.66 16.10 -20.69
C ILE C 150 0.91 16.16 -19.35
N ILE C 151 0.46 17.36 -19.02
CA ILE C 151 -0.41 17.56 -17.88
C ILE C 151 -1.82 17.73 -18.45
N HIS C 152 -2.72 16.83 -18.07
CA HIS C 152 -3.94 16.60 -18.83
C HIS C 152 -4.93 17.73 -18.60
N ARG C 153 -5.21 18.03 -17.34
CA ARG C 153 -6.09 19.14 -16.94
C ARG C 153 -7.55 19.01 -17.32
N ASP C 154 -7.97 17.93 -17.98
CA ASP C 154 -9.38 17.78 -18.36
C ASP C 154 -9.86 16.36 -18.14
N LEU C 155 -9.32 15.68 -17.12
CA LEU C 155 -9.77 14.30 -16.89
C LEU C 155 -11.25 14.35 -16.47
N LYS C 156 -12.06 13.42 -16.99
CA LYS C 156 -13.44 13.32 -16.63
C LYS C 156 -13.96 11.91 -16.94
N PRO C 157 -15.09 11.54 -16.36
CA PRO C 157 -15.58 10.13 -16.53
C PRO C 157 -15.88 9.74 -17.97
N SER C 158 -16.36 10.68 -18.78
CA SER C 158 -16.72 10.36 -20.17
C SER C 158 -15.51 10.10 -21.04
N ASN C 159 -14.31 10.55 -20.64
CA ASN C 159 -13.11 10.25 -21.43
CA ASN C 159 -13.07 10.29 -21.40
C ASN C 159 -12.18 9.25 -20.74
N ILE C 160 -12.80 8.37 -19.95
CA ILE C 160 -12.10 7.24 -19.41
C ILE C 160 -12.96 6.01 -19.67
N VAL C 161 -12.37 5.00 -20.28
CA VAL C 161 -13.13 3.83 -20.70
C VAL C 161 -12.61 2.56 -20.02
N VAL C 162 -13.52 1.59 -19.86
CA VAL C 162 -13.28 0.39 -19.12
C VAL C 162 -13.75 -0.84 -19.90
N LYS C 163 -13.09 -1.96 -19.65
CA LYS C 163 -13.46 -3.25 -20.23
C LYS C 163 -13.96 -4.15 -19.12
N SER C 164 -14.73 -5.15 -19.50
CA SER C 164 -15.24 -6.17 -18.59
C SER C 164 -14.21 -6.85 -17.67
N ASP C 165 -12.92 -6.83 -18.05
CA ASP C 165 -11.88 -7.39 -17.18
C ASP C 165 -11.36 -6.33 -16.21
N CYS C 166 -12.07 -5.19 -16.13
CA CYS C 166 -11.76 -4.00 -15.32
C CYS C 166 -10.51 -3.27 -15.71
N THR C 167 -10.05 -3.48 -16.93
CA THR C 167 -8.94 -2.74 -17.44
CA THR C 167 -8.91 -2.70 -17.43
C THR C 167 -9.48 -1.36 -17.82
N LEU C 168 -8.65 -0.35 -17.66
CA LEU C 168 -9.07 1.05 -17.74
C LEU C 168 -8.09 1.81 -18.63
N LYS C 169 -8.62 2.67 -19.51
CA LYS C 169 -7.78 3.49 -20.40
C LYS C 169 -8.34 4.92 -20.47
N ILE C 170 -7.41 5.87 -20.38
CA ILE C 170 -7.70 7.28 -20.64
C ILE C 170 -7.79 7.49 -22.17
N LEU C 171 -8.88 8.12 -22.63
CA LEU C 171 -9.15 8.33 -24.06
C LEU C 171 -8.41 9.45 -24.75
N ASP C 172 -8.03 10.49 -24.01
CA ASP C 172 -7.44 11.64 -24.71
C ASP C 172 -6.30 12.26 -23.94
N PHE C 173 -5.68 13.27 -24.54
CA PHE C 173 -4.51 13.93 -23.96
C PHE C 173 -4.78 15.30 -23.37
N GLY C 174 -6.05 15.65 -23.19
CA GLY C 174 -6.40 16.83 -22.45
C GLY C 174 -6.25 18.13 -23.20
N LEU C 175 -6.18 19.21 -22.43
CA LEU C 175 -6.30 20.58 -22.98
C LEU C 175 -5.07 20.96 -23.74
N ALA C 176 -5.25 21.77 -24.78
CA ALA C 176 -4.12 22.38 -25.47
C ALA C 176 -3.43 23.32 -24.47
N ARG C 177 -2.11 23.21 -24.33
CA ARG C 177 -1.34 24.14 -23.50
C ARG C 177 -1.59 25.55 -24.04
N THR C 178 -1.51 25.66 -25.37
CA THR C 178 -2.10 26.78 -26.14
C THR C 178 -3.59 27.10 -25.83
N ALA C 179 -3.86 27.59 -24.62
CA ALA C 179 -5.11 28.27 -24.22
C ALA C 179 -6.35 27.95 -25.08
N VAL C 190 -19.46 21.10 -23.04
CA VAL C 190 -18.16 21.09 -22.34
C VAL C 190 -18.34 21.04 -20.79
N THR C 191 -17.65 20.12 -20.15
CA THR C 191 -17.91 19.74 -18.75
C THR C 191 -16.84 20.26 -17.78
N ARG C 192 -17.26 21.02 -16.75
CA ARG C 192 -16.40 21.82 -15.85
C ARG C 192 -16.23 21.26 -14.47
N TYR C 193 -16.98 20.21 -14.15
CA TYR C 193 -17.13 19.73 -12.78
C TYR C 193 -15.89 19.19 -12.14
N TYR C 194 -14.92 18.79 -12.97
CA TYR C 194 -13.69 18.13 -12.51
C TYR C 194 -12.46 19.04 -12.60
N ARG C 195 -12.63 20.31 -12.94
CA ARG C 195 -11.52 21.26 -13.11
C ARG C 195 -10.99 21.71 -11.75
N ALA C 196 -9.68 21.79 -11.62
CA ALA C 196 -9.07 22.09 -10.32
C ALA C 196 -9.26 23.57 -9.95
N PRO C 197 -9.36 23.90 -8.63
CA PRO C 197 -9.45 25.30 -8.21
C PRO C 197 -8.35 26.20 -8.85
N GLU C 198 -7.11 25.69 -8.92
CA GLU C 198 -6.05 26.52 -9.41
C GLU C 198 -6.29 26.88 -10.88
N VAL C 199 -7.07 26.05 -11.60
CA VAL C 199 -7.57 26.45 -12.93
C VAL C 199 -8.74 27.44 -12.82
N ILE C 200 -9.75 27.14 -11.99
CA ILE C 200 -10.94 28.04 -11.86
C ILE C 200 -10.53 29.45 -11.45
N LEU C 201 -9.53 29.54 -10.57
CA LEU C 201 -9.07 30.81 -10.03
C LEU C 201 -7.88 31.41 -10.82
N GLY C 202 -7.45 30.75 -11.91
CA GLY C 202 -6.38 31.26 -12.78
C GLY C 202 -5.02 31.41 -12.07
N MET C 203 -4.62 30.42 -11.27
CA MET C 203 -3.40 30.51 -10.42
C MET C 203 -2.14 29.84 -11.05
N GLY C 204 -2.25 29.23 -12.20
CA GLY C 204 -1.09 28.44 -12.68
C GLY C 204 -1.07 27.17 -11.82
N TYR C 205 -0.23 26.23 -12.17
CA TYR C 205 -0.41 24.89 -11.63
C TYR C 205 0.86 24.05 -11.76
N LYS C 206 0.84 22.92 -11.05
CA LYS C 206 1.83 21.86 -11.22
C LYS C 206 1.17 20.50 -11.43
N GLU C 207 1.96 19.43 -11.44
CA GLU C 207 1.37 18.18 -11.90
C GLU C 207 0.17 17.71 -11.06
N ASN C 208 0.12 18.09 -9.78
CA ASN C 208 -0.98 17.58 -8.93
C ASN C 208 -2.30 18.26 -9.22
N VAL C 209 -2.29 19.19 -10.18
CA VAL C 209 -3.54 19.67 -10.79
C VAL C 209 -4.44 18.52 -11.19
N ASP C 210 -3.86 17.44 -11.73
CA ASP C 210 -4.64 16.34 -12.16
C ASP C 210 -5.23 15.51 -10.98
N ILE C 211 -4.57 15.52 -9.81
CA ILE C 211 -5.05 14.80 -8.60
C ILE C 211 -6.39 15.32 -8.14
N TRP C 212 -6.65 16.63 -8.29
CA TRP C 212 -7.97 17.18 -7.94
C TRP C 212 -9.05 16.45 -8.71
N SER C 213 -8.83 16.34 -10.01
CA SER C 213 -9.81 15.68 -10.86
C SER C 213 -9.97 14.20 -10.52
N VAL C 214 -8.89 13.52 -10.12
CA VAL C 214 -9.02 12.13 -9.68
C VAL C 214 -9.87 12.07 -8.38
N GLY C 215 -9.60 13.00 -7.45
CA GLY C 215 -10.42 13.10 -6.22
C GLY C 215 -11.93 13.29 -6.54
N CYS C 216 -12.24 14.14 -7.49
CA CYS C 216 -13.66 14.35 -7.88
C CYS C 216 -14.28 13.09 -8.42
N ILE C 217 -13.53 12.43 -9.29
CA ILE C 217 -13.99 11.16 -9.93
C ILE C 217 -14.22 10.05 -8.88
N MET C 218 -13.25 9.84 -7.99
CA MET C 218 -13.38 8.91 -6.90
C MET C 218 -14.58 9.26 -5.98
N GLY C 219 -14.69 10.53 -5.60
CA GLY C 219 -15.83 10.94 -4.78
C GLY C 219 -17.15 10.61 -5.48
N GLU C 220 -17.20 10.80 -6.79
CA GLU C 220 -18.44 10.50 -7.54
C GLU C 220 -18.65 8.99 -7.65
N MET C 221 -17.56 8.23 -7.77
CA MET C 221 -17.73 6.77 -7.79
C MET C 221 -18.39 6.32 -6.48
N VAL C 222 -18.00 6.94 -5.34
CA VAL C 222 -18.56 6.62 -4.01
C VAL C 222 -20.00 7.11 -3.82
N ARG C 223 -20.25 8.38 -4.22
CA ARG C 223 -21.53 9.02 -4.00
CA ARG C 223 -21.55 8.98 -3.96
C ARG C 223 -22.55 8.71 -5.09
N HIS C 224 -22.05 8.32 -6.27
CA HIS C 224 -22.92 8.07 -7.47
C HIS C 224 -23.62 9.32 -7.99
N LYS C 225 -23.09 10.48 -7.58
CA LYS C 225 -23.55 11.81 -8.03
C LYS C 225 -22.34 12.70 -8.18
N ILE C 226 -22.45 13.70 -9.04
CA ILE C 226 -21.35 14.62 -9.31
C ILE C 226 -21.06 15.39 -8.05
N LEU C 227 -19.79 15.55 -7.69
CA LEU C 227 -19.50 16.19 -6.39
C LEU C 227 -19.77 17.69 -6.45
N PHE C 228 -19.28 18.33 -7.50
CA PHE C 228 -19.34 19.79 -7.61
C PHE C 228 -20.02 20.17 -8.92
N PRO C 229 -21.36 20.02 -8.99
CA PRO C 229 -22.11 20.22 -10.25
C PRO C 229 -22.36 21.72 -10.55
N GLY C 230 -21.31 22.51 -10.69
CA GLY C 230 -21.50 23.96 -10.94
C GLY C 230 -22.14 24.30 -12.28
N ARG C 231 -23.05 25.27 -12.29
CA ARG C 231 -23.68 25.74 -13.54
C ARG C 231 -22.77 26.69 -14.41
N ASP C 232 -21.72 27.22 -13.77
CA ASP C 232 -20.72 28.13 -14.33
C ASP C 232 -19.59 28.13 -13.25
N TYR C 233 -18.47 28.76 -13.53
CA TYR C 233 -17.33 28.78 -12.58
C TYR C 233 -17.62 29.40 -11.19
N ILE C 234 -18.42 30.46 -11.18
CA ILE C 234 -18.83 31.06 -9.92
C ILE C 234 -19.66 30.09 -9.09
N ASP C 235 -20.66 29.48 -9.73
CA ASP C 235 -21.42 28.46 -9.03
C ASP C 235 -20.50 27.29 -8.60
N GLN C 236 -19.52 26.95 -9.44
CA GLN C 236 -18.63 25.78 -9.16
C GLN C 236 -17.83 26.07 -7.87
N TRP C 237 -17.36 27.31 -7.75
CA TRP C 237 -16.56 27.70 -6.58
C TRP C 237 -17.42 27.60 -5.28
N ASN C 238 -18.67 28.03 -5.36
CA ASN C 238 -19.61 27.91 -4.23
C ASN C 238 -19.80 26.48 -3.80
N LYS C 239 -19.90 25.58 -4.79
CA LYS C 239 -20.07 24.12 -4.53
C LYS C 239 -18.87 23.53 -3.82
N VAL C 240 -17.72 24.01 -4.19
CA VAL C 240 -16.47 23.56 -3.58
C VAL C 240 -16.35 24.07 -2.14
N ILE C 241 -16.57 25.36 -1.90
CA ILE C 241 -16.34 25.86 -0.54
C ILE C 241 -17.46 25.41 0.41
N GLU C 242 -18.69 25.26 -0.11
CA GLU C 242 -19.81 24.77 0.71
C GLU C 242 -19.51 23.40 1.30
N GLN C 243 -18.81 22.58 0.53
CA GLN C 243 -18.58 21.20 0.97
C GLN C 243 -17.24 21.01 1.61
N LEU C 244 -16.21 21.72 1.09
CA LEU C 244 -14.87 21.56 1.63
C LEU C 244 -14.47 22.60 2.65
N GLY C 245 -15.21 23.70 2.73
CA GLY C 245 -14.83 24.81 3.54
C GLY C 245 -14.02 25.85 2.81
N THR C 246 -14.15 27.10 3.27
CA THR C 246 -13.38 28.22 2.77
C THR C 246 -11.89 27.94 2.98
N PRO C 247 -11.04 28.20 1.93
CA PRO C 247 -9.62 27.93 2.09
C PRO C 247 -8.94 28.87 3.08
N CYS C 248 -7.74 28.52 3.51
CA CYS C 248 -7.03 29.31 4.49
C CYS C 248 -6.75 30.76 3.99
N PRO C 249 -6.92 31.77 4.90
CA PRO C 249 -6.65 33.20 4.55
C PRO C 249 -5.28 33.37 3.92
N GLU C 250 -4.36 32.48 4.32
CA GLU C 250 -3.12 32.20 3.63
C GLU C 250 -3.27 32.04 2.12
N PHE C 251 -3.87 30.91 1.69
CA PHE C 251 -4.16 30.54 0.27
C PHE C 251 -4.73 31.72 -0.50
N MET C 252 -5.66 32.43 0.10
CA MET C 252 -6.39 33.47 -0.62
C MET C 252 -5.49 34.66 -1.02
N LYS C 253 -4.36 34.80 -0.31
CA LYS C 253 -3.24 35.68 -0.73
C LYS C 253 -2.16 35.01 -1.62
N LYS C 254 -2.44 33.86 -2.23
CA LYS C 254 -1.76 33.44 -3.48
C LYS C 254 -2.42 34.22 -4.63
N LEU C 255 -3.72 34.51 -4.47
CA LEU C 255 -4.60 34.89 -5.57
C LEU C 255 -4.33 36.30 -6.06
N GLN C 256 -4.43 36.46 -7.37
CA GLN C 256 -4.31 37.80 -7.97
C GLN C 256 -5.45 38.71 -7.43
N PRO C 257 -5.18 40.03 -7.30
CA PRO C 257 -6.13 40.94 -6.60
C PRO C 257 -7.60 40.87 -7.06
N THR C 258 -7.79 40.70 -8.37
CA THR C 258 -9.11 40.57 -9.00
C THR C 258 -9.86 39.37 -8.45
N VAL C 259 -9.16 38.27 -8.32
CA VAL C 259 -9.78 37.06 -7.85
C VAL C 259 -9.86 37.08 -6.33
N ARG C 260 -8.77 37.42 -5.68
CA ARG C 260 -8.69 37.53 -4.23
C ARG C 260 -9.87 38.28 -3.64
N ASN C 261 -10.11 39.46 -4.19
CA ASN C 261 -11.17 40.36 -3.66
CA ASN C 261 -11.14 40.34 -3.67
C ASN C 261 -12.49 39.62 -3.64
N TYR C 262 -12.85 38.99 -4.74
CA TYR C 262 -14.08 38.18 -4.76
C TYR C 262 -14.09 37.00 -3.79
N VAL C 263 -13.07 36.18 -3.84
CA VAL C 263 -13.00 35.02 -3.01
C VAL C 263 -13.04 35.32 -1.50
N GLU C 264 -12.34 36.38 -1.07
CA GLU C 264 -12.37 36.82 0.33
C GLU C 264 -13.74 37.34 0.72
N ASN C 265 -14.48 37.90 -0.24
CA ASN C 265 -15.82 38.48 0.04
C ASN C 265 -16.94 37.44 0.15
N ARG C 266 -16.67 36.20 -0.23
CA ARG C 266 -17.65 35.12 -0.04
C ARG C 266 -17.99 34.85 1.46
N PRO C 267 -19.23 34.39 1.75
CA PRO C 267 -19.61 33.80 3.05
C PRO C 267 -18.58 32.77 3.47
N LYS C 268 -18.14 32.80 4.74
CA LYS C 268 -17.16 31.77 5.23
C LYS C 268 -17.87 30.46 5.59
N TYR C 269 -17.38 29.34 5.02
CA TYR C 269 -17.96 28.01 5.20
C TYR C 269 -16.99 27.17 5.95
N ALA C 270 -17.48 26.38 6.91
CA ALA C 270 -16.62 25.48 7.68
C ALA C 270 -16.40 24.21 6.90
N GLY C 271 -17.39 23.77 6.13
CA GLY C 271 -17.21 22.57 5.34
C GLY C 271 -17.67 21.34 6.12
N LEU C 272 -18.05 20.30 5.38
CA LEU C 272 -18.88 19.20 5.92
C LEU C 272 -18.16 18.10 6.72
N THR C 273 -16.85 17.99 6.54
CA THR C 273 -16.05 16.83 7.05
C THR C 273 -16.19 15.62 6.11
N PHE C 274 -15.12 14.85 6.04
CA PHE C 274 -15.10 13.68 5.17
C PHE C 274 -15.99 12.50 5.61
N PRO C 275 -16.12 12.24 6.92
CA PRO C 275 -17.08 11.19 7.27
C PRO C 275 -18.54 11.53 6.94
N LYS C 276 -18.92 12.82 6.91
CA LYS C 276 -20.27 13.20 6.48
C LYS C 276 -20.45 13.07 4.95
N LEU C 277 -19.45 13.51 4.22
CA LEU C 277 -19.47 13.48 2.74
C LEU C 277 -19.49 12.05 2.18
N PHE C 278 -18.68 11.21 2.81
CA PHE C 278 -18.48 9.84 2.39
C PHE C 278 -18.65 8.84 3.55
N PRO C 279 -19.90 8.66 4.04
CA PRO C 279 -20.19 7.75 5.15
C PRO C 279 -20.00 6.26 4.77
N ASP C 280 -19.92 5.38 5.77
CA ASP C 280 -19.72 3.94 5.50
C ASP C 280 -20.90 3.35 4.73
N SER C 281 -22.08 3.97 4.83
CA SER C 281 -23.28 3.52 4.09
C SER C 281 -23.06 3.47 2.56
N LEU C 282 -22.05 4.20 2.08
CA LEU C 282 -21.71 4.22 0.65
C LEU C 282 -20.57 3.26 0.25
N PHE C 283 -20.04 2.51 1.21
CA PHE C 283 -18.93 1.58 0.98
C PHE C 283 -19.34 0.19 1.41
N PRO C 284 -18.73 -0.84 0.80
CA PRO C 284 -18.74 -2.12 1.47
C PRO C 284 -18.12 -1.92 2.85
N ALA C 285 -18.86 -2.25 3.90
CA ALA C 285 -18.39 -1.95 5.27
C ALA C 285 -19.02 -2.86 6.31
N ASP C 286 -18.96 -4.16 6.04
CA ASP C 286 -19.58 -5.17 6.88
C ASP C 286 -18.54 -5.97 7.71
N SER C 287 -17.41 -6.31 7.09
CA SER C 287 -16.31 -7.00 7.75
C SER C 287 -15.36 -5.99 8.36
N GLU C 288 -14.48 -6.45 9.26
CA GLU C 288 -13.35 -5.62 9.74
C GLU C 288 -12.55 -5.07 8.57
N HIS C 289 -12.14 -5.98 7.68
CA HIS C 289 -11.36 -5.59 6.49
C HIS C 289 -12.05 -4.46 5.68
N ASN C 290 -13.32 -4.65 5.37
CA ASN C 290 -14.06 -3.69 4.53
C ASN C 290 -14.24 -2.33 5.23
N LYS C 291 -14.39 -2.36 6.56
CA LYS C 291 -14.38 -1.10 7.34
C LYS C 291 -13.02 -0.38 7.32
N LEU C 292 -11.92 -1.12 7.49
CA LEU C 292 -10.56 -0.56 7.34
C LEU C 292 -10.43 0.12 5.96
N LYS C 293 -10.89 -0.58 4.92
CA LYS C 293 -10.84 -0.03 3.55
C LYS C 293 -11.71 1.24 3.39
N ALA C 294 -12.86 1.30 4.04
CA ALA C 294 -13.68 2.54 4.03
C ALA C 294 -12.90 3.74 4.62
N SER C 295 -12.27 3.55 5.79
CA SER C 295 -11.40 4.58 6.41
C SER C 295 -10.23 4.96 5.48
N GLN C 296 -9.64 3.99 4.81
CA GLN C 296 -8.52 4.24 3.88
C GLN C 296 -8.97 5.03 2.66
N ALA C 297 -10.10 4.63 2.07
CA ALA C 297 -10.63 5.36 0.91
C ALA C 297 -10.98 6.81 1.26
N ARG C 298 -11.61 6.98 2.41
CA ARG C 298 -11.92 8.32 2.90
C ARG C 298 -10.61 9.14 3.14
N ASP C 299 -9.56 8.50 3.66
CA ASP C 299 -8.31 9.19 3.93
C ASP C 299 -7.69 9.65 2.60
N LEU C 300 -7.72 8.79 1.58
CA LEU C 300 -7.24 9.20 0.23
C LEU C 300 -8.07 10.32 -0.34
N LEU C 301 -9.40 10.26 -0.18
CA LEU C 301 -10.27 11.38 -0.61
C LEU C 301 -9.85 12.69 0.11
N SER C 302 -9.61 12.60 1.43
CA SER C 302 -9.21 13.78 2.19
C SER C 302 -7.87 14.42 1.80
N LYS C 303 -7.03 13.65 1.11
CA LYS C 303 -5.76 14.09 0.57
C LYS C 303 -5.82 14.55 -0.91
N MET C 304 -6.85 14.11 -1.66
CA MET C 304 -6.99 14.53 -3.07
C MET C 304 -7.89 15.71 -3.20
N LEU C 305 -9.00 15.70 -2.45
CA LEU C 305 -9.94 16.78 -2.42
C LEU C 305 -9.43 17.87 -1.50
N VAL C 306 -8.42 18.57 -1.97
CA VAL C 306 -7.73 19.63 -1.19
C VAL C 306 -7.60 20.76 -2.10
N ILE C 307 -8.22 21.89 -1.70
CA ILE C 307 -8.22 23.09 -2.56
C ILE C 307 -6.82 23.62 -2.78
N ASP C 308 -6.06 23.71 -1.68
CA ASP C 308 -4.67 24.24 -1.73
C ASP C 308 -3.72 23.19 -2.36
N PRO C 309 -3.19 23.45 -3.57
CA PRO C 309 -2.29 22.46 -4.19
C PRO C 309 -1.02 22.22 -3.37
N ALA C 310 -0.66 23.19 -2.51
CA ALA C 310 0.52 23.01 -1.63
C ALA C 310 0.30 21.91 -0.59
N LYS C 311 -0.97 21.53 -0.34
CA LYS C 311 -1.31 20.51 0.65
C LYS C 311 -1.94 19.22 0.08
N ARG C 312 -2.21 19.23 -1.21
CA ARG C 312 -2.86 18.13 -1.92
C ARG C 312 -1.79 17.11 -2.34
N ILE C 313 -2.12 15.83 -2.19
CA ILE C 313 -1.20 14.71 -2.45
C ILE C 313 -0.76 14.68 -3.93
N SER C 314 0.50 14.25 -4.16
CA SER C 314 1.00 14.08 -5.53
C SER C 314 0.54 12.73 -6.09
N VAL C 315 0.70 12.57 -7.40
CA VAL C 315 0.48 11.24 -8.03
C VAL C 315 1.36 10.18 -7.42
N ASP C 316 2.66 10.46 -7.26
CA ASP C 316 3.58 9.47 -6.70
C ASP C 316 3.18 9.04 -5.30
N ASP C 317 2.77 9.99 -4.47
CA ASP C 317 2.39 9.65 -3.09
C ASP C 317 1.02 8.94 -3.05
N ALA C 318 0.11 9.28 -3.97
CA ALA C 318 -1.16 8.59 -4.08
C ALA C 318 -1.02 7.13 -4.47
N LEU C 319 -0.04 6.84 -5.33
CA LEU C 319 0.23 5.48 -5.69
C LEU C 319 0.76 4.66 -4.49
N GLN C 320 1.34 5.35 -3.49
CA GLN C 320 1.85 4.72 -2.26
C GLN C 320 0.86 4.68 -1.12
N HIS C 321 -0.30 5.26 -1.33
CA HIS C 321 -1.31 5.30 -0.32
C HIS C 321 -1.83 3.92 -0.08
N PRO C 322 -2.11 3.60 1.20
CA PRO C 322 -2.61 2.24 1.51
C PRO C 322 -3.84 1.75 0.73
N TYR C 323 -4.73 2.63 0.33
CA TYR C 323 -5.87 2.20 -0.52
C TYR C 323 -5.48 1.69 -1.92
N ILE C 324 -4.38 2.20 -2.46
CA ILE C 324 -3.97 2.00 -3.84
C ILE C 324 -2.79 1.05 -3.93
N ASN C 325 -1.93 1.04 -2.90
CA ASN C 325 -0.57 0.50 -3.03
CA ASN C 325 -0.58 0.51 -3.07
C ASN C 325 -0.55 -1.02 -3.21
N VAL C 326 -1.65 -1.70 -2.80
CA VAL C 326 -1.73 -3.17 -3.00
C VAL C 326 -1.47 -3.56 -4.47
N TRP C 327 -1.90 -2.70 -5.39
CA TRP C 327 -1.70 -2.91 -6.80
C TRP C 327 -0.35 -2.48 -7.35
N TYR C 328 0.46 -1.79 -6.53
CA TYR C 328 1.62 -1.11 -7.02
C TYR C 328 2.61 -2.13 -7.60
N ASP C 329 3.00 -1.91 -8.87
CA ASP C 329 3.95 -2.77 -9.60
C ASP C 329 4.96 -1.87 -10.37
N PRO C 330 6.27 -1.93 -10.03
CA PRO C 330 7.34 -1.24 -10.79
C PRO C 330 7.23 -1.18 -12.33
N ALA C 331 6.84 -2.27 -12.97
CA ALA C 331 6.77 -2.35 -14.43
C ALA C 331 5.82 -1.34 -15.06
N GLU C 332 4.75 -0.98 -14.34
CA GLU C 332 3.67 -0.13 -14.89
C GLU C 332 3.82 1.38 -14.57
N VAL C 333 4.83 1.70 -13.74
CA VAL C 333 5.07 3.05 -13.22
C VAL C 333 6.55 3.48 -13.26
N GLU C 334 7.48 2.62 -12.83
CA GLU C 334 8.91 2.99 -12.76
C GLU C 334 9.73 2.78 -14.06
N ALA C 335 9.06 2.89 -15.21
CA ALA C 335 9.71 2.86 -16.53
C ALA C 335 9.27 4.13 -17.31
N PRO C 336 9.94 5.28 -17.06
CA PRO C 336 9.46 6.52 -17.69
C PRO C 336 9.70 6.61 -19.21
N PRO C 337 8.69 7.08 -19.97
CA PRO C 337 8.89 7.37 -21.38
C PRO C 337 9.75 8.63 -21.53
N PRO C 338 10.23 8.91 -22.74
CA PRO C 338 10.92 10.19 -22.98
C PRO C 338 9.92 11.35 -22.99
N GLN C 339 10.39 12.57 -22.72
CA GLN C 339 9.55 13.75 -22.83
C GLN C 339 9.26 14.05 -24.31
N ILE C 340 8.01 14.36 -24.63
CA ILE C 340 7.63 14.75 -26.00
C ILE C 340 8.10 16.20 -26.22
N TYR C 341 8.59 16.50 -27.42
CA TYR C 341 9.14 17.83 -27.75
C TYR C 341 8.21 18.73 -28.60
N ASP C 342 7.28 19.44 -27.93
CA ASP C 342 6.58 20.60 -28.52
C ASP C 342 6.85 21.84 -27.66
N GLU C 349 0.24 32.52 -36.96
CA GLU C 349 -0.77 32.13 -37.94
C GLU C 349 -0.12 31.26 -39.01
N HIS C 350 -0.54 30.01 -39.12
CA HIS C 350 -0.26 29.18 -40.30
C HIS C 350 -1.53 28.90 -41.13
N THR C 351 -1.36 28.69 -42.42
CA THR C 351 -2.52 28.59 -43.35
C THR C 351 -3.29 27.25 -43.27
N ILE C 352 -4.48 27.23 -43.85
CA ILE C 352 -5.26 25.99 -44.05
C ILE C 352 -4.46 24.96 -44.90
N GLU C 353 -3.80 25.46 -45.93
CA GLU C 353 -3.06 24.61 -46.83
C GLU C 353 -1.88 23.93 -46.11
N GLU C 354 -1.19 24.70 -45.27
CA GLU C 354 -0.10 24.19 -44.41
C GLU C 354 -0.59 23.13 -43.43
N TRP C 355 -1.73 23.39 -42.76
CA TRP C 355 -2.34 22.39 -41.86
C TRP C 355 -2.83 21.14 -42.58
N LYS C 356 -3.34 21.32 -43.80
CA LYS C 356 -3.82 20.19 -44.57
C LYS C 356 -2.63 19.25 -44.83
N GLU C 357 -1.52 19.89 -45.28
CA GLU C 357 -0.30 19.17 -45.62
C GLU C 357 0.36 18.50 -44.43
N LEU C 358 0.40 19.19 -43.29
CA LEU C 358 1.00 18.64 -42.06
C LEU C 358 0.20 17.43 -41.57
N ILE C 359 -1.13 17.51 -41.59
CA ILE C 359 -1.98 16.43 -41.16
C ILE C 359 -1.91 15.26 -42.15
N TYR C 360 -2.07 15.55 -43.45
CA TYR C 360 -1.91 14.49 -44.48
C TYR C 360 -0.58 13.73 -44.32
N LYS C 361 0.53 14.45 -44.32
CA LYS C 361 1.86 13.82 -44.23
C LYS C 361 2.01 12.95 -42.99
N GLU C 362 1.47 13.42 -41.87
CA GLU C 362 1.43 12.65 -40.64
C GLU C 362 0.57 11.40 -40.79
N VAL C 363 -0.57 11.50 -41.48
CA VAL C 363 -1.44 10.33 -41.70
C VAL C 363 -0.71 9.31 -42.57
N MET C 364 -0.05 9.83 -43.62
CA MET C 364 0.65 9.01 -44.59
C MET C 364 2.02 8.51 -44.10
N ASN C 365 2.53 9.10 -43.01
CA ASN C 365 3.89 8.93 -42.49
C ASN C 365 4.93 8.58 -43.53
N ASN D 11 24.31 70.33 -8.25
CA ASN D 11 23.02 70.63 -7.57
C ASN D 11 23.22 70.83 -6.06
N GLN D 12 22.12 71.12 -5.36
CA GLN D 12 22.14 71.30 -3.90
C GLN D 12 20.78 70.90 -3.32
N PHE D 13 20.75 69.82 -2.53
CA PHE D 13 19.51 69.22 -2.03
C PHE D 13 19.29 69.42 -0.53
N TYR D 14 18.05 69.24 -0.09
CA TYR D 14 17.68 69.22 1.34
C TYR D 14 16.48 68.29 1.59
N SER D 15 16.48 67.63 2.74
CA SER D 15 15.45 66.65 3.09
C SER D 15 14.39 67.27 4.00
N VAL D 16 13.12 67.16 3.61
CA VAL D 16 11.99 67.63 4.41
C VAL D 16 10.87 66.58 4.46
N GLU D 17 10.12 66.59 5.56
CA GLU D 17 9.18 65.53 5.90
C GLU D 17 7.75 65.84 5.48
N VAL D 18 7.30 65.17 4.41
CA VAL D 18 5.87 65.13 4.04
C VAL D 18 5.21 63.93 4.76
N GLY D 19 3.94 63.64 4.41
CA GLY D 19 3.16 62.48 4.93
C GLY D 19 3.83 61.54 5.94
N ASP D 20 4.48 60.50 5.44
CA ASP D 20 5.40 59.67 6.24
C ASP D 20 6.67 59.35 5.41
N SER D 21 7.07 60.30 4.57
CA SER D 21 8.13 60.11 3.57
C SER D 21 9.07 61.30 3.58
N THR D 22 10.37 61.03 3.61
CA THR D 22 11.38 62.08 3.42
C THR D 22 11.44 62.44 1.93
N PHE D 23 11.32 63.73 1.61
CA PHE D 23 11.51 64.24 0.24
C PHE D 23 12.87 64.94 0.13
N THR D 24 13.83 64.29 -0.54
CA THR D 24 15.17 64.87 -0.74
C THR D 24 15.22 65.56 -2.11
N VAL D 25 15.03 66.88 -2.11
CA VAL D 25 14.76 67.67 -3.33
C VAL D 25 15.73 68.83 -3.55
N LEU D 26 15.80 69.29 -4.81
CA LEU D 26 16.65 70.44 -5.18
C LEU D 26 16.23 71.67 -4.37
N LYS D 27 17.21 72.45 -3.89
CA LYS D 27 16.97 73.61 -3.00
C LYS D 27 15.90 74.58 -3.51
N ARG D 28 15.84 74.79 -4.83
CA ARG D 28 14.76 75.58 -5.47
C ARG D 28 13.33 75.21 -5.02
N TYR D 29 13.08 73.96 -4.69
CA TYR D 29 11.73 73.53 -4.28
C TYR D 29 11.45 73.86 -2.80
N GLN D 30 10.51 74.78 -2.59
CA GLN D 30 10.24 75.37 -1.28
C GLN D 30 8.85 74.99 -0.76
N ASN D 31 8.75 74.91 0.56
CA ASN D 31 7.48 74.91 1.29
C ASN D 31 6.59 73.75 0.86
N LEU D 32 7.17 72.56 0.95
CA LEU D 32 6.50 71.36 0.53
C LEU D 32 5.33 71.07 1.45
N LYS D 33 4.23 70.63 0.85
CA LYS D 33 2.99 70.38 1.56
C LYS D 33 2.28 69.19 0.93
N PRO D 34 1.72 68.28 1.77
CA PRO D 34 1.04 67.11 1.24
C PRO D 34 -0.25 67.45 0.49
N ILE D 35 -0.54 66.69 -0.56
CA ILE D 35 -1.75 66.82 -1.35
C ILE D 35 -2.66 65.65 -1.02
N GLY D 41 -1.28 59.32 -2.84
CA GLY D 41 0.07 58.74 -2.91
C GLY D 41 1.17 59.71 -2.48
N ILE D 42 2.42 59.30 -2.72
CA ILE D 42 3.61 60.10 -2.33
C ILE D 42 3.83 61.30 -3.27
N VAL D 43 2.96 62.30 -3.12
CA VAL D 43 3.02 63.51 -3.95
C VAL D 43 2.76 64.75 -3.10
N CYS D 44 3.54 65.79 -3.33
CA CYS D 44 3.43 67.01 -2.55
C CYS D 44 3.46 68.24 -3.45
N ALA D 45 2.82 69.31 -2.96
CA ALA D 45 2.84 70.61 -3.60
C ALA D 45 4.02 71.40 -3.05
N ALA D 46 4.61 72.22 -3.92
CA ALA D 46 5.80 72.97 -3.62
C ALA D 46 5.79 74.28 -4.38
N TYR D 47 6.51 75.27 -3.86
CA TYR D 47 6.83 76.47 -4.61
C TYR D 47 8.21 76.28 -5.27
N ASP D 48 8.26 76.43 -6.60
CA ASP D 48 9.53 76.58 -7.33
C ASP D 48 9.94 78.06 -7.32
N ALA D 49 11.14 78.35 -6.77
CA ALA D 49 11.70 79.71 -6.74
C ALA D 49 12.19 80.16 -8.12
N VAL D 50 12.81 79.24 -8.86
CA VAL D 50 13.03 79.41 -10.32
C VAL D 50 11.65 79.14 -10.96
N LEU D 51 11.36 79.72 -12.13
CA LEU D 51 10.00 79.76 -12.70
C LEU D 51 8.99 80.63 -11.91
N ASP D 52 9.11 80.68 -10.57
CA ASP D 52 8.21 81.45 -9.70
C ASP D 52 6.80 80.91 -9.88
N ARG D 53 6.70 79.58 -9.73
CA ARG D 53 5.51 78.82 -10.08
C ARG D 53 5.36 77.74 -9.02
N ASN D 54 4.13 77.29 -8.82
CA ASN D 54 3.84 76.20 -7.92
C ASN D 54 3.85 74.90 -8.73
N VAL D 55 4.36 73.84 -8.10
CA VAL D 55 4.58 72.55 -8.75
C VAL D 55 4.17 71.43 -7.83
N ALA D 56 4.00 70.24 -8.43
CA ALA D 56 3.77 69.02 -7.71
C ALA D 56 4.99 68.13 -7.92
N ILE D 57 5.37 67.42 -6.87
CA ILE D 57 6.55 66.61 -6.90
C ILE D 57 6.14 65.19 -6.53
N LYS D 58 6.46 64.25 -7.43
CA LYS D 58 6.16 62.82 -7.22
C LYS D 58 7.48 62.12 -7.00
N LYS D 59 7.55 61.43 -5.86
CA LYS D 59 8.68 60.62 -5.49
C LYS D 59 8.37 59.17 -5.91
N LEU D 60 9.23 58.61 -6.77
CA LEU D 60 9.27 57.16 -7.05
C LEU D 60 10.41 56.55 -6.22
N SER D 61 10.05 55.65 -5.30
CA SER D 61 11.01 54.97 -4.43
C SER D 61 11.43 53.64 -5.08
N ARG D 62 12.72 53.54 -5.45
CA ARG D 62 13.28 52.31 -6.04
C ARG D 62 12.31 51.77 -7.09
N PRO D 63 12.05 52.56 -8.15
CA PRO D 63 11.07 52.10 -9.14
C PRO D 63 11.53 50.84 -9.92
N PHE D 64 12.81 50.46 -9.76
CA PHE D 64 13.37 49.27 -10.37
C PHE D 64 13.27 48.06 -9.40
N GLN D 65 12.59 48.24 -8.27
CA GLN D 65 12.49 47.18 -7.23
C GLN D 65 11.99 45.83 -7.70
N ASN D 66 11.12 45.80 -8.71
CA ASN D 66 10.74 44.54 -9.39
C ASN D 66 10.33 44.85 -10.82
N GLN D 67 10.16 43.83 -11.63
CA GLN D 67 9.95 44.06 -13.07
C GLN D 67 8.63 44.78 -13.38
N THR D 68 7.59 44.51 -12.60
CA THR D 68 6.30 45.17 -12.77
C THR D 68 6.36 46.67 -12.43
N HIS D 69 6.91 47.03 -11.26
CA HIS D 69 7.15 48.44 -10.93
C HIS D 69 8.05 49.09 -11.99
N ALA D 70 9.08 48.35 -12.46
CA ALA D 70 10.08 48.90 -13.40
C ALA D 70 9.51 49.20 -14.79
N LYS D 71 8.74 48.25 -15.34
CA LYS D 71 8.08 48.47 -16.64
C LYS D 71 7.17 49.66 -16.59
N ARG D 72 6.46 49.83 -15.47
CA ARG D 72 5.48 50.88 -15.31
C ARG D 72 6.11 52.25 -15.14
N ALA D 73 7.11 52.34 -14.26
CA ALA D 73 7.76 53.63 -14.03
C ALA D 73 8.63 54.04 -15.24
N TYR D 74 9.16 53.06 -15.98
CA TYR D 74 9.95 53.34 -17.18
C TYR D 74 9.03 53.88 -18.30
N ARG D 75 7.87 53.23 -18.47
CA ARG D 75 6.87 53.68 -19.46
C ARG D 75 6.37 55.07 -19.09
N GLU D 76 6.03 55.29 -17.81
CA GLU D 76 5.55 56.62 -17.36
C GLU D 76 6.57 57.68 -17.71
N LEU D 77 7.86 57.40 -17.46
CA LEU D 77 8.93 58.36 -17.77
C LEU D 77 9.13 58.63 -19.28
N VAL D 78 9.26 57.56 -20.09
CA VAL D 78 9.52 57.71 -21.52
C VAL D 78 8.33 58.47 -22.18
N LEU D 79 7.10 58.10 -21.83
CA LEU D 79 5.92 58.75 -22.47
C LEU D 79 5.71 60.17 -21.99
N MET D 80 5.91 60.40 -20.70
CA MET D 80 5.75 61.75 -20.15
CA MET D 80 5.79 61.75 -20.11
C MET D 80 6.77 62.72 -20.76
N LYS D 81 7.94 62.23 -21.14
CA LYS D 81 8.89 63.03 -21.90
C LYS D 81 8.50 63.11 -23.38
N CYS D 82 8.01 62.02 -23.97
CA CYS D 82 7.71 61.98 -25.40
C CYS D 82 6.41 62.72 -25.78
N VAL D 83 5.38 62.63 -24.93
CA VAL D 83 4.05 63.14 -25.25
C VAL D 83 3.97 64.62 -24.91
N ASN D 84 3.33 65.38 -25.79
CA ASN D 84 3.16 66.78 -25.59
C ASN D 84 1.77 67.10 -26.10
N HIS D 85 0.86 67.37 -25.18
CA HIS D 85 -0.47 67.87 -25.52
C HIS D 85 -1.03 68.63 -24.34
N LYS D 86 -1.80 69.67 -24.61
CA LYS D 86 -2.31 70.51 -23.52
C LYS D 86 -3.28 69.83 -22.54
N ASN D 87 -3.85 68.70 -22.91
CA ASN D 87 -4.74 67.95 -22.02
C ASN D 87 -4.10 66.67 -21.45
N ILE D 88 -2.76 66.63 -21.53
CA ILE D 88 -1.94 65.59 -20.91
C ILE D 88 -0.89 66.25 -20.05
N ILE D 89 -0.79 65.85 -18.80
CA ILE D 89 0.15 66.46 -17.88
C ILE D 89 1.58 66.33 -18.43
N SER D 90 2.37 67.36 -18.26
CA SER D 90 3.74 67.34 -18.75
C SER D 90 4.79 67.47 -17.64
N LEU D 91 5.98 67.02 -17.97
CA LEU D 91 7.07 66.98 -17.05
C LEU D 91 7.80 68.30 -17.16
N LEU D 92 7.93 69.01 -16.04
CA LEU D 92 8.78 70.20 -15.92
C LEU D 92 10.23 69.85 -15.62
N ASN D 93 10.45 68.86 -14.74
CA ASN D 93 11.78 68.42 -14.39
C ASN D 93 11.74 66.94 -13.96
N VAL D 94 12.89 66.27 -14.07
CA VAL D 94 13.11 64.98 -13.42
C VAL D 94 14.53 64.92 -12.89
N PHE D 95 14.70 64.46 -11.66
CA PHE D 95 16.03 64.33 -11.07
C PHE D 95 16.10 63.17 -10.09
N THR D 96 17.32 62.78 -9.74
CA THR D 96 17.58 61.95 -8.57
C THR D 96 18.62 62.68 -7.74
N PRO D 97 18.48 62.67 -6.41
CA PRO D 97 19.58 63.20 -5.58
C PRO D 97 20.84 62.33 -5.57
N GLN D 98 20.75 61.06 -5.95
CA GLN D 98 21.91 60.18 -5.89
C GLN D 98 22.86 60.48 -7.06
N LYS D 99 24.15 60.34 -6.80
CA LYS D 99 25.21 60.84 -7.71
C LYS D 99 25.68 59.79 -8.73
N THR D 100 25.51 58.50 -8.39
CA THR D 100 25.99 57.39 -9.22
C THR D 100 24.89 56.35 -9.45
N LEU D 101 25.09 55.52 -10.46
CA LEU D 101 24.26 54.37 -10.74
C LEU D 101 24.21 53.44 -9.53
N GLU D 102 25.35 53.22 -8.87
CA GLU D 102 25.41 52.27 -7.76
C GLU D 102 24.58 52.78 -6.58
N GLU D 103 24.69 54.08 -6.31
CA GLU D 103 23.94 54.73 -5.23
C GLU D 103 22.47 54.95 -5.62
N PHE D 104 22.18 54.92 -6.93
CA PHE D 104 20.85 55.32 -7.44
C PHE D 104 19.71 54.61 -6.75
N GLN D 105 18.75 55.39 -6.28
CA GLN D 105 17.62 54.87 -5.51
C GLN D 105 16.27 55.48 -5.90
N ASP D 106 16.14 56.80 -5.82
CA ASP D 106 14.83 57.46 -5.99
C ASP D 106 14.81 58.40 -7.20
N VAL D 107 13.62 58.51 -7.81
CA VAL D 107 13.39 59.47 -8.91
C VAL D 107 12.27 60.43 -8.51
N TYR D 108 12.45 61.70 -8.85
CA TYR D 108 11.52 62.77 -8.51
C TYR D 108 11.03 63.42 -9.82
N LEU D 109 9.71 63.43 -10.01
CA LEU D 109 9.07 63.96 -11.20
C LEU D 109 8.38 65.25 -10.79
N VAL D 110 8.77 66.35 -11.42
CA VAL D 110 8.19 67.65 -11.13
C VAL D 110 7.21 68.04 -12.26
N MET D 111 5.99 68.40 -11.84
CA MET D 111 4.93 68.83 -12.78
C MET D 111 4.25 70.15 -12.39
N GLU D 112 3.47 70.70 -13.32
CA GLU D 112 2.65 71.88 -13.02
C GLU D 112 1.64 71.50 -11.94
N LEU D 113 1.53 72.34 -10.90
CA LEU D 113 0.53 72.10 -9.85
C LEU D 113 -0.84 72.54 -10.35
N MET D 114 -1.77 71.61 -10.40
CA MET D 114 -3.18 71.90 -10.69
C MET D 114 -3.91 72.09 -9.36
N ASP D 115 -5.18 72.48 -9.45
CA ASP D 115 -5.89 73.00 -8.27
C ASP D 115 -6.70 71.92 -7.59
N ALA D 116 -7.10 70.91 -8.37
CA ALA D 116 -7.99 69.87 -7.90
C ALA D 116 -7.95 68.68 -8.86
N ASN D 117 -8.53 67.55 -8.43
CA ASN D 117 -8.85 66.50 -9.37
C ASN D 117 -10.37 66.44 -9.59
N LEU D 118 -10.79 65.62 -10.53
CA LEU D 118 -12.19 65.56 -10.90
C LEU D 118 -13.10 64.98 -9.81
N CYS D 119 -12.53 64.28 -8.81
CA CYS D 119 -13.35 63.85 -7.67
C CYS D 119 -14.03 65.05 -7.02
N GLN D 120 -13.28 66.15 -6.88
CA GLN D 120 -13.78 67.38 -6.34
C GLN D 120 -14.85 68.02 -7.24
N VAL D 121 -14.58 68.03 -8.55
CA VAL D 121 -15.48 68.62 -9.56
C VAL D 121 -16.82 67.88 -9.64
N ILE D 122 -16.77 66.59 -9.43
CA ILE D 122 -17.95 65.75 -9.43
C ILE D 122 -19.02 66.18 -8.40
N GLN D 123 -18.59 66.70 -7.25
CA GLN D 123 -19.52 67.11 -6.22
C GLN D 123 -20.17 68.47 -6.54
N MET D 124 -19.68 69.15 -7.58
CA MET D 124 -20.21 70.49 -8.00
C MET D 124 -21.37 70.35 -8.97
N GLU D 125 -22.34 71.25 -8.89
CA GLU D 125 -23.34 71.38 -9.94
C GLU D 125 -22.78 72.30 -11.02
N LEU D 126 -22.58 71.75 -12.22
CA LEU D 126 -21.92 72.47 -13.34
C LEU D 126 -22.92 72.93 -14.38
N ASP D 127 -22.71 74.14 -14.90
CA ASP D 127 -23.44 74.56 -16.10
C ASP D 127 -22.99 73.75 -17.31
N HIS D 128 -23.77 73.85 -18.38
CA HIS D 128 -23.45 73.07 -19.58
C HIS D 128 -22.14 73.50 -20.29
N GLU D 129 -21.80 74.77 -20.20
CA GLU D 129 -20.61 75.27 -20.88
CA GLU D 129 -20.64 75.28 -20.86
C GLU D 129 -19.36 74.67 -20.23
N ARG D 130 -19.31 74.61 -18.89
CA ARG D 130 -18.16 74.08 -18.17
C ARG D 130 -18.10 72.56 -18.33
N MET D 131 -19.25 71.90 -18.16
CA MET D 131 -19.31 70.46 -18.28
C MET D 131 -18.88 70.02 -19.66
N SER D 132 -19.48 70.63 -20.69
CA SER D 132 -19.16 70.24 -22.06
C SER D 132 -17.68 70.52 -22.40
N TYR D 133 -17.16 71.63 -21.92
CA TYR D 133 -15.74 71.94 -22.14
C TYR D 133 -14.79 70.97 -21.46
N LEU D 134 -15.10 70.58 -20.21
CA LEU D 134 -14.31 69.53 -19.52
C LEU D 134 -14.29 68.22 -20.32
N LEU D 135 -15.44 67.86 -20.87
CA LEU D 135 -15.56 66.64 -21.65
C LEU D 135 -14.80 66.71 -22.97
N TYR D 136 -14.91 67.85 -23.64
CA TYR D 136 -14.18 68.09 -24.86
C TYR D 136 -12.68 67.94 -24.62
N GLN D 137 -12.18 68.50 -23.52
CA GLN D 137 -10.74 68.36 -23.20
C GLN D 137 -10.32 66.90 -22.92
N MET D 138 -11.17 66.17 -22.18
CA MET D 138 -10.92 64.75 -21.93
CA MET D 138 -10.92 64.74 -21.92
C MET D 138 -10.82 64.02 -23.26
N LEU D 139 -11.80 64.27 -24.15
CA LEU D 139 -11.81 63.61 -25.45
C LEU D 139 -10.60 63.97 -26.33
N CYS D 140 -10.23 65.24 -26.32
CA CYS D 140 -9.00 65.67 -27.03
C CYS D 140 -7.77 64.93 -26.51
N GLY D 141 -7.64 64.84 -25.19
CA GLY D 141 -6.51 64.12 -24.57
C GLY D 141 -6.46 62.66 -25.00
N ILE D 142 -7.62 62.01 -24.95
CA ILE D 142 -7.73 60.61 -25.36
C ILE D 142 -7.42 60.45 -26.86
N LYS D 143 -7.95 61.35 -27.69
CA LYS D 143 -7.67 61.29 -29.13
C LYS D 143 -6.18 61.35 -29.37
N HIS D 144 -5.51 62.19 -28.61
CA HIS D 144 -4.09 62.38 -28.83
C HIS D 144 -3.36 61.08 -28.42
N LEU D 145 -3.74 60.51 -27.28
CA LEU D 145 -3.15 59.26 -26.85
C LEU D 145 -3.37 58.17 -27.90
N HIS D 146 -4.58 58.08 -28.43
CA HIS D 146 -4.88 57.03 -29.41
C HIS D 146 -4.00 57.20 -30.68
N SER D 147 -3.84 58.44 -31.15
CA SER D 147 -3.02 58.67 -32.35
CA SER D 147 -3.01 58.70 -32.33
C SER D 147 -1.57 58.23 -32.10
N ALA D 148 -1.13 58.37 -30.86
CA ALA D 148 0.19 57.95 -30.45
C ALA D 148 0.30 56.42 -30.26
N GLY D 149 -0.80 55.69 -30.34
CA GLY D 149 -0.85 54.19 -30.20
C GLY D 149 -1.05 53.75 -28.76
N ILE D 150 -1.57 54.65 -27.91
CA ILE D 150 -1.79 54.40 -26.49
C ILE D 150 -3.29 54.34 -26.21
N ILE D 151 -3.78 53.16 -25.84
CA ILE D 151 -5.19 52.99 -25.43
C ILE D 151 -5.18 52.86 -23.89
N HIS D 152 -5.79 53.83 -23.21
CA HIS D 152 -5.47 54.09 -21.79
C HIS D 152 -5.96 52.94 -20.87
N ARG D 153 -7.24 52.68 -20.98
CA ARG D 153 -7.96 51.62 -20.25
C ARG D 153 -8.08 51.77 -18.73
N ASP D 154 -7.62 52.85 -18.13
CA ASP D 154 -7.75 53.02 -16.69
C ASP D 154 -8.03 54.48 -16.31
N LEU D 155 -8.83 55.16 -17.13
CA LEU D 155 -9.17 56.56 -16.85
C LEU D 155 -10.09 56.61 -15.64
N LYS D 156 -9.79 57.51 -14.70
CA LYS D 156 -10.60 57.66 -13.50
C LYS D 156 -10.52 59.10 -12.97
N PRO D 157 -11.52 59.53 -12.16
CA PRO D 157 -11.54 60.94 -11.79
C PRO D 157 -10.31 61.39 -10.97
N SER D 158 -9.72 60.46 -10.22
CA SER D 158 -8.56 60.81 -9.39
C SER D 158 -7.30 61.07 -10.23
N ASN D 159 -7.22 60.53 -11.46
CA ASN D 159 -6.07 60.75 -12.36
CA ASN D 159 -6.07 60.75 -12.33
C ASN D 159 -6.38 61.75 -13.47
N ILE D 160 -7.34 62.63 -13.21
CA ILE D 160 -7.68 63.71 -14.13
C ILE D 160 -7.73 64.97 -13.27
N VAL D 161 -6.98 66.00 -13.66
CA VAL D 161 -6.77 67.16 -12.80
C VAL D 161 -7.23 68.41 -13.54
N VAL D 162 -7.65 69.40 -12.78
CA VAL D 162 -8.14 70.67 -13.34
C VAL D 162 -7.59 71.87 -12.62
N LYS D 163 -7.70 73.01 -13.31
CA LYS D 163 -7.30 74.29 -12.80
C LYS D 163 -8.54 75.17 -12.79
N SER D 164 -8.45 76.24 -12.00
CA SER D 164 -9.53 77.23 -11.87
C SER D 164 -9.90 78.00 -13.15
N ASP D 165 -9.20 77.75 -14.26
CA ASP D 165 -9.64 78.26 -15.56
C ASP D 165 -10.45 77.23 -16.34
N CYS D 166 -10.79 76.11 -15.67
CA CYS D 166 -11.35 74.86 -16.25
C CYS D 166 -10.49 74.19 -17.30
N THR D 167 -9.17 74.38 -17.26
CA THR D 167 -8.32 73.56 -18.11
C THR D 167 -8.22 72.20 -17.41
N LEU D 168 -8.03 71.19 -18.21
CA LEU D 168 -8.08 69.79 -17.73
C LEU D 168 -6.89 69.04 -18.29
N LYS D 169 -6.27 68.17 -17.49
CA LYS D 169 -5.16 67.31 -17.95
C LYS D 169 -5.25 65.91 -17.33
N ILE D 170 -4.98 64.93 -18.17
CA ILE D 170 -4.86 63.52 -17.75
C ILE D 170 -3.48 63.27 -17.16
N LEU D 171 -3.42 62.59 -15.99
CA LEU D 171 -2.16 62.43 -15.22
C LEU D 171 -1.28 61.26 -15.62
N ASP D 172 -1.87 60.30 -16.32
CA ASP D 172 -1.22 59.03 -16.57
C ASP D 172 -1.59 58.44 -17.93
N PHE D 173 -0.86 57.38 -18.28
CA PHE D 173 -0.94 56.78 -19.58
C PHE D 173 -1.55 55.42 -19.56
N GLY D 174 -2.18 55.08 -18.44
CA GLY D 174 -3.00 53.90 -18.37
C GLY D 174 -2.25 52.58 -18.29
N LEU D 175 -2.98 51.52 -18.57
CA LEU D 175 -2.53 50.15 -18.30
C LEU D 175 -1.42 49.73 -19.24
N ALA D 176 -0.52 48.92 -18.73
CA ALA D 176 0.46 48.24 -19.55
C ALA D 176 -0.29 47.30 -20.48
N ARG D 177 -0.22 47.59 -21.78
CA ARG D 177 -0.59 46.63 -22.83
C ARG D 177 -0.16 45.19 -22.47
N THR D 178 1.11 45.03 -22.06
CA THR D 178 1.71 43.70 -21.84
C THR D 178 1.42 43.03 -20.48
N ALA D 179 0.84 43.76 -19.53
CA ALA D 179 0.59 43.22 -18.18
C ALA D 179 -0.79 42.57 -18.12
N THR D 191 -8.97 50.68 -7.66
CA THR D 191 -10.24 51.25 -8.07
C THR D 191 -10.66 50.69 -9.44
N ARG D 192 -11.76 49.94 -9.42
CA ARG D 192 -12.27 49.14 -10.57
C ARG D 192 -13.50 49.76 -11.29
N TYR D 193 -14.01 50.85 -10.72
CA TYR D 193 -15.38 51.31 -11.03
C TYR D 193 -15.59 51.81 -12.46
N TYR D 194 -14.49 52.21 -13.12
CA TYR D 194 -14.49 52.82 -14.43
C TYR D 194 -14.04 51.92 -15.55
N ARG D 195 -13.71 50.68 -15.23
CA ARG D 195 -13.23 49.70 -16.23
C ARG D 195 -14.37 49.26 -17.17
N ALA D 196 -14.10 49.18 -18.47
CA ALA D 196 -15.10 48.78 -19.47
C ALA D 196 -15.45 47.30 -19.35
N PRO D 197 -16.68 46.93 -19.82
CA PRO D 197 -17.14 45.54 -19.90
C PRO D 197 -16.14 44.64 -20.61
N GLU D 198 -15.63 45.11 -21.73
CA GLU D 198 -14.79 44.25 -22.55
C GLU D 198 -13.46 43.95 -21.85
N VAL D 199 -13.05 44.80 -20.93
CA VAL D 199 -11.97 44.51 -20.00
C VAL D 199 -12.43 43.58 -18.85
N ILE D 200 -13.55 43.92 -18.19
CA ILE D 200 -14.08 43.07 -17.07
C ILE D 200 -14.34 41.63 -17.53
N LEU D 201 -14.80 41.44 -18.76
CA LEU D 201 -15.16 40.13 -19.30
C LEU D 201 -14.14 39.47 -20.26
N GLY D 202 -12.95 40.05 -20.40
CA GLY D 202 -11.87 39.43 -21.18
C GLY D 202 -12.07 39.32 -22.67
N MET D 203 -12.65 40.35 -23.31
CA MET D 203 -13.13 40.27 -24.71
C MET D 203 -12.18 40.88 -25.80
N GLY D 204 -11.09 41.50 -25.42
CA GLY D 204 -10.28 42.18 -26.45
C GLY D 204 -11.03 43.48 -26.69
N TYR D 205 -10.42 44.44 -27.37
CA TYR D 205 -10.98 45.79 -27.35
C TYR D 205 -10.43 46.56 -28.51
N LYS D 206 -11.09 47.68 -28.81
CA LYS D 206 -10.50 48.65 -29.70
C LYS D 206 -10.53 50.03 -29.04
N GLU D 207 -10.20 51.07 -29.79
CA GLU D 207 -9.97 52.39 -29.18
C GLU D 207 -11.13 52.92 -28.30
N ASN D 208 -12.36 52.59 -28.67
CA ASN D 208 -13.52 53.03 -27.89
C ASN D 208 -13.75 52.39 -26.51
N VAL D 209 -12.91 51.44 -26.12
CA VAL D 209 -12.81 51.00 -24.72
C VAL D 209 -12.69 52.21 -23.76
N ASP D 210 -11.99 53.27 -24.20
CA ASP D 210 -11.82 54.46 -23.36
C ASP D 210 -13.09 55.32 -23.21
N ILE D 211 -13.98 55.28 -24.19
CA ILE D 211 -15.20 55.99 -24.10
C ILE D 211 -16.05 55.50 -22.92
N TRP D 212 -16.01 54.20 -22.60
CA TRP D 212 -16.76 53.76 -21.48
C TRP D 212 -16.39 54.54 -20.22
N SER D 213 -15.09 54.69 -20.01
CA SER D 213 -14.60 55.37 -18.82
C SER D 213 -15.10 56.83 -18.83
N VAL D 214 -15.07 57.47 -20.01
CA VAL D 214 -15.63 58.87 -20.15
C VAL D 214 -17.08 58.89 -19.74
N GLY D 215 -17.85 57.87 -20.17
CA GLY D 215 -19.26 57.72 -19.73
C GLY D 215 -19.43 57.65 -18.22
N CYS D 216 -18.64 56.80 -17.57
CA CYS D 216 -18.76 56.64 -16.12
C CYS D 216 -18.43 57.95 -15.41
N ILE D 217 -17.42 58.66 -15.91
CA ILE D 217 -16.98 59.89 -15.32
C ILE D 217 -18.08 61.00 -15.53
N MET D 218 -18.59 61.10 -16.75
CA MET D 218 -19.65 62.05 -17.04
C MET D 218 -20.88 61.76 -16.21
N GLY D 219 -21.26 60.49 -16.17
CA GLY D 219 -22.47 60.10 -15.44
C GLY D 219 -22.30 60.42 -13.97
N GLU D 220 -21.10 60.23 -13.45
CA GLU D 220 -20.77 60.63 -12.08
C GLU D 220 -20.78 62.19 -11.89
N MET D 221 -20.34 62.97 -12.89
CA MET D 221 -20.41 64.46 -12.81
C MET D 221 -21.86 64.94 -12.70
N VAL D 222 -22.76 64.27 -13.40
CA VAL D 222 -24.19 64.63 -13.40
C VAL D 222 -24.91 64.09 -12.13
N ARG D 223 -24.66 62.83 -11.74
CA ARG D 223 -25.35 62.23 -10.63
C ARG D 223 -24.67 62.54 -9.28
N HIS D 224 -23.41 62.93 -9.32
CA HIS D 224 -22.59 63.25 -8.11
C HIS D 224 -22.32 62.04 -7.21
N LYS D 225 -22.44 60.83 -7.76
CA LYS D 225 -22.12 59.59 -7.09
C LYS D 225 -21.55 58.63 -8.12
N ILE D 226 -20.66 57.75 -7.67
CA ILE D 226 -20.08 56.72 -8.52
C ILE D 226 -21.22 55.87 -9.11
N LEU D 227 -21.22 55.71 -10.43
CA LEU D 227 -22.29 55.00 -11.11
C LEU D 227 -22.24 53.47 -10.78
N PHE D 228 -21.07 52.84 -10.84
CA PHE D 228 -20.93 51.35 -10.65
C PHE D 228 -19.87 51.05 -9.56
N PRO D 229 -20.24 51.25 -8.28
CA PRO D 229 -19.27 51.08 -7.19
C PRO D 229 -19.21 49.62 -6.74
N GLY D 230 -18.75 48.75 -7.65
CA GLY D 230 -18.59 47.31 -7.35
C GLY D 230 -17.51 47.03 -6.31
N ARG D 231 -17.76 46.13 -5.37
CA ARG D 231 -16.72 45.77 -4.38
C ARG D 231 -15.80 44.69 -4.90
N ASP D 232 -16.16 44.07 -6.01
CA ASP D 232 -15.26 43.15 -6.72
C ASP D 232 -15.80 43.03 -8.14
N TYR D 233 -15.14 42.28 -9.03
CA TYR D 233 -15.63 42.29 -10.42
C TYR D 233 -16.98 41.67 -10.62
N ILE D 234 -17.40 40.70 -9.79
CA ILE D 234 -18.75 40.13 -9.89
C ILE D 234 -19.82 41.11 -9.48
N ASP D 235 -19.60 41.76 -8.35
CA ASP D 235 -20.45 42.87 -7.92
C ASP D 235 -20.47 44.01 -8.98
N GLN D 236 -19.33 44.27 -9.62
CA GLN D 236 -19.25 45.36 -10.63
C GLN D 236 -20.16 45.07 -11.85
N TRP D 237 -20.14 43.81 -12.31
CA TRP D 237 -20.93 43.45 -13.46
C TRP D 237 -22.39 43.57 -13.07
N ASN D 238 -22.70 43.28 -11.81
CA ASN D 238 -24.10 43.30 -11.35
C ASN D 238 -24.57 44.75 -11.34
N LYS D 239 -23.72 45.64 -10.86
CA LYS D 239 -24.10 47.09 -10.81
C LYS D 239 -24.31 47.64 -12.21
N VAL D 240 -23.52 47.19 -13.17
CA VAL D 240 -23.66 47.62 -14.58
C VAL D 240 -24.99 47.12 -15.16
N ILE D 241 -25.24 45.83 -15.05
CA ILE D 241 -26.50 45.25 -15.63
C ILE D 241 -27.77 45.71 -14.92
N GLU D 242 -27.68 45.94 -13.60
CA GLU D 242 -28.85 46.45 -12.83
C GLU D 242 -29.26 47.84 -13.25
N GLN D 243 -28.30 48.68 -13.64
CA GLN D 243 -28.57 50.07 -14.10
C GLN D 243 -28.76 50.21 -15.61
N LEU D 244 -28.01 49.47 -16.41
CA LEU D 244 -28.08 49.64 -17.88
C LEU D 244 -28.90 48.59 -18.59
N GLY D 245 -29.25 47.46 -17.88
CA GLY D 245 -29.91 46.28 -18.47
C GLY D 245 -28.96 45.18 -18.89
N THR D 246 -29.45 43.95 -18.84
CA THR D 246 -28.76 42.82 -19.41
C THR D 246 -28.51 43.05 -20.88
N PRO D 247 -27.27 42.83 -21.34
CA PRO D 247 -26.97 43.04 -22.77
C PRO D 247 -27.63 42.00 -23.67
N CYS D 248 -27.73 42.33 -24.95
CA CYS D 248 -28.42 41.51 -25.95
CA CYS D 248 -28.46 41.49 -25.88
C CYS D 248 -27.73 40.16 -26.22
N PRO D 249 -28.47 39.19 -26.79
CA PRO D 249 -27.80 37.92 -27.18
C PRO D 249 -26.54 38.09 -28.05
N GLU D 250 -26.45 39.13 -28.88
CA GLU D 250 -25.24 39.32 -29.70
C GLU D 250 -24.01 39.64 -28.85
N PHE D 251 -24.16 40.48 -27.83
CA PHE D 251 -23.05 40.72 -26.95
C PHE D 251 -22.64 39.35 -26.33
N MET D 252 -23.62 38.57 -25.86
CA MET D 252 -23.36 37.29 -25.14
C MET D 252 -22.55 36.28 -25.98
N LYS D 253 -22.92 36.13 -27.26
CA LYS D 253 -22.13 35.41 -28.25
C LYS D 253 -20.65 35.84 -28.42
N LYS D 254 -20.30 37.06 -28.02
CA LYS D 254 -18.91 37.54 -28.07
C LYS D 254 -18.05 37.21 -26.83
N LEU D 255 -18.61 36.42 -25.90
CA LEU D 255 -17.92 36.07 -24.68
C LEU D 255 -17.36 34.68 -24.87
N GLN D 256 -16.15 34.47 -24.39
CA GLN D 256 -15.55 33.15 -24.36
C GLN D 256 -16.46 32.25 -23.47
N PRO D 257 -16.44 30.93 -23.70
CA PRO D 257 -17.41 30.03 -23.03
C PRO D 257 -17.54 30.16 -21.51
N THR D 258 -16.42 30.21 -20.77
CA THR D 258 -16.53 30.21 -19.27
C THR D 258 -17.18 31.53 -18.77
N VAL D 259 -16.88 32.61 -19.46
CA VAL D 259 -17.49 33.91 -19.16
C VAL D 259 -18.96 33.94 -19.58
N ARG D 260 -19.22 33.58 -20.83
CA ARG D 260 -20.54 33.56 -21.36
C ARG D 260 -21.56 32.74 -20.50
N ASN D 261 -21.17 31.54 -20.06
CA ASN D 261 -22.03 30.72 -19.21
CA ASN D 261 -22.01 30.72 -19.20
C ASN D 261 -22.46 31.51 -17.95
N TYR D 262 -21.50 32.16 -17.30
CA TYR D 262 -21.81 32.94 -16.10
C TYR D 262 -22.78 34.07 -16.41
N VAL D 263 -22.41 34.87 -17.41
CA VAL D 263 -23.16 36.05 -17.76
C VAL D 263 -24.57 35.72 -18.23
N GLU D 264 -24.72 34.64 -19.00
CA GLU D 264 -26.03 34.22 -19.44
C GLU D 264 -26.89 33.66 -18.31
N ASN D 265 -26.23 33.13 -17.27
CA ASN D 265 -26.92 32.55 -16.15
C ASN D 265 -27.45 33.61 -15.18
N ARG D 266 -27.05 34.89 -15.34
CA ARG D 266 -27.50 35.95 -14.44
C ARG D 266 -29.01 36.18 -14.64
N PRO D 267 -29.72 36.56 -13.57
CA PRO D 267 -31.12 37.04 -13.71
C PRO D 267 -31.14 38.17 -14.73
N LYS D 268 -32.23 38.32 -15.49
CA LYS D 268 -32.27 39.42 -16.48
C LYS D 268 -32.73 40.70 -15.81
N TYR D 269 -32.13 41.80 -16.28
CA TYR D 269 -32.44 43.11 -15.76
C TYR D 269 -32.85 43.98 -16.95
N ALA D 270 -33.84 44.84 -16.67
CA ALA D 270 -34.28 45.86 -17.62
C ALA D 270 -33.37 47.06 -17.64
N GLY D 271 -32.81 47.41 -16.49
CA GLY D 271 -32.05 48.62 -16.34
C GLY D 271 -33.03 49.77 -16.17
N LEU D 272 -32.48 50.96 -16.16
CA LEU D 272 -33.29 52.17 -16.14
C LEU D 272 -33.00 52.91 -17.41
N THR D 273 -33.97 53.66 -17.88
CA THR D 273 -33.81 54.49 -19.05
C THR D 273 -32.84 55.64 -18.69
N PHE D 274 -32.26 56.24 -19.71
CA PHE D 274 -31.42 57.42 -19.51
C PHE D 274 -32.20 58.66 -18.99
N PRO D 275 -33.44 58.87 -19.46
CA PRO D 275 -34.29 59.90 -18.74
C PRO D 275 -34.46 59.64 -17.23
N LYS D 276 -34.54 58.35 -16.78
CA LYS D 276 -34.62 58.06 -15.35
C LYS D 276 -33.27 58.15 -14.61
N LEU D 277 -32.20 57.75 -15.28
CA LEU D 277 -30.84 57.85 -14.72
C LEU D 277 -30.36 59.27 -14.67
N PHE D 278 -30.69 60.05 -15.71
CA PHE D 278 -30.19 61.42 -15.87
C PHE D 278 -31.31 62.42 -16.19
N PRO D 279 -32.24 62.59 -15.24
CA PRO D 279 -33.37 63.49 -15.50
C PRO D 279 -32.91 64.94 -15.52
N ASP D 280 -33.76 65.77 -16.10
CA ASP D 280 -33.52 67.23 -16.18
C ASP D 280 -33.22 67.90 -14.83
N SER D 281 -33.76 67.34 -13.75
CA SER D 281 -33.50 67.88 -12.41
C SER D 281 -31.99 67.86 -12.04
N LEU D 282 -31.17 67.11 -12.79
CA LEU D 282 -29.72 67.04 -12.53
C LEU D 282 -28.90 68.01 -13.38
N PHE D 283 -29.58 68.82 -14.18
CA PHE D 283 -28.95 69.69 -15.18
C PHE D 283 -29.58 71.08 -15.04
N PRO D 284 -28.84 72.10 -15.45
CA PRO D 284 -29.54 73.36 -15.77
C PRO D 284 -30.60 73.09 -16.86
N ALA D 285 -31.85 73.43 -16.60
CA ALA D 285 -32.95 73.07 -17.51
C ALA D 285 -34.07 74.07 -17.38
N ASP D 286 -33.71 75.34 -17.21
CA ASP D 286 -34.67 76.43 -16.94
C ASP D 286 -35.10 77.17 -18.21
N SER D 287 -34.18 77.37 -19.13
CA SER D 287 -34.42 78.03 -20.42
C SER D 287 -34.58 76.99 -21.54
N GLU D 288 -35.21 77.37 -22.65
CA GLU D 288 -35.25 76.52 -23.85
C GLU D 288 -33.84 76.01 -24.17
N HIS D 289 -32.86 76.90 -24.20
CA HIS D 289 -31.48 76.48 -24.47
C HIS D 289 -30.94 75.45 -23.47
N ASN D 290 -31.14 75.67 -22.17
CA ASN D 290 -30.61 74.76 -21.16
C ASN D 290 -31.33 73.40 -21.20
N LYS D 291 -32.63 73.40 -21.54
CA LYS D 291 -33.35 72.12 -21.68
C LYS D 291 -32.86 71.36 -22.90
N LEU D 292 -32.54 72.09 -23.97
CA LEU D 292 -31.96 71.45 -25.14
C LEU D 292 -30.61 70.80 -24.79
N LYS D 293 -29.77 71.58 -24.12
CA LYS D 293 -28.48 71.08 -23.72
C LYS D 293 -28.58 69.84 -22.79
N ALA D 294 -29.55 69.82 -21.87
CA ALA D 294 -29.76 68.62 -21.03
C ALA D 294 -30.10 67.39 -21.88
N SER D 295 -30.91 67.58 -22.92
CA SER D 295 -31.26 66.52 -23.85
CA SER D 295 -31.25 66.49 -23.82
C SER D 295 -30.04 66.01 -24.59
N GLN D 296 -29.18 66.94 -25.01
CA GLN D 296 -27.95 66.55 -25.69
C GLN D 296 -27.02 65.81 -24.77
N ALA D 297 -26.92 66.24 -23.52
CA ALA D 297 -26.02 65.61 -22.54
C ALA D 297 -26.46 64.15 -22.29
N ARG D 298 -27.76 64.00 -22.03
CA ARG D 298 -28.38 62.69 -21.87
C ARG D 298 -28.13 61.77 -23.09
N ASP D 299 -28.34 62.32 -24.28
CA ASP D 299 -28.11 61.57 -25.50
C ASP D 299 -26.61 61.13 -25.64
N LEU D 300 -25.67 62.00 -25.28
CA LEU D 300 -24.25 61.59 -25.30
C LEU D 300 -23.97 60.46 -24.29
N LEU D 301 -24.50 60.62 -23.08
CA LEU D 301 -24.42 59.54 -22.07
C LEU D 301 -24.99 58.23 -22.61
N SER D 302 -26.12 58.32 -23.33
CA SER D 302 -26.75 57.11 -23.87
C SER D 302 -25.85 56.41 -24.93
N LYS D 303 -24.86 57.12 -25.47
CA LYS D 303 -23.95 56.56 -26.52
C LYS D 303 -22.57 56.21 -26.03
N MET D 304 -22.20 56.66 -24.85
CA MET D 304 -20.94 56.29 -24.22
C MET D 304 -21.12 55.11 -23.22
N LEU D 305 -22.21 55.19 -22.46
CA LEU D 305 -22.52 54.18 -21.41
C LEU D 305 -23.27 53.05 -22.04
N VAL D 306 -22.53 52.36 -22.91
CA VAL D 306 -23.09 51.30 -23.75
C VAL D 306 -22.20 50.08 -23.53
N ILE D 307 -22.83 49.01 -23.05
CA ILE D 307 -22.09 47.78 -22.72
C ILE D 307 -21.40 47.21 -23.93
N ASP D 308 -22.08 47.20 -25.07
CA ASP D 308 -21.54 46.55 -26.24
C ASP D 308 -20.65 47.51 -26.98
N PRO D 309 -19.33 47.20 -27.07
CA PRO D 309 -18.49 48.19 -27.77
C PRO D 309 -18.78 48.36 -29.27
N ALA D 310 -19.49 47.43 -29.89
CA ALA D 310 -19.85 47.59 -31.34
C ALA D 310 -20.95 48.67 -31.52
N LYS D 311 -21.65 48.97 -30.42
CA LYS D 311 -22.72 50.02 -30.42
C LYS D 311 -22.26 51.31 -29.74
N ARG D 312 -21.05 51.31 -29.16
CA ARG D 312 -20.56 52.44 -28.40
C ARG D 312 -19.89 53.45 -29.31
N ILE D 313 -20.23 54.72 -29.11
CA ILE D 313 -19.69 55.81 -29.91
C ILE D 313 -18.14 55.82 -29.84
N SER D 314 -17.55 56.19 -30.93
CA SER D 314 -16.07 56.41 -30.99
C SER D 314 -15.63 57.78 -30.45
N VAL D 315 -14.35 57.92 -30.19
CA VAL D 315 -13.81 59.23 -29.82
C VAL D 315 -14.09 60.28 -30.90
N ASP D 316 -13.78 59.95 -32.15
CA ASP D 316 -13.96 60.95 -33.21
C ASP D 316 -15.43 61.43 -33.32
N ASP D 317 -16.37 60.50 -33.17
CA ASP D 317 -17.79 60.86 -33.17
C ASP D 317 -18.22 61.57 -31.92
N ALA D 318 -17.65 61.27 -30.75
CA ALA D 318 -17.98 62.01 -29.55
C ALA D 318 -17.58 63.50 -29.71
N LEU D 319 -16.44 63.78 -30.37
CA LEU D 319 -16.00 65.15 -30.62
C LEU D 319 -16.94 65.91 -31.59
N GLN D 320 -17.65 65.17 -32.43
CA GLN D 320 -18.60 65.76 -33.36
C GLN D 320 -20.05 65.79 -32.80
N HIS D 321 -20.27 65.32 -31.57
CA HIS D 321 -21.61 65.21 -30.99
C HIS D 321 -22.06 66.64 -30.63
N PRO D 322 -23.39 66.95 -30.82
CA PRO D 322 -23.86 68.31 -30.48
C PRO D 322 -23.51 68.90 -29.11
N TYR D 323 -23.43 68.09 -28.06
CA TYR D 323 -23.02 68.56 -26.73
C TYR D 323 -21.56 69.06 -26.71
N ILE D 324 -20.71 68.53 -27.59
CA ILE D 324 -19.27 68.73 -27.56
C ILE D 324 -18.73 69.66 -28.70
N ASN D 325 -19.35 69.61 -29.89
CA ASN D 325 -18.70 70.07 -31.11
CA ASN D 325 -18.71 70.08 -31.11
C ASN D 325 -18.53 71.61 -31.15
N VAL D 326 -19.27 72.31 -30.31
CA VAL D 326 -19.14 73.78 -30.19
C VAL D 326 -17.69 74.21 -29.89
N TRP D 327 -16.95 73.33 -29.18
CA TRP D 327 -15.57 73.58 -28.81
C TRP D 327 -14.55 73.08 -29.83
N TYR D 328 -15.02 72.41 -30.90
CA TYR D 328 -14.15 71.73 -31.83
C TYR D 328 -13.24 72.76 -32.51
N ASP D 329 -11.94 72.48 -32.52
CA ASP D 329 -10.95 73.35 -33.12
C ASP D 329 -9.89 72.50 -33.85
N PRO D 330 -9.76 72.63 -35.20
CA PRO D 330 -8.78 71.87 -36.00
C PRO D 330 -7.40 71.68 -35.37
N ALA D 331 -6.83 72.71 -34.76
CA ALA D 331 -5.46 72.64 -34.22
C ALA D 331 -5.29 71.82 -32.94
N GLU D 332 -6.37 71.52 -32.21
CA GLU D 332 -6.30 70.71 -30.94
C GLU D 332 -6.55 69.18 -31.15
N VAL D 333 -6.96 68.84 -32.37
CA VAL D 333 -7.43 67.49 -32.78
C VAL D 333 -6.85 67.02 -34.15
N GLU D 334 -6.88 67.88 -35.19
CA GLU D 334 -6.43 67.49 -36.55
C GLU D 334 -4.88 67.56 -36.81
N ALA D 335 -4.08 67.55 -35.74
CA ALA D 335 -2.61 67.56 -35.84
C ALA D 335 -2.00 66.28 -35.20
N PRO D 336 -2.22 65.11 -35.84
CA PRO D 336 -1.83 63.84 -35.20
C PRO D 336 -0.33 63.55 -35.24
N PRO D 337 0.28 63.21 -34.08
CA PRO D 337 1.63 62.62 -34.10
C PRO D 337 1.61 61.20 -34.66
N PRO D 338 2.80 60.62 -34.94
CA PRO D 338 2.82 59.23 -35.40
C PRO D 338 2.66 58.27 -34.20
N GLN D 339 2.48 56.97 -34.48
CA GLN D 339 2.61 55.94 -33.43
C GLN D 339 4.02 55.96 -32.83
N ILE D 340 4.15 55.43 -31.61
CA ILE D 340 5.44 55.38 -30.90
C ILE D 340 6.22 54.13 -31.34
N GLU D 349 12.38 37.84 -19.03
CA GLU D 349 12.85 38.30 -17.73
C GLU D 349 14.14 39.12 -17.88
N HIS D 350 14.15 40.32 -17.33
CA HIS D 350 15.39 41.11 -17.14
C HIS D 350 15.62 41.42 -15.66
N THR D 351 16.88 41.57 -15.29
CA THR D 351 17.29 41.71 -13.89
C THR D 351 17.00 43.09 -13.26
N ILE D 352 17.03 43.13 -11.94
CA ILE D 352 16.95 44.37 -11.16
C ILE D 352 18.06 45.35 -11.59
N GLU D 353 19.28 44.85 -11.80
CA GLU D 353 20.36 45.76 -12.21
C GLU D 353 20.12 46.32 -13.61
N GLU D 354 19.66 45.46 -14.53
CA GLU D 354 19.31 45.87 -15.92
C GLU D 354 18.20 46.93 -15.96
N TRP D 355 17.14 46.72 -15.17
CA TRP D 355 16.08 47.73 -14.97
C TRP D 355 16.56 49.03 -14.32
N LYS D 356 17.37 48.91 -13.27
CA LYS D 356 17.94 50.06 -12.57
C LYS D 356 18.79 50.96 -13.52
N GLU D 357 19.60 50.32 -14.37
CA GLU D 357 20.44 51.07 -15.34
C GLU D 357 19.61 51.74 -16.42
N LEU D 358 18.59 51.03 -16.92
CA LEU D 358 17.70 51.56 -17.95
C LEU D 358 16.96 52.80 -17.46
N ILE D 359 16.44 52.74 -16.24
CA ILE D 359 15.76 53.89 -15.63
C ILE D 359 16.79 55.00 -15.32
N TYR D 360 17.92 54.66 -14.71
CA TYR D 360 18.98 55.65 -14.40
C TYR D 360 19.41 56.47 -15.63
N LYS D 361 19.72 55.78 -16.71
CA LYS D 361 20.22 56.42 -17.93
C LYS D 361 19.13 57.30 -18.53
N GLU D 362 17.90 56.81 -18.50
CA GLU D 362 16.78 57.60 -18.92
C GLU D 362 16.57 58.87 -18.08
N VAL D 363 16.82 58.80 -16.77
CA VAL D 363 16.75 59.99 -15.91
C VAL D 363 17.89 60.95 -16.26
N MET D 364 19.08 60.41 -16.50
CA MET D 364 20.27 61.23 -16.80
C MET D 364 20.37 61.72 -18.28
N ASN D 365 19.46 61.24 -19.14
CA ASN D 365 19.69 61.20 -20.59
C ASN D 365 21.07 60.57 -20.96
#